data_2DN8
#
_entry.id   2DN8
#
_entity_poly.entity_id   1
_entity_poly.type   'polypeptide(L)'
_entity_poly.pdbx_seq_one_letter_code
;GSSGSSGTCVFEKENDPTVLRSPSAGKLTQYTVEDGGHVEAGSSYAEMEVMKMIMTLNVQERGRVKYIKRPGAVLEAGCV
VARLELDDPSKVHPSGPSSG
;
_entity_poly.pdbx_strand_id   A
#
# COMPACT_ATOMS: atom_id res chain seq x y z
N GLY A 1 20.14 29.03 7.33
CA GLY A 1 19.99 27.72 6.72
C GLY A 1 18.62 27.57 6.06
N SER A 2 18.62 27.64 4.74
CA SER A 2 17.39 27.51 3.97
C SER A 2 17.70 27.50 2.48
N SER A 3 17.65 26.30 1.91
CA SER A 3 17.92 26.15 0.49
C SER A 3 16.78 26.76 -0.33
N GLY A 4 15.59 26.24 -0.10
CA GLY A 4 14.41 26.72 -0.81
C GLY A 4 13.70 25.57 -1.54
N SER A 5 12.39 25.71 -1.67
CA SER A 5 11.59 24.70 -2.33
C SER A 5 10.15 25.21 -2.51
N SER A 6 9.46 24.61 -3.48
CA SER A 6 8.09 24.99 -3.75
C SER A 6 7.42 23.93 -4.62
N GLY A 7 6.10 23.98 -4.66
CA GLY A 7 5.33 23.03 -5.44
C GLY A 7 3.86 23.43 -5.52
N THR A 8 3.07 22.58 -6.15
CA THR A 8 1.64 22.85 -6.30
C THR A 8 0.85 22.04 -5.26
N CYS A 9 -0.37 22.51 -5.02
CA CYS A 9 -1.24 21.85 -4.06
C CYS A 9 -2.54 21.45 -4.77
N VAL A 10 -2.50 20.28 -5.40
CA VAL A 10 -3.66 19.78 -6.11
C VAL A 10 -4.21 18.56 -5.39
N PHE A 11 -5.53 18.44 -5.40
CA PHE A 11 -6.19 17.33 -4.75
C PHE A 11 -6.80 16.38 -5.78
N GLU A 12 -6.72 15.10 -5.47
CA GLU A 12 -7.26 14.08 -6.36
C GLU A 12 -7.90 12.95 -5.54
N LYS A 13 -9.18 12.72 -5.80
CA LYS A 13 -9.91 11.67 -5.10
C LYS A 13 -9.78 10.37 -5.88
N GLU A 14 -8.81 9.57 -5.47
CA GLU A 14 -8.57 8.28 -6.12
C GLU A 14 -7.53 7.48 -5.34
N ASN A 15 -8.04 6.69 -4.39
CA ASN A 15 -7.18 5.86 -3.56
C ASN A 15 -7.96 4.66 -3.04
N ASP A 16 -7.79 3.53 -3.70
CA ASP A 16 -8.48 2.32 -3.31
C ASP A 16 -7.96 1.86 -1.95
N PRO A 17 -8.83 1.09 -1.22
CA PRO A 17 -8.47 0.58 0.08
C PRO A 17 -7.48 -0.57 -0.02
N THR A 18 -7.24 -0.99 -1.27
CA THR A 18 -6.32 -2.09 -1.51
C THR A 18 -5.11 -1.60 -2.31
N VAL A 19 -4.69 -0.37 -1.99
CA VAL A 19 -3.55 0.22 -2.66
C VAL A 19 -2.66 0.92 -1.62
N LEU A 20 -1.36 0.84 -1.86
CA LEU A 20 -0.40 1.46 -0.96
C LEU A 20 0.36 2.55 -1.71
N ARG A 21 -0.20 3.75 -1.69
CA ARG A 21 0.42 4.88 -2.36
C ARG A 21 1.49 5.49 -1.48
N SER A 22 2.33 6.32 -2.11
CA SER A 22 3.40 6.98 -1.38
C SER A 22 2.88 8.25 -0.71
N PRO A 23 3.03 8.28 0.65
CA PRO A 23 2.58 9.43 1.41
C PRO A 23 3.54 10.61 1.26
N SER A 24 4.74 10.29 0.79
CA SER A 24 5.75 11.31 0.59
C SER A 24 6.81 10.81 -0.40
N ALA A 25 7.40 11.76 -1.13
CA ALA A 25 8.41 11.42 -2.11
C ALA A 25 9.55 10.67 -1.41
N GLY A 26 10.47 10.19 -2.23
CA GLY A 26 11.61 9.44 -1.71
C GLY A 26 12.32 8.67 -2.83
N LYS A 27 12.63 7.42 -2.53
CA LYS A 27 13.30 6.56 -3.49
C LYS A 27 13.19 5.11 -3.04
N LEU A 28 12.38 4.35 -3.76
CA LEU A 28 12.18 2.94 -3.45
C LEU A 28 13.54 2.23 -3.42
N THR A 29 13.70 1.38 -2.41
CA THR A 29 14.93 0.63 -2.26
C THR A 29 14.67 -0.87 -2.37
N GLN A 30 13.94 -1.38 -1.39
CA GLN A 30 13.62 -2.80 -1.37
C GLN A 30 12.44 -3.06 -0.44
N TYR A 31 12.10 -4.33 -0.30
CA TYR A 31 11.00 -4.72 0.56
C TYR A 31 11.50 -5.55 1.75
N THR A 32 10.61 -5.71 2.73
CA THR A 32 10.94 -6.47 3.92
C THR A 32 10.10 -7.75 3.99
N VAL A 33 9.34 -7.98 2.93
CA VAL A 33 8.48 -9.15 2.86
C VAL A 33 8.59 -9.77 1.46
N GLU A 34 8.33 -11.06 1.41
CA GLU A 34 8.38 -11.79 0.15
C GLU A 34 7.13 -11.51 -0.67
N ASP A 35 7.10 -12.11 -1.86
CA ASP A 35 5.95 -11.94 -2.75
C ASP A 35 4.66 -12.18 -1.97
N GLY A 36 3.68 -11.32 -2.24
CA GLY A 36 2.39 -11.43 -1.57
C GLY A 36 2.57 -11.74 -0.09
N GLY A 37 3.60 -11.13 0.49
CA GLY A 37 3.89 -11.33 1.90
C GLY A 37 2.76 -10.79 2.77
N HIS A 38 2.41 -11.57 3.78
CA HIS A 38 1.35 -11.19 4.69
C HIS A 38 1.95 -10.55 5.95
N VAL A 39 1.34 -9.46 6.37
CA VAL A 39 1.82 -8.76 7.55
C VAL A 39 0.61 -8.23 8.34
N GLU A 40 0.92 -7.51 9.42
CA GLU A 40 -0.12 -6.95 10.25
C GLU A 40 -0.28 -5.45 9.98
N ALA A 41 -1.46 -4.95 10.29
CA ALA A 41 -1.76 -3.54 10.09
C ALA A 41 -0.83 -2.69 10.97
N GLY A 42 0.24 -2.21 10.36
CA GLY A 42 1.20 -1.39 11.08
C GLY A 42 2.64 -1.86 10.81
N SER A 43 2.76 -3.14 10.50
CA SER A 43 4.06 -3.73 10.21
C SER A 43 4.65 -3.09 8.95
N SER A 44 5.96 -3.23 8.82
CA SER A 44 6.66 -2.67 7.68
C SER A 44 6.76 -3.72 6.57
N TYR A 45 6.44 -3.29 5.36
CA TYR A 45 6.50 -4.18 4.21
C TYR A 45 7.56 -3.71 3.21
N ALA A 46 7.96 -2.47 3.36
CA ALA A 46 8.97 -1.89 2.48
C ALA A 46 9.53 -0.62 3.13
N GLU A 47 10.48 -0.01 2.43
CA GLU A 47 11.11 1.20 2.92
C GLU A 47 11.32 2.19 1.77
N MET A 48 11.91 3.32 2.10
CA MET A 48 12.17 4.36 1.11
C MET A 48 13.19 5.37 1.63
N GLU A 49 13.70 6.17 0.71
CA GLU A 49 14.68 7.18 1.06
C GLU A 49 14.20 8.56 0.61
N VAL A 50 14.01 9.43 1.59
CA VAL A 50 13.54 10.78 1.31
C VAL A 50 14.34 11.78 2.16
N MET A 51 14.61 12.93 1.57
CA MET A 51 15.36 13.97 2.25
C MET A 51 16.64 13.40 2.86
N LYS A 52 17.26 12.49 2.12
CA LYS A 52 18.49 11.86 2.57
C LYS A 52 18.22 11.07 3.85
N MET A 53 16.98 10.62 3.99
CA MET A 53 16.58 9.85 5.15
C MET A 53 15.81 8.60 4.75
N ILE A 54 16.11 7.51 5.44
CA ILE A 54 15.44 6.24 5.16
C ILE A 54 14.23 6.10 6.08
N MET A 55 13.07 6.00 5.46
CA MET A 55 11.83 5.86 6.20
C MET A 55 11.17 4.50 5.91
N THR A 56 10.61 3.91 6.96
CA THR A 56 9.96 2.63 6.83
C THR A 56 8.54 2.81 6.27
N LEU A 57 8.08 1.79 5.57
CA LEU A 57 6.75 1.82 4.98
C LEU A 57 5.90 0.72 5.61
N ASN A 58 4.81 1.15 6.25
CA ASN A 58 3.91 0.21 6.90
C ASN A 58 2.60 0.15 6.10
N VAL A 59 1.83 -0.91 6.36
CA VAL A 59 0.57 -1.10 5.68
C VAL A 59 -0.54 -0.41 6.47
N GLN A 60 -1.45 0.22 5.74
CA GLN A 60 -2.56 0.92 6.36
C GLN A 60 -3.56 -0.09 6.94
N GLU A 61 -3.57 -1.27 6.34
CA GLU A 61 -4.47 -2.32 6.78
C GLU A 61 -3.89 -3.69 6.44
N ARG A 62 -3.79 -4.52 7.48
CA ARG A 62 -3.25 -5.86 7.31
C ARG A 62 -3.67 -6.44 5.96
N GLY A 63 -2.85 -7.34 5.45
CA GLY A 63 -3.13 -7.97 4.18
C GLY A 63 -1.87 -8.63 3.60
N ARG A 64 -1.73 -8.53 2.28
CA ARG A 64 -0.59 -9.11 1.60
C ARG A 64 0.08 -8.05 0.72
N VAL A 65 1.33 -7.77 1.04
CA VAL A 65 2.10 -6.79 0.27
C VAL A 65 2.74 -7.47 -0.93
N LYS A 66 2.74 -6.76 -2.05
CA LYS A 66 3.32 -7.28 -3.27
C LYS A 66 4.01 -6.15 -4.04
N TYR A 67 5.18 -6.45 -4.56
CA TYR A 67 5.94 -5.48 -5.32
C TYR A 67 5.44 -5.39 -6.77
N ILE A 68 5.12 -4.16 -7.17
CA ILE A 68 4.63 -3.93 -8.52
C ILE A 68 5.68 -3.11 -9.30
N LYS A 69 6.13 -2.04 -8.68
CA LYS A 69 7.12 -1.18 -9.29
C LYS A 69 8.52 -1.74 -9.02
N ARG A 70 9.33 -1.76 -10.08
CA ARG A 70 10.68 -2.26 -9.97
C ARG A 70 11.42 -1.55 -8.85
N PRO A 71 12.37 -2.31 -8.21
CA PRO A 71 13.15 -1.75 -7.12
C PRO A 71 14.22 -0.79 -7.63
N GLY A 72 14.12 0.45 -7.19
CA GLY A 72 15.06 1.47 -7.60
C GLY A 72 14.38 2.56 -8.42
N ALA A 73 13.09 2.71 -8.17
CA ALA A 73 12.30 3.71 -8.88
C ALA A 73 12.33 5.03 -8.11
N VAL A 74 11.71 6.04 -8.69
CA VAL A 74 11.65 7.36 -8.06
C VAL A 74 10.35 7.49 -7.30
N LEU A 75 10.48 7.54 -5.97
CA LEU A 75 9.31 7.67 -5.11
C LEU A 75 8.87 9.13 -5.07
N GLU A 76 7.61 9.35 -5.39
CA GLU A 76 7.05 10.69 -5.39
C GLU A 76 5.77 10.73 -4.57
N ALA A 77 5.42 11.94 -4.12
CA ALA A 77 4.23 12.13 -3.32
C ALA A 77 3.00 11.72 -4.13
N GLY A 78 2.10 11.00 -3.47
CA GLY A 78 0.89 10.53 -4.11
C GLY A 78 1.22 9.72 -5.37
N CYS A 79 1.92 8.62 -5.15
CA CYS A 79 2.31 7.74 -6.25
C CYS A 79 1.97 6.30 -5.86
N VAL A 80 2.15 5.41 -6.82
CA VAL A 80 1.88 4.00 -6.59
C VAL A 80 3.18 3.27 -6.30
N VAL A 81 3.11 2.33 -5.38
CA VAL A 81 4.28 1.54 -5.00
C VAL A 81 3.93 0.06 -5.03
N ALA A 82 2.93 -0.30 -4.23
CA ALA A 82 2.49 -1.68 -4.17
C ALA A 82 1.01 -1.72 -3.76
N ARG A 83 0.37 -2.84 -4.07
CA ARG A 83 -1.03 -3.02 -3.75
C ARG A 83 -1.19 -4.01 -2.60
N LEU A 84 -2.30 -3.86 -1.87
CA LEU A 84 -2.58 -4.74 -0.75
C LEU A 84 -3.74 -5.67 -1.12
N GLU A 85 -3.64 -6.89 -0.62
CA GLU A 85 -4.68 -7.88 -0.89
C GLU A 85 -5.29 -8.38 0.42
N LEU A 86 -6.48 -7.89 0.72
CA LEU A 86 -7.17 -8.27 1.93
C LEU A 86 -7.32 -9.80 1.96
N ASP A 87 -6.82 -10.38 3.04
CA ASP A 87 -6.89 -11.82 3.21
C ASP A 87 -8.15 -12.18 4.01
N ASP A 88 -8.80 -11.14 4.52
CA ASP A 88 -10.02 -11.33 5.29
C ASP A 88 -11.01 -10.21 4.97
N PRO A 89 -11.50 -10.24 3.70
CA PRO A 89 -12.45 -9.23 3.25
C PRO A 89 -13.83 -9.49 3.84
N SER A 90 -14.06 -10.73 4.23
CA SER A 90 -15.34 -11.12 4.80
C SER A 90 -15.32 -12.61 5.16
N LYS A 91 -15.83 -12.91 6.35
CA LYS A 91 -15.88 -14.28 6.82
C LYS A 91 -16.74 -14.35 8.09
N VAL A 92 -18.04 -14.38 7.86
CA VAL A 92 -18.99 -14.46 8.97
C VAL A 92 -18.84 -15.80 9.68
N HIS A 93 -18.41 -15.72 10.93
CA HIS A 93 -18.21 -16.92 11.73
C HIS A 93 -19.56 -17.40 12.29
N PRO A 94 -19.64 -18.73 12.55
CA PRO A 94 -20.85 -19.31 13.07
C PRO A 94 -21.03 -18.97 14.56
N SER A 95 -21.45 -17.75 14.81
CA SER A 95 -21.67 -17.29 16.17
C SER A 95 -22.14 -15.83 16.17
N GLY A 96 -23.30 -15.62 16.77
CA GLY A 96 -23.88 -14.29 16.84
C GLY A 96 -23.46 -13.58 18.12
N PRO A 97 -24.18 -12.47 18.43
CA PRO A 97 -23.90 -11.69 19.62
C PRO A 97 -24.40 -12.40 20.88
N SER A 98 -23.72 -12.14 21.98
CA SER A 98 -24.09 -12.75 23.25
C SER A 98 -23.94 -11.73 24.39
N SER A 99 -24.75 -11.92 25.41
CA SER A 99 -24.72 -11.03 26.56
C SER A 99 -23.27 -10.69 26.92
N GLY A 100 -23.09 -9.49 27.44
CA GLY A 100 -21.76 -9.03 27.84
C GLY A 100 -21.76 -8.54 29.29
N GLY A 1 19.12 10.98 -18.61
CA GLY A 1 18.15 11.60 -19.49
C GLY A 1 16.95 12.15 -18.71
N SER A 2 16.15 12.95 -19.38
CA SER A 2 14.97 13.54 -18.76
C SER A 2 13.72 13.09 -19.50
N SER A 3 12.59 13.27 -18.83
CA SER A 3 11.30 12.88 -19.40
C SER A 3 10.35 14.07 -19.39
N GLY A 4 9.50 14.11 -20.41
CA GLY A 4 8.53 15.18 -20.53
C GLY A 4 7.54 15.16 -19.37
N SER A 5 6.34 15.69 -19.63
CA SER A 5 5.30 15.73 -18.62
C SER A 5 3.95 16.01 -19.27
N SER A 6 2.95 15.26 -18.85
CA SER A 6 1.60 15.42 -19.38
C SER A 6 0.61 14.59 -18.56
N GLY A 7 -0.51 15.20 -18.26
CA GLY A 7 -1.55 14.53 -17.49
C GLY A 7 -2.49 13.74 -18.40
N THR A 8 -2.76 12.51 -18.00
CA THR A 8 -3.65 11.65 -18.76
C THR A 8 -5.03 11.59 -18.12
N CYS A 9 -6.04 11.86 -18.94
CA CYS A 9 -7.41 11.84 -18.46
C CYS A 9 -7.46 12.56 -17.11
N VAL A 10 -7.50 13.88 -17.18
CA VAL A 10 -7.55 14.70 -15.98
C VAL A 10 -8.89 14.47 -15.28
N PHE A 11 -8.85 14.62 -13.96
CA PHE A 11 -10.05 14.45 -13.16
C PHE A 11 -10.55 13.00 -13.23
N GLU A 12 -10.13 12.21 -12.25
CA GLU A 12 -10.51 10.81 -12.20
C GLU A 12 -10.60 10.34 -10.74
N LYS A 13 -11.27 9.21 -10.56
CA LYS A 13 -11.43 8.65 -9.23
C LYS A 13 -10.40 7.53 -9.03
N GLU A 14 -9.18 7.94 -8.72
CA GLU A 14 -8.11 6.98 -8.50
C GLU A 14 -7.82 6.84 -7.00
N ASN A 15 -8.57 5.95 -6.36
CA ASN A 15 -8.40 5.71 -4.94
C ASN A 15 -8.96 4.33 -4.59
N ASP A 16 -8.12 3.32 -4.77
CA ASP A 16 -8.51 1.96 -4.47
C ASP A 16 -8.13 1.62 -3.03
N PRO A 17 -8.97 0.75 -2.41
CA PRO A 17 -8.74 0.35 -1.03
C PRO A 17 -7.59 -0.66 -0.96
N THR A 18 -7.30 -1.27 -2.09
CA THR A 18 -6.23 -2.26 -2.17
C THR A 18 -5.02 -1.68 -2.93
N VAL A 19 -4.61 -0.49 -2.51
CA VAL A 19 -3.48 0.17 -3.12
C VAL A 19 -2.56 0.73 -2.04
N LEU A 20 -1.26 0.51 -2.24
CA LEU A 20 -0.27 0.99 -1.29
C LEU A 20 0.41 2.24 -1.85
N ARG A 21 -0.22 3.38 -1.59
CA ARG A 21 0.30 4.65 -2.06
C ARG A 21 1.34 5.19 -1.06
N SER A 22 2.24 6.00 -1.58
CA SER A 22 3.29 6.59 -0.76
C SER A 22 2.76 7.87 -0.09
N PRO A 23 3.09 8.00 1.23
CA PRO A 23 2.66 9.16 1.99
C PRO A 23 3.47 10.40 1.63
N SER A 24 4.61 10.15 0.98
CA SER A 24 5.49 11.23 0.57
C SER A 24 6.54 10.71 -0.40
N ALA A 25 7.04 11.59 -1.24
CA ALA A 25 8.05 11.24 -2.22
C ALA A 25 9.24 10.62 -1.49
N GLY A 26 10.18 10.10 -2.29
CA GLY A 26 11.37 9.48 -1.73
C GLY A 26 12.11 8.67 -2.80
N LYS A 27 12.55 7.49 -2.39
CA LYS A 27 13.28 6.61 -3.29
C LYS A 27 13.17 5.17 -2.78
N LEU A 28 12.49 4.35 -3.56
CA LEU A 28 12.31 2.95 -3.19
C LEU A 28 13.68 2.28 -3.07
N THR A 29 13.73 1.25 -2.24
CA THR A 29 14.97 0.52 -2.03
C THR A 29 14.75 -0.98 -2.25
N GLN A 30 13.89 -1.54 -1.42
CA GLN A 30 13.58 -2.97 -1.50
C GLN A 30 12.36 -3.30 -0.64
N TYR A 31 11.97 -4.56 -0.70
CA TYR A 31 10.82 -5.02 0.07
C TYR A 31 11.27 -5.89 1.24
N THR A 32 10.63 -5.68 2.38
CA THR A 32 10.95 -6.44 3.57
C THR A 32 10.18 -7.76 3.59
N VAL A 33 9.23 -7.87 2.67
CA VAL A 33 8.43 -9.08 2.56
C VAL A 33 8.65 -9.71 1.19
N GLU A 34 8.22 -10.96 1.08
CA GLU A 34 8.36 -11.70 -0.17
C GLU A 34 7.04 -11.70 -0.94
N ASP A 35 7.06 -12.33 -2.10
CA ASP A 35 5.88 -12.42 -2.93
C ASP A 35 4.71 -12.90 -2.08
N GLY A 36 3.68 -12.06 -2.02
CA GLY A 36 2.49 -12.38 -1.25
C GLY A 36 2.76 -12.27 0.25
N GLY A 37 3.66 -11.36 0.59
CA GLY A 37 4.01 -11.13 1.97
C GLY A 37 2.79 -10.70 2.79
N HIS A 38 2.61 -11.37 3.92
CA HIS A 38 1.49 -11.07 4.79
C HIS A 38 1.99 -10.35 6.04
N VAL A 39 1.59 -9.08 6.15
CA VAL A 39 2.00 -8.28 7.29
C VAL A 39 0.75 -7.80 8.04
N GLU A 40 1.00 -7.03 9.09
CA GLU A 40 -0.09 -6.52 9.90
C GLU A 40 -0.19 -4.99 9.75
N ALA A 41 -1.39 -4.48 9.99
CA ALA A 41 -1.63 -3.05 9.88
C ALA A 41 -0.79 -2.32 10.94
N GLY A 42 0.39 -1.90 10.52
CA GLY A 42 1.29 -1.19 11.41
C GLY A 42 2.73 -1.66 11.22
N SER A 43 2.88 -2.84 10.62
CA SER A 43 4.18 -3.40 10.38
C SER A 43 4.82 -2.74 9.15
N SER A 44 5.98 -3.26 8.76
CA SER A 44 6.69 -2.73 7.62
C SER A 44 6.87 -3.83 6.56
N TYR A 45 6.62 -3.44 5.32
CA TYR A 45 6.73 -4.38 4.21
C TYR A 45 7.80 -3.90 3.22
N ALA A 46 8.23 -2.66 3.40
CA ALA A 46 9.23 -2.08 2.53
C ALA A 46 9.78 -0.81 3.17
N GLU A 47 10.63 -0.13 2.43
CA GLU A 47 11.24 1.10 2.90
C GLU A 47 11.35 2.12 1.77
N MET A 48 11.86 3.29 2.13
CA MET A 48 12.03 4.36 1.15
C MET A 48 13.05 5.39 1.63
N GLU A 49 13.62 6.11 0.68
CA GLU A 49 14.61 7.13 0.99
C GLU A 49 14.12 8.50 0.53
N VAL A 50 13.84 9.36 1.48
CA VAL A 50 13.37 10.71 1.18
C VAL A 50 14.16 11.72 2.01
N MET A 51 14.47 12.84 1.37
CA MET A 51 15.22 13.89 2.03
C MET A 51 16.57 13.37 2.54
N LYS A 52 17.14 12.46 1.76
CA LYS A 52 18.42 11.87 2.12
C LYS A 52 18.26 11.06 3.41
N MET A 53 17.02 10.70 3.69
CA MET A 53 16.72 9.93 4.88
C MET A 53 15.94 8.65 4.53
N ILE A 54 16.27 7.58 5.24
CA ILE A 54 15.61 6.31 5.01
C ILE A 54 14.41 6.18 5.96
N MET A 55 13.27 5.91 5.35
CA MET A 55 12.04 5.75 6.12
C MET A 55 11.38 4.40 5.84
N THR A 56 10.85 3.80 6.89
CA THR A 56 10.19 2.52 6.78
C THR A 56 8.79 2.68 6.18
N LEU A 57 8.36 1.66 5.45
CA LEU A 57 7.04 1.69 4.82
C LEU A 57 6.15 0.64 5.49
N ASN A 58 5.02 1.13 6.00
CA ASN A 58 4.07 0.25 6.66
C ASN A 58 2.76 0.22 5.86
N VAL A 59 1.91 -0.74 6.20
CA VAL A 59 0.64 -0.88 5.52
C VAL A 59 -0.44 -0.15 6.32
N GLN A 60 -1.36 0.46 5.60
CA GLN A 60 -2.45 1.19 6.22
C GLN A 60 -3.52 0.22 6.75
N GLU A 61 -3.55 -0.96 6.14
CA GLU A 61 -4.50 -1.97 6.52
C GLU A 61 -3.96 -3.36 6.21
N ARG A 62 -3.90 -4.18 7.25
CA ARG A 62 -3.40 -5.54 7.10
C ARG A 62 -3.82 -6.12 5.75
N GLY A 63 -3.03 -7.06 5.27
CA GLY A 63 -3.30 -7.71 4.00
C GLY A 63 -2.07 -8.43 3.47
N ARG A 64 -1.86 -8.32 2.17
CA ARG A 64 -0.73 -8.97 1.52
C ARG A 64 -0.06 -8.00 0.54
N VAL A 65 1.21 -7.73 0.81
CA VAL A 65 1.98 -6.84 -0.04
C VAL A 65 2.53 -7.61 -1.24
N LYS A 66 2.57 -6.94 -2.38
CA LYS A 66 3.06 -7.55 -3.60
C LYS A 66 3.97 -6.55 -4.33
N TYR A 67 4.76 -7.09 -5.24
CA TYR A 67 5.67 -6.27 -6.01
C TYR A 67 4.96 -5.63 -7.20
N ILE A 68 5.12 -4.31 -7.30
CA ILE A 68 4.50 -3.56 -8.38
C ILE A 68 5.57 -2.75 -9.11
N LYS A 69 6.08 -1.74 -8.42
CA LYS A 69 7.09 -0.88 -9.00
C LYS A 69 8.48 -1.43 -8.64
N ARG A 70 9.32 -1.52 -9.65
CA ARG A 70 10.67 -2.03 -9.45
C ARG A 70 11.40 -1.21 -8.38
N PRO A 71 12.31 -1.90 -7.65
CA PRO A 71 13.06 -1.25 -6.60
C PRO A 71 14.17 -0.37 -7.18
N GLY A 72 14.20 0.87 -6.71
CA GLY A 72 15.20 1.83 -7.18
C GLY A 72 14.53 2.97 -7.95
N ALA A 73 13.21 2.92 -8.01
CA ALA A 73 12.46 3.94 -8.71
C ALA A 73 12.45 5.23 -7.88
N VAL A 74 11.85 6.25 -8.45
CA VAL A 74 11.78 7.54 -7.78
C VAL A 74 10.41 7.68 -7.11
N LEU A 75 10.42 7.55 -5.79
CA LEU A 75 9.19 7.66 -5.01
C LEU A 75 8.68 9.10 -5.09
N GLU A 76 7.40 9.22 -5.38
CA GLU A 76 6.77 10.53 -5.48
C GLU A 76 5.56 10.62 -4.55
N ALA A 77 5.26 11.83 -4.11
CA ALA A 77 4.14 12.05 -3.22
C ALA A 77 2.84 11.70 -3.96
N GLY A 78 2.12 10.75 -3.39
CA GLY A 78 0.87 10.31 -3.97
C GLY A 78 1.10 9.46 -5.21
N CYS A 79 1.89 8.40 -5.02
CA CYS A 79 2.20 7.49 -6.11
C CYS A 79 1.91 6.06 -5.64
N VAL A 80 2.00 5.14 -6.59
CA VAL A 80 1.76 3.74 -6.29
C VAL A 80 3.09 3.06 -5.96
N VAL A 81 3.04 2.17 -4.97
CA VAL A 81 4.22 1.44 -4.55
C VAL A 81 3.98 -0.05 -4.72
N ALA A 82 2.90 -0.52 -4.12
CA ALA A 82 2.55 -1.93 -4.20
C ALA A 82 1.03 -2.08 -4.04
N ARG A 83 0.60 -3.34 -4.02
CA ARG A 83 -0.82 -3.63 -3.88
C ARG A 83 -1.09 -4.32 -2.54
N LEU A 84 -2.26 -4.06 -2.00
CA LEU A 84 -2.65 -4.64 -0.72
C LEU A 84 -3.97 -5.40 -0.90
N GLU A 85 -3.88 -6.72 -0.72
CA GLU A 85 -5.05 -7.57 -0.86
C GLU A 85 -5.62 -7.90 0.52
N LEU A 86 -6.74 -7.25 0.83
CA LEU A 86 -7.40 -7.47 2.10
C LEU A 86 -7.44 -8.97 2.41
N ASP A 87 -6.66 -9.36 3.42
CA ASP A 87 -6.60 -10.76 3.81
C ASP A 87 -7.71 -11.05 4.82
N ASP A 88 -8.39 -9.98 5.22
CA ASP A 88 -9.48 -10.10 6.19
C ASP A 88 -10.63 -9.19 5.76
N PRO A 89 -11.29 -9.60 4.64
CA PRO A 89 -12.41 -8.84 4.12
C PRO A 89 -13.67 -9.06 4.97
N SER A 90 -13.62 -10.10 5.77
CA SER A 90 -14.74 -10.43 6.64
C SER A 90 -14.44 -11.69 7.44
N LYS A 91 -14.59 -11.58 8.75
CA LYS A 91 -14.33 -12.71 9.63
C LYS A 91 -14.95 -12.42 11.01
N VAL A 92 -16.18 -12.89 11.17
CA VAL A 92 -16.89 -12.70 12.42
C VAL A 92 -16.02 -13.19 13.58
N HIS A 93 -15.33 -12.25 14.21
CA HIS A 93 -14.47 -12.57 15.33
C HIS A 93 -15.22 -13.46 16.33
N PRO A 94 -14.70 -14.70 16.52
CA PRO A 94 -15.31 -15.64 17.43
C PRO A 94 -15.03 -15.26 18.88
N SER A 95 -13.76 -15.34 19.25
CA SER A 95 -13.34 -15.02 20.60
C SER A 95 -12.81 -13.58 20.64
N GLY A 96 -12.99 -12.94 21.79
CA GLY A 96 -12.53 -11.57 21.98
C GLY A 96 -11.11 -11.55 22.55
N PRO A 97 -10.62 -10.31 22.79
CA PRO A 97 -9.28 -10.13 23.33
C PRO A 97 -9.23 -10.48 24.82
N SER A 98 -8.02 -10.73 25.29
CA SER A 98 -7.82 -11.08 26.69
C SER A 98 -6.40 -10.72 27.13
N SER A 99 -6.31 -10.12 28.31
CA SER A 99 -5.03 -9.72 28.85
C SER A 99 -5.22 -9.07 30.22
N GLY A 100 -4.26 -9.29 31.09
CA GLY A 100 -4.30 -8.74 32.43
C GLY A 100 -5.66 -8.98 33.07
N GLY A 1 -11.01 11.23 -10.78
CA GLY A 1 -11.96 11.93 -11.62
C GLY A 1 -11.82 13.45 -11.49
N SER A 2 -11.98 14.13 -12.61
CA SER A 2 -11.87 15.58 -12.62
C SER A 2 -13.24 16.20 -12.87
N SER A 3 -13.37 17.46 -12.47
CA SER A 3 -14.62 18.19 -12.65
C SER A 3 -14.34 19.65 -13.01
N GLY A 4 -15.24 20.21 -13.80
CA GLY A 4 -15.10 21.59 -14.23
C GLY A 4 -15.20 22.54 -13.03
N SER A 5 -15.97 23.60 -13.24
CA SER A 5 -16.16 24.60 -12.19
C SER A 5 -17.63 25.00 -12.12
N SER A 6 -18.37 24.27 -11.28
CA SER A 6 -19.79 24.55 -11.10
C SER A 6 -20.29 23.91 -9.81
N GLY A 7 -20.93 24.72 -8.99
CA GLY A 7 -21.47 24.25 -7.73
C GLY A 7 -20.46 24.45 -6.60
N THR A 8 -20.98 24.71 -5.42
CA THR A 8 -20.14 24.92 -4.25
C THR A 8 -20.25 23.74 -3.29
N CYS A 9 -19.74 22.60 -3.74
CA CYS A 9 -19.78 21.39 -2.93
C CYS A 9 -18.37 21.12 -2.42
N VAL A 10 -17.47 20.87 -3.36
CA VAL A 10 -16.09 20.59 -3.02
C VAL A 10 -16.02 19.29 -2.22
N PHE A 11 -15.59 18.24 -2.89
CA PHE A 11 -15.46 16.94 -2.26
C PHE A 11 -14.88 15.90 -3.23
N GLU A 12 -13.88 15.19 -2.75
CA GLU A 12 -13.23 14.18 -3.55
C GLU A 12 -12.35 13.27 -2.68
N LYS A 13 -12.73 12.02 -2.62
CA LYS A 13 -11.99 11.04 -1.82
C LYS A 13 -12.41 9.63 -2.22
N GLU A 14 -11.63 8.66 -1.76
CA GLU A 14 -11.92 7.26 -2.06
C GLU A 14 -11.65 6.40 -0.83
N ASN A 15 -12.24 5.21 -0.84
CA ASN A 15 -12.07 4.27 0.26
C ASN A 15 -11.81 2.87 -0.30
N ASP A 16 -10.54 2.51 -0.30
CA ASP A 16 -10.14 1.21 -0.81
C ASP A 16 -8.65 0.98 -0.51
N PRO A 17 -8.38 0.45 0.72
CA PRO A 17 -7.01 0.19 1.13
C PRO A 17 -6.46 -1.05 0.43
N THR A 18 -6.53 -1.03 -0.89
CA THR A 18 -6.04 -2.14 -1.69
C THR A 18 -4.80 -1.72 -2.48
N VAL A 19 -4.48 -0.43 -2.39
CA VAL A 19 -3.32 0.11 -3.08
C VAL A 19 -2.47 0.91 -2.10
N LEU A 20 -1.23 0.49 -1.95
CA LEU A 20 -0.31 1.16 -1.06
C LEU A 20 0.37 2.31 -1.79
N ARG A 21 -0.25 3.48 -1.72
CA ARG A 21 0.28 4.65 -2.37
C ARG A 21 1.38 5.30 -1.51
N SER A 22 2.13 6.19 -2.13
CA SER A 22 3.20 6.88 -1.42
C SER A 22 2.64 8.08 -0.66
N PRO A 23 2.72 7.99 0.70
CA PRO A 23 2.24 9.06 1.55
C PRO A 23 3.19 10.26 1.53
N SER A 24 4.33 10.06 0.88
CA SER A 24 5.33 11.10 0.79
C SER A 24 6.41 10.71 -0.22
N ALA A 25 7.05 11.71 -0.78
CA ALA A 25 8.10 11.49 -1.76
C ALA A 25 9.26 10.76 -1.09
N GLY A 26 10.22 10.33 -1.91
CA GLY A 26 11.38 9.61 -1.41
C GLY A 26 12.05 8.82 -2.54
N LYS A 27 12.50 7.62 -2.19
CA LYS A 27 13.17 6.77 -3.15
C LYS A 27 13.08 5.31 -2.68
N LEU A 28 12.50 4.48 -3.52
CA LEU A 28 12.34 3.07 -3.21
C LEU A 28 13.72 2.42 -3.11
N THR A 29 13.79 1.36 -2.33
CA THR A 29 15.04 0.64 -2.15
C THR A 29 14.83 -0.86 -2.37
N GLN A 30 14.11 -1.47 -1.43
CA GLN A 30 13.83 -2.89 -1.52
C GLN A 30 12.72 -3.27 -0.53
N TYR A 31 12.25 -4.50 -0.66
CA TYR A 31 11.20 -5.00 0.20
C TYR A 31 11.76 -5.88 1.31
N THR A 32 10.94 -6.12 2.32
CA THR A 32 11.35 -6.94 3.45
C THR A 32 10.42 -8.14 3.58
N VAL A 33 9.50 -8.27 2.63
CA VAL A 33 8.55 -9.36 2.64
C VAL A 33 8.70 -10.17 1.34
N GLU A 34 8.25 -11.41 1.41
CA GLU A 34 8.33 -12.29 0.25
C GLU A 34 7.06 -12.18 -0.59
N ASP A 35 7.09 -12.83 -1.74
CA ASP A 35 5.96 -12.81 -2.65
C ASP A 35 4.67 -12.97 -1.84
N GLY A 36 3.73 -12.07 -2.12
CA GLY A 36 2.45 -12.10 -1.42
C GLY A 36 2.64 -12.18 0.09
N GLY A 37 3.67 -11.48 0.56
CA GLY A 37 3.97 -11.46 1.97
C GLY A 37 2.82 -10.85 2.77
N HIS A 38 2.41 -11.58 3.81
CA HIS A 38 1.32 -11.13 4.66
C HIS A 38 1.88 -10.38 5.87
N VAL A 39 1.37 -9.17 6.08
CA VAL A 39 1.82 -8.35 7.19
C VAL A 39 0.60 -7.84 7.96
N GLU A 40 0.88 -7.15 9.06
CA GLU A 40 -0.18 -6.61 9.89
C GLU A 40 -0.24 -5.09 9.75
N ALA A 41 -1.42 -4.55 10.03
CA ALA A 41 -1.62 -3.11 9.93
C ALA A 41 -0.76 -2.41 10.99
N GLY A 42 0.42 -1.98 10.56
CA GLY A 42 1.34 -1.30 11.45
C GLY A 42 2.77 -1.79 11.24
N SER A 43 2.88 -2.89 10.52
CA SER A 43 4.19 -3.47 10.23
C SER A 43 4.83 -2.76 9.03
N SER A 44 5.97 -3.29 8.62
CA SER A 44 6.68 -2.71 7.49
C SER A 44 6.93 -3.79 6.42
N TYR A 45 6.65 -3.42 5.18
CA TYR A 45 6.83 -4.34 4.07
C TYR A 45 7.89 -3.82 3.11
N ALA A 46 8.28 -2.57 3.32
CA ALA A 46 9.30 -1.95 2.48
C ALA A 46 9.78 -0.66 3.14
N GLU A 47 10.77 -0.04 2.51
CA GLU A 47 11.33 1.20 3.03
C GLU A 47 11.50 2.22 1.90
N MET A 48 11.97 3.40 2.27
CA MET A 48 12.19 4.46 1.31
C MET A 48 13.22 5.46 1.83
N GLU A 49 13.73 6.27 0.91
CA GLU A 49 14.72 7.28 1.25
C GLU A 49 14.24 8.66 0.82
N VAL A 50 13.85 9.45 1.80
CA VAL A 50 13.37 10.80 1.53
C VAL A 50 14.10 11.79 2.43
N MET A 51 14.43 12.93 1.85
CA MET A 51 15.14 13.97 2.59
C MET A 51 16.47 13.45 3.13
N LYS A 52 17.10 12.58 2.33
CA LYS A 52 18.37 12.01 2.72
C LYS A 52 18.19 11.15 3.97
N MET A 53 16.94 10.75 4.20
CA MET A 53 16.60 9.93 5.36
C MET A 53 15.91 8.65 4.93
N ILE A 54 16.27 7.57 5.60
CA ILE A 54 15.68 6.27 5.31
C ILE A 54 14.45 6.05 6.20
N MET A 55 13.30 5.96 5.55
CA MET A 55 12.05 5.76 6.28
C MET A 55 11.42 4.42 5.90
N THR A 56 10.86 3.77 6.90
CA THR A 56 10.22 2.48 6.69
C THR A 56 8.78 2.68 6.19
N LEU A 57 8.36 1.75 5.34
CA LEU A 57 7.02 1.81 4.78
C LEU A 57 6.14 0.75 5.46
N ASN A 58 5.03 1.23 6.01
CA ASN A 58 4.10 0.34 6.69
C ASN A 58 2.76 0.36 5.95
N VAL A 59 1.90 -0.58 6.34
CA VAL A 59 0.59 -0.69 5.72
C VAL A 59 -0.45 0.01 6.61
N GLN A 60 -1.40 0.64 5.95
CA GLN A 60 -2.46 1.35 6.67
C GLN A 60 -3.53 0.36 7.14
N GLU A 61 -3.61 -0.76 6.44
CA GLU A 61 -4.58 -1.79 6.78
C GLU A 61 -4.03 -3.17 6.44
N ARG A 62 -4.18 -4.09 7.39
CA ARG A 62 -3.71 -5.44 7.19
C ARG A 62 -3.90 -5.88 5.74
N GLY A 63 -3.03 -6.77 5.29
CA GLY A 63 -3.09 -7.26 3.93
C GLY A 63 -1.71 -7.69 3.43
N ARG A 64 -1.72 -8.50 2.38
CA ARG A 64 -0.47 -8.98 1.80
C ARG A 64 0.08 -7.97 0.80
N VAL A 65 1.40 -7.81 0.83
CA VAL A 65 2.06 -6.88 -0.07
C VAL A 65 2.39 -7.59 -1.39
N LYS A 66 2.28 -6.83 -2.48
CA LYS A 66 2.56 -7.38 -3.79
C LYS A 66 3.59 -6.48 -4.49
N TYR A 67 4.23 -7.06 -5.49
CA TYR A 67 5.24 -6.33 -6.25
C TYR A 67 4.61 -5.60 -7.44
N ILE A 68 4.72 -4.29 -7.43
CA ILE A 68 4.18 -3.47 -8.49
C ILE A 68 5.31 -2.72 -9.19
N LYS A 69 5.85 -1.74 -8.50
CA LYS A 69 6.94 -0.94 -9.05
C LYS A 69 8.28 -1.60 -8.68
N ARG A 70 9.14 -1.70 -9.68
CA ARG A 70 10.45 -2.29 -9.48
C ARG A 70 11.25 -1.50 -8.45
N PRO A 71 12.21 -2.20 -7.78
CA PRO A 71 13.03 -1.57 -6.77
C PRO A 71 14.10 -0.68 -7.42
N GLY A 72 14.15 0.57 -6.96
CA GLY A 72 15.10 1.53 -7.47
C GLY A 72 14.39 2.66 -8.23
N ALA A 73 13.09 2.71 -8.04
CA ALA A 73 12.28 3.74 -8.69
C ALA A 73 12.27 4.99 -7.83
N VAL A 74 11.70 6.06 -8.40
CA VAL A 74 11.62 7.32 -7.69
C VAL A 74 10.28 7.41 -6.96
N LEU A 75 10.36 7.60 -5.65
CA LEU A 75 9.17 7.71 -4.83
C LEU A 75 8.64 9.15 -4.89
N GLU A 76 7.38 9.27 -5.26
CA GLU A 76 6.75 10.58 -5.36
C GLU A 76 5.44 10.59 -4.57
N ALA A 77 5.07 11.79 -4.13
CA ALA A 77 3.84 11.95 -3.37
C ALA A 77 2.64 11.55 -4.23
N GLY A 78 1.80 10.70 -3.66
CA GLY A 78 0.62 10.24 -4.36
C GLY A 78 1.00 9.38 -5.58
N CYS A 79 1.80 8.35 -5.31
CA CYS A 79 2.25 7.46 -6.37
C CYS A 79 2.00 6.03 -5.91
N VAL A 80 2.21 5.10 -6.84
CA VAL A 80 2.00 3.69 -6.55
C VAL A 80 3.35 3.05 -6.17
N VAL A 81 3.26 2.05 -5.30
CA VAL A 81 4.45 1.35 -4.85
C VAL A 81 4.21 -0.16 -4.91
N ALA A 82 3.10 -0.56 -4.31
CA ALA A 82 2.73 -1.97 -4.28
C ALA A 82 1.22 -2.10 -4.11
N ARG A 83 0.76 -3.34 -4.04
CA ARG A 83 -0.65 -3.62 -3.88
C ARG A 83 -0.93 -4.19 -2.49
N LEU A 84 -2.21 -4.24 -2.14
CA LEU A 84 -2.61 -4.76 -0.85
C LEU A 84 -3.73 -5.77 -1.05
N GLU A 85 -3.56 -6.93 -0.44
CA GLU A 85 -4.55 -8.00 -0.54
C GLU A 85 -5.23 -8.21 0.81
N LEU A 86 -6.35 -7.53 0.99
CA LEU A 86 -7.11 -7.63 2.23
C LEU A 86 -7.34 -9.10 2.55
N ASP A 87 -6.77 -9.53 3.67
CA ASP A 87 -6.91 -10.91 4.11
C ASP A 87 -8.21 -11.06 4.91
N ASP A 88 -8.83 -9.92 5.19
CA ASP A 88 -10.07 -9.91 5.94
C ASP A 88 -11.01 -8.85 5.38
N PRO A 89 -11.51 -9.14 4.14
CA PRO A 89 -12.41 -8.22 3.47
C PRO A 89 -13.81 -8.28 4.09
N SER A 90 -14.09 -9.40 4.73
CA SER A 90 -15.38 -9.59 5.37
C SER A 90 -15.42 -10.95 6.08
N LYS A 91 -16.12 -10.98 7.20
CA LYS A 91 -16.24 -12.19 7.98
C LYS A 91 -17.69 -12.36 8.44
N VAL A 92 -17.85 -12.81 9.68
CA VAL A 92 -19.16 -13.00 10.25
C VAL A 92 -19.16 -12.53 11.70
N HIS A 93 -20.28 -11.93 12.09
CA HIS A 93 -20.42 -11.42 13.45
C HIS A 93 -21.59 -12.12 14.15
N PRO A 94 -21.48 -12.25 15.49
CA PRO A 94 -22.52 -12.89 16.28
C PRO A 94 -23.74 -11.98 16.42
N SER A 95 -24.85 -12.41 15.82
CA SER A 95 -26.08 -11.64 15.89
C SER A 95 -27.09 -12.19 14.88
N GLY A 96 -28.36 -12.07 15.24
CA GLY A 96 -29.43 -12.55 14.38
C GLY A 96 -29.88 -11.46 13.40
N PRO A 97 -31.01 -11.75 12.70
CA PRO A 97 -31.55 -10.80 11.74
C PRO A 97 -32.24 -9.64 12.44
N SER A 98 -32.12 -8.46 11.83
CA SER A 98 -32.73 -7.26 12.39
C SER A 98 -33.92 -6.83 11.54
N SER A 99 -35.10 -7.02 12.10
CA SER A 99 -36.32 -6.66 11.40
C SER A 99 -36.43 -7.44 10.09
N GLY A 100 -37.35 -8.38 10.07
CA GLY A 100 -37.57 -9.21 8.89
C GLY A 100 -37.94 -10.63 9.28
N GLY A 1 -36.22 -10.18 -11.10
CA GLY A 1 -34.87 -10.57 -10.70
C GLY A 1 -34.71 -10.52 -9.18
N SER A 2 -33.47 -10.64 -8.75
CA SER A 2 -33.16 -10.62 -7.33
C SER A 2 -31.74 -10.10 -7.11
N SER A 3 -30.78 -10.81 -7.70
CA SER A 3 -29.39 -10.44 -7.58
C SER A 3 -28.51 -11.42 -8.36
N GLY A 4 -27.40 -10.91 -8.86
CA GLY A 4 -26.47 -11.73 -9.62
C GLY A 4 -25.21 -10.94 -9.97
N SER A 5 -25.27 -10.26 -11.11
CA SER A 5 -24.15 -9.47 -11.57
C SER A 5 -24.60 -8.05 -11.88
N SER A 6 -24.67 -7.23 -10.84
CA SER A 6 -25.09 -5.85 -10.98
C SER A 6 -23.90 -4.91 -10.73
N GLY A 7 -23.76 -3.94 -11.62
CA GLY A 7 -22.67 -2.98 -11.50
C GLY A 7 -23.22 -1.55 -11.36
N THR A 8 -23.67 -1.25 -10.15
CA THR A 8 -24.20 0.07 -9.86
C THR A 8 -23.08 1.06 -9.58
N CYS A 9 -23.26 2.28 -10.07
CA CYS A 9 -22.27 3.33 -9.87
C CYS A 9 -22.19 3.64 -8.37
N VAL A 10 -20.97 3.62 -7.86
CA VAL A 10 -20.76 3.89 -6.44
C VAL A 10 -19.78 5.06 -6.30
N PHE A 11 -19.93 5.79 -5.21
CA PHE A 11 -19.08 6.94 -4.95
C PHE A 11 -19.34 7.52 -3.56
N GLU A 12 -18.27 7.90 -2.90
CA GLU A 12 -18.37 8.47 -1.57
C GLU A 12 -17.03 9.07 -1.13
N LYS A 13 -17.09 9.93 -0.12
CA LYS A 13 -15.90 10.57 0.38
C LYS A 13 -15.10 9.57 1.23
N GLU A 14 -14.72 8.48 0.58
CA GLU A 14 -13.96 7.43 1.26
C GLU A 14 -12.93 6.83 0.30
N ASN A 15 -11.94 6.18 0.90
CA ASN A 15 -10.87 5.57 0.12
C ASN A 15 -10.78 4.08 0.47
N ASP A 16 -10.04 3.35 -0.34
CA ASP A 16 -9.85 1.92 -0.12
C ASP A 16 -8.40 1.65 0.27
N PRO A 17 -8.23 1.07 1.49
CA PRO A 17 -6.90 0.75 1.98
C PRO A 17 -6.33 -0.49 1.27
N THR A 18 -6.31 -0.40 -0.05
CA THR A 18 -5.80 -1.50 -0.85
C THR A 18 -4.52 -1.07 -1.58
N VAL A 19 -4.63 0.04 -2.30
CA VAL A 19 -3.51 0.57 -3.04
C VAL A 19 -2.63 1.41 -2.10
N LEU A 20 -1.45 0.88 -1.81
CA LEU A 20 -0.52 1.56 -0.94
C LEU A 20 0.12 2.73 -1.69
N ARG A 21 -0.55 3.87 -1.63
CA ARG A 21 -0.06 5.06 -2.29
C ARG A 21 1.09 5.68 -1.50
N SER A 22 1.99 6.32 -2.22
CA SER A 22 3.14 6.97 -1.61
C SER A 22 2.69 8.22 -0.84
N PRO A 23 2.88 8.17 0.50
CA PRO A 23 2.50 9.29 1.36
C PRO A 23 3.49 10.43 1.22
N SER A 24 4.65 10.12 0.66
CA SER A 24 5.69 11.12 0.47
C SER A 24 6.73 10.61 -0.54
N ALA A 25 7.37 11.55 -1.21
CA ALA A 25 8.38 11.21 -2.19
C ALA A 25 9.55 10.49 -1.50
N GLY A 26 10.54 10.14 -2.31
CA GLY A 26 11.71 9.45 -1.79
C GLY A 26 12.38 8.63 -2.88
N LYS A 27 12.71 7.39 -2.54
CA LYS A 27 13.36 6.49 -3.48
C LYS A 27 13.27 5.06 -2.95
N LEU A 28 12.53 4.23 -3.70
CA LEU A 28 12.36 2.84 -3.32
C LEU A 28 13.72 2.16 -3.29
N THR A 29 13.77 1.04 -2.57
CA THR A 29 15.00 0.28 -2.46
C THR A 29 14.72 -1.22 -2.52
N GLN A 30 13.95 -1.69 -1.55
CA GLN A 30 13.58 -3.09 -1.50
C GLN A 30 12.46 -3.31 -0.49
N TYR A 31 12.11 -4.58 -0.31
CA TYR A 31 11.06 -4.94 0.63
C TYR A 31 11.61 -5.76 1.79
N THR A 32 10.71 -6.10 2.71
CA THR A 32 11.10 -6.87 3.88
C THR A 32 10.22 -8.13 3.98
N VAL A 33 9.43 -8.35 2.95
CA VAL A 33 8.55 -9.50 2.92
C VAL A 33 8.76 -10.27 1.61
N GLU A 34 8.42 -11.55 1.65
CA GLU A 34 8.58 -12.40 0.49
C GLU A 34 7.32 -12.33 -0.39
N ASP A 35 7.36 -13.07 -1.49
CA ASP A 35 6.25 -13.10 -2.41
C ASP A 35 4.95 -13.29 -1.63
N GLY A 36 3.97 -12.45 -1.95
CA GLY A 36 2.68 -12.51 -1.28
C GLY A 36 2.85 -12.49 0.24
N GLY A 37 3.78 -11.68 0.70
CA GLY A 37 4.06 -11.56 2.12
C GLY A 37 2.86 -10.95 2.86
N HIS A 38 2.51 -11.57 3.98
CA HIS A 38 1.40 -11.10 4.78
C HIS A 38 1.93 -10.45 6.05
N VAL A 39 1.39 -9.27 6.35
CA VAL A 39 1.80 -8.54 7.54
C VAL A 39 0.55 -7.97 8.23
N GLU A 40 0.80 -7.21 9.29
CA GLU A 40 -0.28 -6.61 10.04
C GLU A 40 -0.26 -5.09 9.88
N ALA A 41 -1.42 -4.49 10.09
CA ALA A 41 -1.55 -3.05 9.96
C ALA A 41 -0.69 -2.37 11.03
N GLY A 42 0.53 -2.04 10.64
CA GLY A 42 1.46 -1.40 11.56
C GLY A 42 2.89 -1.86 11.30
N SER A 43 3.00 -3.05 10.73
CA SER A 43 4.31 -3.62 10.43
C SER A 43 4.92 -2.92 9.22
N SER A 44 6.08 -3.41 8.81
CA SER A 44 6.77 -2.85 7.67
C SER A 44 6.92 -3.89 6.56
N TYR A 45 6.54 -3.49 5.35
CA TYR A 45 6.63 -4.37 4.21
C TYR A 45 7.69 -3.90 3.22
N ALA A 46 8.04 -2.63 3.34
CA ALA A 46 9.05 -2.05 2.47
C ALA A 46 9.58 -0.77 3.10
N GLU A 47 10.52 -0.14 2.41
CA GLU A 47 11.12 1.09 2.89
C GLU A 47 11.34 2.07 1.73
N MET A 48 11.86 3.24 2.07
CA MET A 48 12.11 4.26 1.07
C MET A 48 13.10 5.30 1.60
N GLU A 49 13.67 6.06 0.67
CA GLU A 49 14.63 7.09 1.03
C GLU A 49 14.14 8.46 0.54
N VAL A 50 13.94 9.35 1.50
CA VAL A 50 13.48 10.69 1.19
C VAL A 50 14.29 11.71 1.98
N MET A 51 14.65 12.79 1.31
CA MET A 51 15.43 13.84 1.94
C MET A 51 16.65 13.26 2.67
N LYS A 52 17.30 12.33 1.99
CA LYS A 52 18.48 11.68 2.56
C LYS A 52 18.09 10.95 3.83
N MET A 53 16.81 10.63 3.93
CA MET A 53 16.29 9.92 5.09
C MET A 53 15.59 8.62 4.68
N ILE A 54 15.90 7.56 5.41
CA ILE A 54 15.31 6.27 5.13
C ILE A 54 14.03 6.11 5.96
N MET A 55 12.91 5.98 5.25
CA MET A 55 11.63 5.82 5.90
C MET A 55 11.03 4.43 5.62
N THR A 56 10.43 3.86 6.64
CA THR A 56 9.81 2.54 6.51
C THR A 56 8.37 2.68 6.01
N LEU A 57 7.98 1.71 5.19
CA LEU A 57 6.64 1.70 4.64
C LEU A 57 5.81 0.62 5.34
N ASN A 58 4.79 1.08 6.06
CA ASN A 58 3.92 0.18 6.79
C ASN A 58 2.60 0.02 6.02
N VAL A 59 1.86 -1.03 6.38
CA VAL A 59 0.60 -1.30 5.74
C VAL A 59 -0.53 -0.63 6.53
N GLN A 60 -1.38 0.09 5.82
CA GLN A 60 -2.50 0.78 6.44
C GLN A 60 -3.49 -0.23 7.01
N GLU A 61 -3.60 -1.36 6.31
CA GLU A 61 -4.50 -2.41 6.74
C GLU A 61 -3.93 -3.79 6.38
N ARG A 62 -3.86 -4.65 7.38
CA ARG A 62 -3.34 -5.99 7.18
C ARG A 62 -3.76 -6.52 5.81
N GLY A 63 -2.93 -7.42 5.30
CA GLY A 63 -3.19 -8.01 4.00
C GLY A 63 -1.93 -8.65 3.42
N ARG A 64 -1.82 -8.58 2.09
CA ARG A 64 -0.67 -9.13 1.41
C ARG A 64 0.07 -8.03 0.62
N VAL A 65 1.35 -7.91 0.91
CA VAL A 65 2.16 -6.91 0.24
C VAL A 65 2.70 -7.49 -1.07
N LYS A 66 2.71 -6.65 -2.09
CA LYS A 66 3.19 -7.06 -3.39
C LYS A 66 3.97 -5.91 -4.04
N TYR A 67 5.01 -6.28 -4.76
CA TYR A 67 5.84 -5.29 -5.43
C TYR A 67 5.23 -4.87 -6.76
N ILE A 68 4.98 -3.58 -6.90
CA ILE A 68 4.40 -3.05 -8.12
C ILE A 68 5.50 -2.40 -8.97
N LYS A 69 6.12 -1.39 -8.39
CA LYS A 69 7.19 -0.68 -9.07
C LYS A 69 8.53 -1.34 -8.75
N ARG A 70 9.29 -1.61 -9.79
CA ARG A 70 10.60 -2.24 -9.62
C ARG A 70 11.40 -1.53 -8.54
N PRO A 71 12.39 -2.27 -7.98
CA PRO A 71 13.24 -1.72 -6.93
C PRO A 71 14.25 -0.72 -7.51
N GLY A 72 14.24 0.47 -6.93
CA GLY A 72 15.15 1.52 -7.37
C GLY A 72 14.42 2.55 -8.24
N ALA A 73 13.16 2.79 -7.88
CA ALA A 73 12.35 3.74 -8.61
C ALA A 73 12.39 5.09 -7.89
N VAL A 74 11.79 6.08 -8.53
CA VAL A 74 11.74 7.42 -7.96
C VAL A 74 10.41 7.61 -7.23
N LEU A 75 10.48 7.52 -5.92
CA LEU A 75 9.29 7.68 -5.09
C LEU A 75 8.84 9.13 -5.13
N GLU A 76 7.56 9.32 -5.45
CA GLU A 76 6.99 10.65 -5.52
C GLU A 76 5.71 10.73 -4.71
N ALA A 77 5.40 11.93 -4.23
CA ALA A 77 4.21 12.15 -3.45
C ALA A 77 2.97 11.81 -4.29
N GLY A 78 2.07 11.06 -3.68
CA GLY A 78 0.84 10.67 -4.36
C GLY A 78 1.15 9.83 -5.60
N CYS A 79 1.83 8.71 -5.37
CA CYS A 79 2.19 7.82 -6.46
C CYS A 79 1.89 6.38 -6.03
N VAL A 80 2.10 5.46 -6.96
CA VAL A 80 1.85 4.05 -6.69
C VAL A 80 3.16 3.39 -6.28
N VAL A 81 3.07 2.58 -5.23
CA VAL A 81 4.23 1.87 -4.73
C VAL A 81 3.97 0.36 -4.75
N ALA A 82 2.90 -0.03 -4.05
CA ALA A 82 2.53 -1.43 -3.98
C ALA A 82 1.04 -1.53 -3.65
N ARG A 83 0.51 -2.72 -3.84
CA ARG A 83 -0.90 -2.98 -3.57
C ARG A 83 -1.04 -3.85 -2.31
N LEU A 84 -2.28 -3.91 -1.82
CA LEU A 84 -2.56 -4.69 -0.63
C LEU A 84 -3.67 -5.70 -0.95
N GLU A 85 -3.40 -6.96 -0.63
CA GLU A 85 -4.36 -8.01 -0.87
C GLU A 85 -5.11 -8.37 0.42
N LEU A 86 -6.26 -7.75 0.58
CA LEU A 86 -7.07 -7.99 1.77
C LEU A 86 -7.36 -9.48 1.90
N ASP A 87 -6.82 -10.06 2.95
CA ASP A 87 -7.01 -11.49 3.21
C ASP A 87 -8.42 -11.72 3.74
N ASP A 88 -9.10 -10.63 4.03
CA ASP A 88 -10.46 -10.71 4.55
C ASP A 88 -11.26 -9.50 4.05
N PRO A 89 -11.91 -9.68 2.88
CA PRO A 89 -12.70 -8.61 2.28
C PRO A 89 -14.04 -8.45 3.02
N SER A 90 -14.42 -9.52 3.72
CA SER A 90 -15.66 -9.50 4.47
C SER A 90 -15.37 -9.64 5.97
N LYS A 91 -15.00 -8.53 6.57
CA LYS A 91 -14.69 -8.51 7.99
C LYS A 91 -15.54 -7.44 8.68
N VAL A 92 -14.90 -6.75 9.63
CA VAL A 92 -15.58 -5.69 10.36
C VAL A 92 -16.76 -6.30 11.13
N HIS A 93 -17.00 -5.75 12.32
CA HIS A 93 -18.08 -6.23 13.16
C HIS A 93 -18.14 -7.75 13.11
N PRO A 94 -17.37 -8.39 14.05
CA PRO A 94 -17.33 -9.83 14.12
C PRO A 94 -18.61 -10.39 14.74
N SER A 95 -19.19 -11.37 14.05
CA SER A 95 -20.41 -11.99 14.53
C SER A 95 -20.28 -12.37 16.00
N GLY A 96 -21.31 -12.02 16.76
CA GLY A 96 -21.31 -12.31 18.19
C GLY A 96 -22.66 -11.96 18.82
N PRO A 97 -22.60 -11.52 20.10
CA PRO A 97 -23.81 -11.15 20.82
C PRO A 97 -24.32 -9.79 20.35
N SER A 98 -25.64 -9.66 20.39
CA SER A 98 -26.27 -8.41 19.96
C SER A 98 -26.24 -8.30 18.44
N SER A 99 -27.07 -7.40 17.93
CA SER A 99 -27.14 -7.19 16.50
C SER A 99 -26.73 -5.75 16.17
N GLY A 100 -27.49 -4.80 16.71
CA GLY A 100 -27.21 -3.40 16.48
C GLY A 100 -26.03 -2.93 17.33
N GLY A 1 8.07 18.31 -17.91
CA GLY A 1 8.24 19.51 -17.11
C GLY A 1 7.14 19.62 -16.06
N SER A 2 6.07 20.31 -16.42
CA SER A 2 4.95 20.50 -15.53
C SER A 2 5.37 21.37 -14.34
N SER A 3 4.44 22.19 -13.89
CA SER A 3 4.70 23.07 -12.77
C SER A 3 3.58 22.96 -11.73
N GLY A 4 3.83 23.53 -10.56
CA GLY A 4 2.86 23.50 -9.48
C GLY A 4 1.88 24.68 -9.58
N SER A 5 1.24 24.97 -8.46
CA SER A 5 0.29 26.07 -8.41
C SER A 5 -0.26 26.21 -6.99
N SER A 6 -0.73 27.42 -6.69
CA SER A 6 -1.28 27.69 -5.38
C SER A 6 -2.23 26.56 -4.95
N GLY A 7 -2.52 26.53 -3.67
CA GLY A 7 -3.40 25.51 -3.12
C GLY A 7 -4.82 26.05 -2.93
N THR A 8 -5.64 25.25 -2.27
CA THR A 8 -7.02 25.63 -2.02
C THR A 8 -7.69 24.63 -1.09
N CYS A 9 -8.53 25.15 -0.19
CA CYS A 9 -9.24 24.30 0.75
C CYS A 9 -10.64 24.02 0.19
N VAL A 10 -10.76 22.87 -0.46
CA VAL A 10 -12.02 22.47 -1.05
C VAL A 10 -12.24 20.97 -0.82
N PHE A 11 -13.31 20.47 -1.41
CA PHE A 11 -13.64 19.05 -1.27
C PHE A 11 -12.98 18.24 -2.39
N GLU A 12 -11.90 17.56 -2.02
CA GLU A 12 -11.18 16.73 -2.98
C GLU A 12 -10.12 15.89 -2.25
N LYS A 13 -10.17 14.60 -2.49
CA LYS A 13 -9.22 13.69 -1.87
C LYS A 13 -9.51 12.26 -2.36
N GLU A 14 -8.43 11.55 -2.65
CA GLU A 14 -8.55 10.18 -3.13
C GLU A 14 -7.45 9.30 -2.50
N ASN A 15 -7.90 8.23 -1.85
CA ASN A 15 -6.98 7.31 -1.20
C ASN A 15 -7.69 5.98 -0.96
N ASP A 16 -6.93 4.91 -1.11
CA ASP A 16 -7.47 3.57 -0.91
C ASP A 16 -6.44 2.71 -0.18
N PRO A 17 -6.96 1.79 0.67
CA PRO A 17 -6.09 0.91 1.44
C PRO A 17 -5.51 -0.19 0.55
N THR A 18 -6.34 -0.66 -0.37
CA THR A 18 -5.92 -1.71 -1.29
C THR A 18 -4.72 -1.25 -2.12
N VAL A 19 -4.64 0.06 -2.31
CA VAL A 19 -3.55 0.64 -3.08
C VAL A 19 -2.60 1.39 -2.14
N LEU A 20 -1.42 0.82 -1.98
CA LEU A 20 -0.42 1.41 -1.11
C LEU A 20 0.23 2.60 -1.82
N ARG A 21 -0.38 3.77 -1.63
CA ARG A 21 0.12 4.98 -2.26
C ARG A 21 1.26 5.57 -1.42
N SER A 22 2.09 6.35 -2.09
CA SER A 22 3.22 6.98 -1.41
C SER A 22 2.76 8.22 -0.64
N PRO A 23 2.98 8.18 0.70
CA PRO A 23 2.58 9.27 1.56
C PRO A 23 3.54 10.46 1.41
N SER A 24 4.70 10.16 0.83
CA SER A 24 5.71 11.19 0.62
C SER A 24 6.75 10.71 -0.39
N ALA A 25 7.30 11.66 -1.14
CA ALA A 25 8.29 11.34 -2.14
C ALA A 25 9.45 10.59 -1.47
N GLY A 26 10.39 10.15 -2.31
CA GLY A 26 11.55 9.43 -1.82
C GLY A 26 12.17 8.58 -2.92
N LYS A 27 12.58 7.38 -2.54
CA LYS A 27 13.19 6.46 -3.49
C LYS A 27 13.10 5.04 -2.95
N LEU A 28 12.47 4.18 -3.73
CA LEU A 28 12.30 2.78 -3.34
C LEU A 28 13.66 2.09 -3.35
N THR A 29 13.83 1.18 -2.40
CA THR A 29 15.08 0.44 -2.29
C THR A 29 14.81 -1.06 -2.36
N GLN A 30 13.99 -1.53 -1.44
CA GLN A 30 13.64 -2.95 -1.40
C GLN A 30 12.51 -3.19 -0.41
N TYR A 31 12.15 -4.46 -0.25
CA TYR A 31 11.09 -4.84 0.67
C TYR A 31 11.62 -5.77 1.76
N THR A 32 10.75 -6.05 2.72
CA THR A 32 11.11 -6.93 3.83
C THR A 32 10.16 -8.13 3.88
N VAL A 33 9.39 -8.29 2.82
CA VAL A 33 8.45 -9.39 2.73
C VAL A 33 8.64 -10.12 1.40
N GLU A 34 8.39 -11.42 1.44
CA GLU A 34 8.53 -12.24 0.25
C GLU A 34 7.26 -12.16 -0.60
N ASP A 35 7.29 -12.86 -1.74
CA ASP A 35 6.16 -12.87 -2.63
C ASP A 35 4.86 -12.99 -1.82
N GLY A 36 3.91 -12.13 -2.15
CA GLY A 36 2.63 -12.13 -1.47
C GLY A 36 2.82 -12.25 0.05
N GLY A 37 3.84 -11.57 0.54
CA GLY A 37 4.14 -11.59 1.96
C GLY A 37 2.99 -11.01 2.77
N HIS A 38 2.70 -11.66 3.89
CA HIS A 38 1.63 -11.22 4.76
C HIS A 38 2.22 -10.49 5.98
N VAL A 39 1.57 -9.40 6.34
CA VAL A 39 2.01 -8.61 7.47
C VAL A 39 0.79 -8.20 8.31
N GLU A 40 1.06 -7.40 9.33
CA GLU A 40 0.01 -6.94 10.21
C GLU A 40 -0.16 -5.42 10.08
N ALA A 41 -1.37 -4.97 10.42
CA ALA A 41 -1.68 -3.55 10.34
C ALA A 41 -0.83 -2.78 11.36
N GLY A 42 0.25 -2.21 10.87
CA GLY A 42 1.15 -1.45 11.73
C GLY A 42 2.61 -1.87 11.51
N SER A 43 2.77 -2.91 10.71
CA SER A 43 4.10 -3.42 10.40
C SER A 43 4.66 -2.72 9.16
N SER A 44 5.81 -3.20 8.71
CA SER A 44 6.46 -2.62 7.54
C SER A 44 6.62 -3.70 6.46
N TYR A 45 6.30 -3.31 5.24
CA TYR A 45 6.41 -4.22 4.11
C TYR A 45 7.52 -3.78 3.15
N ALA A 46 7.97 -2.55 3.35
CA ALA A 46 9.02 -2.00 2.50
C ALA A 46 9.55 -0.71 3.14
N GLU A 47 10.50 -0.10 2.45
CA GLU A 47 11.09 1.14 2.94
C GLU A 47 11.30 2.12 1.78
N MET A 48 11.83 3.29 2.12
CA MET A 48 12.07 4.31 1.12
C MET A 48 13.09 5.34 1.62
N GLU A 49 13.65 6.08 0.69
CA GLU A 49 14.63 7.10 1.03
C GLU A 49 14.14 8.48 0.57
N VAL A 50 13.94 9.35 1.55
CA VAL A 50 13.48 10.70 1.27
C VAL A 50 14.27 11.69 2.12
N MET A 51 14.64 12.80 1.49
CA MET A 51 15.40 13.83 2.17
C MET A 51 16.72 13.28 2.71
N LYS A 52 17.33 12.42 1.89
CA LYS A 52 18.60 11.82 2.27
C LYS A 52 18.42 11.05 3.59
N MET A 53 17.21 10.58 3.80
CA MET A 53 16.89 9.84 5.00
C MET A 53 16.14 8.54 4.66
N ILE A 54 16.31 7.55 5.53
CA ILE A 54 15.67 6.26 5.33
C ILE A 54 14.43 6.18 6.24
N MET A 55 13.32 5.80 5.63
CA MET A 55 12.07 5.68 6.37
C MET A 55 11.36 4.37 6.02
N THR A 56 10.76 3.77 7.05
CA THR A 56 10.06 2.51 6.86
C THR A 56 8.69 2.77 6.21
N LEU A 57 8.25 1.80 5.43
CA LEU A 57 6.97 1.90 4.74
C LEU A 57 5.99 0.89 5.34
N ASN A 58 4.98 1.42 6.02
CA ASN A 58 3.97 0.57 6.64
C ASN A 58 2.81 0.37 5.66
N VAL A 59 1.87 -0.47 6.08
CA VAL A 59 0.71 -0.76 5.26
C VAL A 59 -0.50 0.02 5.80
N GLN A 60 -1.41 0.33 4.90
CA GLN A 60 -2.61 1.06 5.27
C GLN A 60 -3.55 0.17 6.08
N GLU A 61 -3.18 -1.09 6.16
CA GLU A 61 -3.97 -2.06 6.91
C GLU A 61 -3.57 -3.49 6.53
N ARG A 62 -3.82 -4.40 7.45
CA ARG A 62 -3.48 -5.81 7.23
C ARG A 62 -3.71 -6.17 5.77
N GLY A 63 -2.93 -7.15 5.31
CA GLY A 63 -3.03 -7.61 3.93
C GLY A 63 -1.66 -8.04 3.41
N ARG A 64 -1.69 -8.83 2.34
CA ARG A 64 -0.47 -9.30 1.72
C ARG A 64 0.06 -8.27 0.73
N VAL A 65 1.35 -7.98 0.87
CA VAL A 65 2.00 -7.01 -0.01
C VAL A 65 2.43 -7.72 -1.30
N LYS A 66 2.44 -6.94 -2.38
CA LYS A 66 2.84 -7.47 -3.67
C LYS A 66 3.81 -6.51 -4.34
N TYR A 67 4.53 -7.02 -5.33
CA TYR A 67 5.50 -6.21 -6.06
C TYR A 67 4.85 -5.55 -7.27
N ILE A 68 4.93 -4.23 -7.30
CA ILE A 68 4.36 -3.46 -8.40
C ILE A 68 5.47 -2.67 -9.10
N LYS A 69 5.96 -1.66 -8.40
CA LYS A 69 7.01 -0.82 -8.94
C LYS A 69 8.37 -1.42 -8.58
N ARG A 70 9.25 -1.45 -9.57
CA ARG A 70 10.58 -2.01 -9.36
C ARG A 70 11.31 -1.22 -8.28
N PRO A 71 12.19 -1.95 -7.53
CA PRO A 71 12.97 -1.33 -6.46
C PRO A 71 14.09 -0.48 -7.02
N GLY A 72 14.02 0.82 -6.73
CA GLY A 72 15.03 1.75 -7.20
C GLY A 72 14.39 2.89 -7.98
N ALA A 73 13.07 2.85 -8.07
CA ALA A 73 12.33 3.88 -8.79
C ALA A 73 12.30 5.16 -7.95
N VAL A 74 11.73 6.20 -8.54
CA VAL A 74 11.63 7.48 -7.86
C VAL A 74 10.28 7.57 -7.17
N LEU A 75 10.33 7.65 -5.85
CA LEU A 75 9.12 7.75 -5.05
C LEU A 75 8.64 9.21 -5.02
N GLU A 76 7.40 9.39 -5.46
CA GLU A 76 6.83 10.72 -5.49
C GLU A 76 5.55 10.77 -4.63
N ALA A 77 5.23 11.96 -4.17
CA ALA A 77 4.05 12.16 -3.34
C ALA A 77 2.80 11.81 -4.15
N GLY A 78 2.05 10.87 -3.62
CA GLY A 78 0.82 10.42 -4.29
C GLY A 78 1.14 9.54 -5.49
N CYS A 79 1.91 8.49 -5.22
CA CYS A 79 2.29 7.56 -6.27
C CYS A 79 1.98 6.13 -5.79
N VAL A 80 2.10 5.19 -6.70
CA VAL A 80 1.83 3.80 -6.39
C VAL A 80 3.16 3.07 -6.13
N VAL A 81 3.14 2.22 -5.12
CA VAL A 81 4.33 1.46 -4.76
C VAL A 81 4.03 -0.03 -4.90
N ALA A 82 2.98 -0.46 -4.23
CA ALA A 82 2.58 -1.85 -4.28
C ALA A 82 1.07 -1.96 -4.06
N ARG A 83 0.59 -3.20 -4.05
CA ARG A 83 -0.82 -3.45 -3.84
C ARG A 83 -1.06 -4.07 -2.47
N LEU A 84 -2.28 -3.93 -1.98
CA LEU A 84 -2.65 -4.48 -0.68
C LEU A 84 -3.87 -5.39 -0.84
N GLU A 85 -3.66 -6.66 -0.55
CA GLU A 85 -4.73 -7.63 -0.66
C GLU A 85 -5.31 -7.93 0.72
N LEU A 86 -6.38 -7.21 1.04
CA LEU A 86 -7.04 -7.38 2.33
C LEU A 86 -7.14 -8.86 2.64
N ASP A 87 -6.50 -9.25 3.74
CA ASP A 87 -6.51 -10.63 4.18
C ASP A 87 -7.68 -10.87 5.12
N ASP A 88 -8.63 -9.93 5.08
CA ASP A 88 -9.81 -10.03 5.93
C ASP A 88 -10.73 -8.85 5.63
N PRO A 89 -11.60 -9.05 4.59
CA PRO A 89 -12.54 -8.02 4.19
C PRO A 89 -13.70 -7.91 5.19
N SER A 90 -13.92 -9.00 5.92
CA SER A 90 -14.97 -9.04 6.91
C SER A 90 -14.86 -10.32 7.75
N LYS A 91 -15.02 -11.45 7.08
CA LYS A 91 -14.94 -12.74 7.74
C LYS A 91 -16.19 -12.95 8.59
N VAL A 92 -16.86 -14.07 8.32
CA VAL A 92 -18.07 -14.41 9.04
C VAL A 92 -18.17 -15.93 9.19
N HIS A 93 -18.62 -16.35 10.37
CA HIS A 93 -18.76 -17.76 10.66
C HIS A 93 -20.22 -18.18 10.47
N PRO A 94 -20.41 -19.49 10.17
CA PRO A 94 -21.75 -20.02 9.98
C PRO A 94 -22.48 -20.19 11.31
N SER A 95 -22.88 -19.06 11.87
CA SER A 95 -23.58 -19.06 13.14
C SER A 95 -25.08 -19.28 12.91
N GLY A 96 -25.69 -18.25 12.32
CA GLY A 96 -27.12 -18.32 12.04
C GLY A 96 -27.82 -17.02 12.49
N PRO A 97 -29.06 -16.83 11.96
CA PRO A 97 -29.84 -15.65 12.30
C PRO A 97 -30.42 -15.76 13.71
N SER A 98 -29.68 -15.24 14.67
CA SER A 98 -30.11 -15.27 16.05
C SER A 98 -29.75 -13.95 16.74
N SER A 99 -29.83 -12.88 15.97
CA SER A 99 -29.52 -11.56 16.49
C SER A 99 -30.43 -11.23 17.67
N GLY A 100 -31.53 -11.98 17.76
CA GLY A 100 -32.49 -11.79 18.83
C GLY A 100 -33.73 -11.04 18.32
N GLY A 1 -11.58 12.92 -34.46
CA GLY A 1 -10.51 13.29 -33.55
C GLY A 1 -11.04 13.60 -32.16
N SER A 2 -10.12 13.96 -31.27
CA SER A 2 -10.49 14.28 -29.91
C SER A 2 -9.24 14.65 -29.10
N SER A 3 -9.43 15.53 -28.14
CA SER A 3 -8.33 15.97 -27.29
C SER A 3 -8.83 17.01 -26.29
N GLY A 4 -8.06 17.18 -25.22
CA GLY A 4 -8.41 18.14 -24.18
C GLY A 4 -7.85 17.71 -22.83
N SER A 5 -7.32 18.69 -22.11
CA SER A 5 -6.75 18.42 -20.80
C SER A 5 -6.58 19.73 -20.02
N SER A 6 -6.74 19.63 -18.72
CA SER A 6 -6.61 20.80 -17.85
C SER A 6 -6.78 20.39 -16.39
N GLY A 7 -7.96 19.87 -16.09
CA GLY A 7 -8.26 19.44 -14.73
C GLY A 7 -9.68 19.84 -14.33
N THR A 8 -10.40 18.87 -13.78
CA THR A 8 -11.77 19.11 -13.36
C THR A 8 -11.97 18.62 -11.92
N CYS A 9 -13.16 18.88 -11.40
CA CYS A 9 -13.50 18.47 -10.05
C CYS A 9 -14.91 17.88 -10.06
N VAL A 10 -15.07 16.81 -9.29
CA VAL A 10 -16.36 16.13 -9.20
C VAL A 10 -16.53 15.57 -7.79
N PHE A 11 -16.69 16.48 -6.84
CA PHE A 11 -16.87 16.09 -5.46
C PHE A 11 -15.77 15.13 -5.01
N GLU A 12 -15.79 14.81 -3.72
CA GLU A 12 -14.81 13.89 -3.16
C GLU A 12 -15.46 12.56 -2.81
N LYS A 13 -14.94 11.51 -3.41
CA LYS A 13 -15.47 10.17 -3.17
C LYS A 13 -14.58 9.15 -3.88
N GLU A 14 -13.55 8.72 -3.18
CA GLU A 14 -12.62 7.74 -3.73
C GLU A 14 -11.72 7.19 -2.62
N ASN A 15 -12.12 6.04 -2.10
CA ASN A 15 -11.36 5.40 -1.04
C ASN A 15 -11.26 3.89 -1.33
N ASP A 16 -10.12 3.33 -0.98
CA ASP A 16 -9.88 1.91 -1.19
C ASP A 16 -8.45 1.57 -0.75
N PRO A 17 -8.36 1.00 0.48
CA PRO A 17 -7.07 0.62 1.03
C PRO A 17 -6.54 -0.66 0.37
N THR A 18 -6.49 -0.62 -0.96
CA THR A 18 -6.01 -1.75 -1.72
C THR A 18 -4.67 -1.42 -2.39
N VAL A 19 -4.58 -0.20 -2.89
CA VAL A 19 -3.38 0.25 -3.56
C VAL A 19 -2.48 0.98 -2.56
N LEU A 20 -1.30 0.43 -2.36
CA LEU A 20 -0.35 1.02 -1.44
C LEU A 20 0.27 2.28 -2.06
N ARG A 21 -0.29 3.42 -1.68
CA ARG A 21 0.19 4.68 -2.19
C ARG A 21 1.26 5.27 -1.27
N SER A 22 2.16 6.04 -1.86
CA SER A 22 3.24 6.66 -1.11
C SER A 22 2.70 7.86 -0.32
N PRO A 23 2.98 7.84 1.01
CA PRO A 23 2.53 8.92 1.87
C PRO A 23 3.38 10.17 1.68
N SER A 24 4.55 9.97 1.08
CA SER A 24 5.46 11.07 0.83
C SER A 24 6.50 10.66 -0.22
N ALA A 25 7.03 11.66 -0.91
CA ALA A 25 8.03 11.42 -1.92
C ALA A 25 9.24 10.73 -1.30
N GLY A 26 10.09 10.18 -2.16
CA GLY A 26 11.29 9.50 -1.72
C GLY A 26 11.92 8.69 -2.85
N LYS A 27 12.43 7.53 -2.49
CA LYS A 27 13.07 6.64 -3.46
C LYS A 27 13.02 5.21 -2.95
N LEU A 28 12.21 4.40 -3.63
CA LEU A 28 12.07 3.00 -3.26
C LEU A 28 13.45 2.36 -3.18
N THR A 29 13.51 1.24 -2.46
CA THR A 29 14.76 0.52 -2.30
C THR A 29 14.53 -0.98 -2.41
N GLN A 30 13.73 -1.49 -1.48
CA GLN A 30 13.42 -2.91 -1.45
C GLN A 30 12.28 -3.19 -0.47
N TYR A 31 11.94 -4.47 -0.35
CA TYR A 31 10.88 -4.88 0.54
C TYR A 31 11.41 -5.78 1.66
N THR A 32 10.61 -5.92 2.69
CA THR A 32 10.99 -6.75 3.83
C THR A 32 10.09 -7.99 3.90
N VAL A 33 9.28 -8.16 2.88
CA VAL A 33 8.37 -9.29 2.82
C VAL A 33 8.55 -10.01 1.47
N GLU A 34 8.21 -11.29 1.48
CA GLU A 34 8.33 -12.10 0.27
C GLU A 34 7.11 -11.93 -0.61
N ASP A 35 7.13 -12.61 -1.74
CA ASP A 35 6.02 -12.54 -2.69
C ASP A 35 4.71 -12.71 -1.93
N GLY A 36 3.82 -11.74 -2.13
CA GLY A 36 2.52 -11.77 -1.48
C GLY A 36 2.67 -11.95 0.04
N GLY A 37 3.71 -11.33 0.57
CA GLY A 37 3.97 -11.41 2.00
C GLY A 37 2.81 -10.83 2.82
N HIS A 38 2.39 -11.59 3.81
CA HIS A 38 1.29 -11.18 4.66
C HIS A 38 1.84 -10.48 5.91
N VAL A 39 1.36 -9.27 6.14
CA VAL A 39 1.80 -8.50 7.28
C VAL A 39 0.59 -8.04 8.09
N GLU A 40 0.86 -7.25 9.12
CA GLU A 40 -0.21 -6.74 9.96
C GLU A 40 -0.27 -5.21 9.88
N ALA A 41 -1.44 -4.69 10.20
CA ALA A 41 -1.64 -3.24 10.16
C ALA A 41 -0.76 -2.58 11.22
N GLY A 42 0.35 -2.02 10.74
CA GLY A 42 1.29 -1.36 11.63
C GLY A 42 2.71 -1.87 11.41
N SER A 43 2.80 -2.93 10.63
CA SER A 43 4.09 -3.53 10.33
C SER A 43 4.74 -2.82 9.13
N SER A 44 5.85 -3.37 8.69
CA SER A 44 6.57 -2.80 7.56
C SER A 44 6.67 -3.82 6.44
N TYR A 45 6.44 -3.34 5.22
CA TYR A 45 6.49 -4.19 4.05
C TYR A 45 7.62 -3.77 3.11
N ALA A 46 8.13 -2.58 3.35
CA ALA A 46 9.21 -2.04 2.54
C ALA A 46 9.73 -0.75 3.17
N GLU A 47 10.63 -0.10 2.46
CA GLU A 47 11.21 1.15 2.93
C GLU A 47 11.40 2.13 1.77
N MET A 48 11.90 3.31 2.10
CA MET A 48 12.13 4.34 1.10
C MET A 48 13.18 5.34 1.58
N GLU A 49 13.75 6.05 0.61
CA GLU A 49 14.77 7.04 0.93
C GLU A 49 14.29 8.43 0.50
N VAL A 50 14.10 9.28 1.50
CA VAL A 50 13.65 10.64 1.24
C VAL A 50 14.49 11.62 2.09
N MET A 51 14.74 12.78 1.50
CA MET A 51 15.52 13.80 2.18
C MET A 51 16.85 13.23 2.69
N LYS A 52 17.49 12.46 1.82
CA LYS A 52 18.76 11.86 2.17
C LYS A 52 18.61 11.08 3.48
N MET A 53 17.43 10.51 3.66
CA MET A 53 17.15 9.74 4.86
C MET A 53 16.36 8.48 4.53
N ILE A 54 16.62 7.44 5.31
CA ILE A 54 15.94 6.16 5.12
C ILE A 54 14.74 6.07 6.08
N MET A 55 13.61 5.66 5.51
CA MET A 55 12.40 5.52 6.31
C MET A 55 11.67 4.23 5.95
N THR A 56 11.15 3.59 6.99
CA THR A 56 10.42 2.34 6.81
C THR A 56 9.02 2.62 6.28
N LEU A 57 8.49 1.65 5.54
CA LEU A 57 7.16 1.78 4.97
C LEU A 57 6.22 0.76 5.63
N ASN A 58 5.07 1.25 6.05
CA ASN A 58 4.09 0.41 6.70
C ASN A 58 2.84 0.30 5.81
N VAL A 59 1.96 -0.61 6.19
CA VAL A 59 0.73 -0.82 5.44
C VAL A 59 -0.39 -0.01 6.08
N GLN A 60 -1.27 0.50 5.23
CA GLN A 60 -2.39 1.29 5.71
C GLN A 60 -3.41 0.40 6.42
N GLU A 61 -3.29 -0.89 6.17
CA GLU A 61 -4.20 -1.86 6.78
C GLU A 61 -3.77 -3.29 6.42
N ARG A 62 -4.05 -4.20 7.33
CA ARG A 62 -3.71 -5.60 7.11
C ARG A 62 -3.87 -5.97 5.64
N GLY A 63 -3.04 -6.89 5.19
CA GLY A 63 -3.09 -7.35 3.81
C GLY A 63 -1.71 -7.77 3.32
N ARG A 64 -1.70 -8.57 2.26
CA ARG A 64 -0.45 -9.04 1.70
C ARG A 64 0.12 -8.01 0.71
N VAL A 65 1.41 -7.77 0.84
CA VAL A 65 2.08 -6.82 -0.04
C VAL A 65 2.62 -7.55 -1.26
N LYS A 66 2.53 -6.87 -2.40
CA LYS A 66 3.00 -7.44 -3.65
C LYS A 66 3.96 -6.46 -4.33
N TYR A 67 4.73 -6.98 -5.26
CA TYR A 67 5.69 -6.16 -5.98
C TYR A 67 5.08 -5.63 -7.28
N ILE A 68 5.12 -4.31 -7.41
CA ILE A 68 4.58 -3.66 -8.59
C ILE A 68 5.63 -2.74 -9.19
N LYS A 69 6.04 -1.76 -8.39
CA LYS A 69 7.04 -0.81 -8.83
C LYS A 69 8.43 -1.35 -8.49
N ARG A 70 9.27 -1.43 -9.52
CA ARG A 70 10.63 -1.92 -9.34
C ARG A 70 11.30 -1.22 -8.17
N PRO A 71 12.21 -1.97 -7.50
CA PRO A 71 12.93 -1.44 -6.35
C PRO A 71 14.01 -0.45 -6.80
N GLY A 72 13.88 0.78 -6.32
CA GLY A 72 14.84 1.81 -6.66
C GLY A 72 14.19 2.90 -7.52
N ALA A 73 12.89 2.74 -7.75
CA ALA A 73 12.15 3.70 -8.55
C ALA A 73 12.08 5.03 -7.80
N VAL A 74 11.48 6.01 -8.46
CA VAL A 74 11.35 7.34 -7.88
C VAL A 74 10.01 7.42 -7.13
N LEU A 75 10.13 7.57 -5.81
CA LEU A 75 8.95 7.67 -4.97
C LEU A 75 8.46 9.11 -4.93
N GLU A 76 7.24 9.30 -5.39
CA GLU A 76 6.65 10.63 -5.42
C GLU A 76 5.39 10.66 -4.55
N ALA A 77 5.10 11.85 -4.03
CA ALA A 77 3.93 12.04 -3.19
C ALA A 77 2.67 11.80 -4.02
N GLY A 78 1.93 10.78 -3.63
CA GLY A 78 0.69 10.42 -4.32
C GLY A 78 0.99 9.57 -5.56
N CYS A 79 1.69 8.47 -5.32
CA CYS A 79 2.04 7.56 -6.40
C CYS A 79 1.80 6.13 -5.92
N VAL A 80 1.94 5.19 -6.84
CA VAL A 80 1.75 3.79 -6.52
C VAL A 80 3.10 3.15 -6.20
N VAL A 81 3.07 2.20 -5.27
CA VAL A 81 4.28 1.51 -4.86
C VAL A 81 4.05 0.00 -4.97
N ALA A 82 3.16 -0.49 -4.11
CA ALA A 82 2.84 -1.91 -4.10
C ALA A 82 1.32 -2.09 -4.00
N ARG A 83 0.92 -3.34 -3.89
CA ARG A 83 -0.49 -3.66 -3.78
C ARG A 83 -0.80 -4.24 -2.39
N LEU A 84 -1.99 -3.93 -1.91
CA LEU A 84 -2.42 -4.42 -0.61
C LEU A 84 -3.55 -5.44 -0.80
N GLU A 85 -3.22 -6.69 -0.49
CA GLU A 85 -4.18 -7.76 -0.61
C GLU A 85 -4.95 -7.95 0.71
N LEU A 86 -6.13 -7.36 0.76
CA LEU A 86 -6.97 -7.45 1.94
C LEU A 86 -7.25 -8.92 2.26
N ASP A 87 -6.64 -9.40 3.32
CA ASP A 87 -6.81 -10.78 3.73
C ASP A 87 -8.17 -10.95 4.40
N ASP A 88 -8.81 -9.81 4.65
CA ASP A 88 -10.11 -9.81 5.28
C ASP A 88 -10.92 -8.60 4.80
N PRO A 89 -11.79 -8.86 3.79
CA PRO A 89 -12.61 -7.81 3.22
C PRO A 89 -13.77 -7.45 4.16
N SER A 90 -14.06 -8.37 5.06
CA SER A 90 -15.12 -8.16 6.03
C SER A 90 -15.19 -9.34 7.01
N LYS A 91 -15.44 -9.02 8.26
CA LYS A 91 -15.53 -10.03 9.29
C LYS A 91 -16.22 -9.45 10.52
N VAL A 92 -17.54 -9.31 10.41
CA VAL A 92 -18.33 -8.76 11.51
C VAL A 92 -18.62 -9.87 12.52
N HIS A 93 -18.51 -9.51 13.78
CA HIS A 93 -18.77 -10.46 14.86
C HIS A 93 -17.74 -11.59 14.80
N PRO A 94 -16.77 -11.53 15.75
CA PRO A 94 -15.73 -12.54 15.81
C PRO A 94 -16.27 -13.86 16.38
N SER A 95 -15.41 -14.87 16.35
CA SER A 95 -15.78 -16.18 16.87
C SER A 95 -15.19 -16.38 18.26
N GLY A 96 -15.99 -16.02 19.26
CA GLY A 96 -15.56 -16.16 20.64
C GLY A 96 -16.75 -16.09 21.60
N PRO A 97 -16.56 -16.68 22.80
CA PRO A 97 -17.61 -16.69 23.81
C PRO A 97 -17.72 -15.32 24.48
N SER A 98 -18.89 -15.08 25.06
CA SER A 98 -19.15 -13.82 25.73
C SER A 98 -19.37 -14.06 27.23
N SER A 99 -19.28 -12.97 27.98
CA SER A 99 -19.46 -13.05 29.42
C SER A 99 -19.75 -11.67 29.99
N GLY A 100 -20.62 -11.64 30.99
CA GLY A 100 -21.00 -10.38 31.63
C GLY A 100 -20.29 -10.23 32.99
N GLY A 1 0.20 -11.12 -21.60
CA GLY A 1 -1.19 -10.68 -21.65
C GLY A 1 -1.30 -9.25 -22.19
N SER A 2 -2.34 -8.57 -21.75
CA SER A 2 -2.57 -7.19 -22.17
C SER A 2 -3.82 -6.64 -21.47
N SER A 3 -3.70 -5.39 -21.04
CA SER A 3 -4.81 -4.73 -20.36
C SER A 3 -4.68 -3.21 -20.51
N GLY A 4 -5.82 -2.54 -20.42
CA GLY A 4 -5.85 -1.09 -20.55
C GLY A 4 -7.20 -0.53 -20.11
N SER A 5 -7.24 -0.07 -18.87
CA SER A 5 -8.46 0.49 -18.31
C SER A 5 -8.23 1.95 -17.92
N SER A 6 -8.40 2.83 -18.90
CA SER A 6 -8.22 4.25 -18.68
C SER A 6 -8.99 4.69 -17.43
N GLY A 7 -8.25 5.29 -16.50
CA GLY A 7 -8.84 5.75 -15.26
C GLY A 7 -10.03 6.69 -15.54
N THR A 8 -11.22 6.21 -15.21
CA THR A 8 -12.42 6.98 -15.41
C THR A 8 -12.23 8.41 -14.90
N CYS A 9 -12.12 9.33 -15.83
CA CYS A 9 -11.93 10.73 -15.48
C CYS A 9 -13.28 11.45 -15.63
N VAL A 10 -14.12 11.25 -14.62
CA VAL A 10 -15.44 11.88 -14.63
C VAL A 10 -15.59 12.74 -13.38
N PHE A 11 -14.74 13.76 -13.29
CA PHE A 11 -14.77 14.67 -12.16
C PHE A 11 -14.45 13.94 -10.86
N GLU A 12 -13.18 14.01 -10.48
CA GLU A 12 -12.73 13.36 -9.27
C GLU A 12 -13.42 12.00 -9.09
N LYS A 13 -12.78 10.98 -9.64
CA LYS A 13 -13.33 9.63 -9.55
C LYS A 13 -12.19 8.63 -9.40
N GLU A 14 -11.84 8.36 -8.15
CA GLU A 14 -10.76 7.43 -7.86
C GLU A 14 -11.17 6.48 -6.74
N ASN A 15 -11.13 5.19 -7.05
CA ASN A 15 -11.50 4.18 -6.08
C ASN A 15 -10.52 3.01 -6.17
N ASP A 16 -10.03 2.58 -5.01
CA ASP A 16 -9.09 1.48 -4.95
C ASP A 16 -8.40 1.47 -3.59
N PRO A 17 -9.10 0.83 -2.60
CA PRO A 17 -8.56 0.75 -1.25
C PRO A 17 -7.42 -0.28 -1.17
N THR A 18 -7.17 -0.92 -2.31
CA THR A 18 -6.12 -1.92 -2.38
C THR A 18 -4.92 -1.37 -3.13
N VAL A 19 -4.56 -0.14 -2.80
CA VAL A 19 -3.43 0.52 -3.44
C VAL A 19 -2.53 1.13 -2.37
N LEU A 20 -1.27 0.67 -2.37
CA LEU A 20 -0.31 1.15 -1.42
C LEU A 20 0.37 2.41 -1.97
N ARG A 21 -0.22 3.56 -1.63
CA ARG A 21 0.31 4.83 -2.09
C ARG A 21 1.36 5.34 -1.10
N SER A 22 2.30 6.11 -1.65
CA SER A 22 3.37 6.66 -0.83
C SER A 22 2.86 7.89 -0.07
N PRO A 23 3.29 7.98 1.22
CA PRO A 23 2.88 9.09 2.07
C PRO A 23 3.63 10.37 1.68
N SER A 24 4.80 10.18 1.11
CA SER A 24 5.63 11.31 0.69
C SER A 24 6.72 10.83 -0.28
N ALA A 25 7.15 11.76 -1.12
CA ALA A 25 8.18 11.45 -2.09
C ALA A 25 9.36 10.77 -1.40
N GLY A 26 10.28 10.26 -2.21
CA GLY A 26 11.45 9.59 -1.68
C GLY A 26 12.16 8.78 -2.77
N LYS A 27 12.57 7.58 -2.39
CA LYS A 27 13.25 6.69 -3.32
C LYS A 27 13.13 5.25 -2.84
N LEU A 28 12.44 4.45 -3.63
CA LEU A 28 12.24 3.05 -3.31
C LEU A 28 13.58 2.33 -3.30
N THR A 29 13.62 1.21 -2.60
CA THR A 29 14.83 0.42 -2.51
C THR A 29 14.52 -1.07 -2.62
N GLN A 30 13.66 -1.52 -1.71
CA GLN A 30 13.26 -2.92 -1.70
C GLN A 30 12.25 -3.17 -0.58
N TYR A 31 11.73 -4.39 -0.56
CA TYR A 31 10.74 -4.77 0.43
C TYR A 31 11.38 -5.63 1.53
N THR A 32 10.64 -5.80 2.62
CA THR A 32 11.12 -6.59 3.73
C THR A 32 10.27 -7.85 3.89
N VAL A 33 9.41 -8.07 2.91
CA VAL A 33 8.53 -9.23 2.93
C VAL A 33 8.71 -10.03 1.65
N GLU A 34 8.35 -11.29 1.71
CA GLU A 34 8.47 -12.17 0.56
C GLU A 34 7.25 -12.04 -0.34
N ASP A 35 7.26 -12.80 -1.42
CA ASP A 35 6.16 -12.77 -2.37
C ASP A 35 4.83 -12.91 -1.61
N GLY A 36 3.95 -11.94 -1.84
CA GLY A 36 2.66 -11.94 -1.20
C GLY A 36 2.81 -11.99 0.33
N GLY A 37 3.84 -11.31 0.81
CA GLY A 37 4.10 -11.27 2.24
C GLY A 37 2.87 -10.80 3.01
N HIS A 38 2.54 -11.55 4.05
CA HIS A 38 1.38 -11.22 4.87
C HIS A 38 1.85 -10.56 6.17
N VAL A 39 1.60 -9.26 6.27
CA VAL A 39 2.00 -8.51 7.44
C VAL A 39 0.74 -8.06 8.20
N GLU A 40 0.97 -7.28 9.25
CA GLU A 40 -0.13 -6.78 10.06
C GLU A 40 -0.29 -5.27 9.86
N ALA A 41 -1.50 -4.80 10.13
CA ALA A 41 -1.80 -3.39 9.98
C ALA A 41 -0.98 -2.58 11.00
N GLY A 42 0.18 -2.12 10.55
CA GLY A 42 1.06 -1.35 11.41
C GLY A 42 2.52 -1.77 11.22
N SER A 43 2.69 -2.91 10.58
CA SER A 43 4.02 -3.43 10.32
C SER A 43 4.63 -2.73 9.10
N SER A 44 5.80 -3.21 8.71
CA SER A 44 6.49 -2.65 7.55
C SER A 44 6.68 -3.72 6.48
N TYR A 45 6.42 -3.33 5.24
CA TYR A 45 6.55 -4.24 4.11
C TYR A 45 7.66 -3.78 3.17
N ALA A 46 8.07 -2.53 3.34
CA ALA A 46 9.12 -1.97 2.52
C ALA A 46 9.65 -0.68 3.17
N GLU A 47 10.52 0.00 2.44
CA GLU A 47 11.10 1.23 2.95
C GLU A 47 11.25 2.25 1.81
N MET A 48 11.77 3.41 2.16
CA MET A 48 11.97 4.47 1.18
C MET A 48 13.05 5.45 1.65
N GLU A 49 13.62 6.15 0.68
CA GLU A 49 14.66 7.12 0.99
C GLU A 49 14.23 8.52 0.52
N VAL A 50 14.03 9.39 1.49
CA VAL A 50 13.62 10.76 1.20
C VAL A 50 14.47 11.73 2.02
N MET A 51 14.78 12.85 1.40
CA MET A 51 15.59 13.88 2.06
C MET A 51 16.90 13.28 2.57
N LYS A 52 17.43 12.34 1.81
CA LYS A 52 18.67 11.69 2.18
C LYS A 52 18.47 10.92 3.49
N MET A 53 17.23 10.52 3.72
CA MET A 53 16.89 9.77 4.91
C MET A 53 16.10 8.50 4.57
N ILE A 54 16.47 7.42 5.23
CA ILE A 54 15.81 6.15 5.00
C ILE A 54 14.63 6.01 5.97
N MET A 55 13.44 5.84 5.40
CA MET A 55 12.25 5.69 6.20
C MET A 55 11.53 4.38 5.88
N THR A 56 11.03 3.74 6.94
CA THR A 56 10.32 2.47 6.78
C THR A 56 8.92 2.71 6.24
N LEU A 57 8.45 1.76 5.45
CA LEU A 57 7.12 1.85 4.86
C LEU A 57 6.19 0.88 5.58
N ASN A 58 4.97 1.34 5.81
CA ASN A 58 3.98 0.51 6.49
C ASN A 58 2.85 0.19 5.51
N VAL A 59 2.00 -0.74 5.92
CA VAL A 59 0.87 -1.15 5.09
C VAL A 59 -0.36 -0.31 5.46
N GLN A 60 -1.14 0.00 4.44
CA GLN A 60 -2.35 0.79 4.65
C GLN A 60 -3.34 0.04 5.55
N GLU A 61 -3.13 -1.27 5.63
CA GLU A 61 -3.98 -2.12 6.44
C GLU A 61 -3.64 -3.59 6.23
N ARG A 62 -3.85 -4.37 7.28
CA ARG A 62 -3.56 -5.80 7.22
C ARG A 62 -3.92 -6.34 5.84
N GLY A 63 -3.05 -7.23 5.35
CA GLY A 63 -3.25 -7.84 4.05
C GLY A 63 -1.97 -8.51 3.55
N ARG A 64 -1.76 -8.40 2.24
CA ARG A 64 -0.58 -8.98 1.63
C ARG A 64 0.10 -7.97 0.71
N VAL A 65 1.39 -7.75 0.97
CA VAL A 65 2.15 -6.80 0.18
C VAL A 65 2.69 -7.51 -1.07
N LYS A 66 2.63 -6.80 -2.19
CA LYS A 66 3.11 -7.35 -3.45
C LYS A 66 4.06 -6.35 -4.11
N TYR A 67 4.83 -6.86 -5.05
CA TYR A 67 5.79 -6.03 -5.76
C TYR A 67 5.18 -5.48 -7.05
N ILE A 68 5.05 -4.16 -7.09
CA ILE A 68 4.49 -3.49 -8.25
C ILE A 68 5.58 -2.67 -8.94
N LYS A 69 5.96 -1.58 -8.28
CA LYS A 69 6.97 -0.70 -8.82
C LYS A 69 8.35 -1.29 -8.51
N ARG A 70 9.12 -1.53 -9.57
CA ARG A 70 10.45 -2.09 -9.41
C ARG A 70 11.21 -1.36 -8.30
N PRO A 71 12.10 -2.12 -7.61
CA PRO A 71 12.88 -1.57 -6.52
C PRO A 71 14.00 -0.69 -7.06
N GLY A 72 13.93 0.59 -6.70
CA GLY A 72 14.93 1.55 -7.14
C GLY A 72 14.30 2.69 -7.93
N ALA A 73 12.97 2.67 -7.98
CA ALA A 73 12.23 3.68 -8.70
C ALA A 73 12.23 4.98 -7.89
N VAL A 74 11.64 6.01 -8.47
CA VAL A 74 11.57 7.30 -7.82
C VAL A 74 10.25 7.41 -7.06
N LEU A 75 10.37 7.53 -5.74
CA LEU A 75 9.20 7.63 -4.89
C LEU A 75 8.65 9.07 -4.97
N GLU A 76 7.36 9.15 -5.25
CA GLU A 76 6.70 10.44 -5.36
C GLU A 76 5.49 10.50 -4.43
N ALA A 77 5.21 11.70 -3.94
CA ALA A 77 4.08 11.90 -3.05
C ALA A 77 2.78 11.62 -3.80
N GLY A 78 2.01 10.69 -3.26
CA GLY A 78 0.74 10.31 -3.87
C GLY A 78 0.97 9.51 -5.15
N CYS A 79 1.83 8.52 -5.04
CA CYS A 79 2.15 7.67 -6.17
C CYS A 79 1.90 6.21 -5.76
N VAL A 80 2.00 5.32 -6.74
CA VAL A 80 1.80 3.91 -6.50
C VAL A 80 3.13 3.27 -6.10
N VAL A 81 3.02 2.29 -5.22
CA VAL A 81 4.21 1.58 -4.74
C VAL A 81 4.00 0.08 -4.89
N ALA A 82 3.00 -0.43 -4.18
CA ALA A 82 2.68 -1.84 -4.22
C ALA A 82 1.17 -2.03 -4.06
N ARG A 83 0.77 -3.28 -3.96
CA ARG A 83 -0.64 -3.61 -3.80
C ARG A 83 -0.90 -4.17 -2.41
N LEU A 84 -2.12 -3.96 -1.94
CA LEU A 84 -2.51 -4.44 -0.62
C LEU A 84 -3.76 -5.31 -0.75
N GLU A 85 -3.62 -6.56 -0.33
CA GLU A 85 -4.73 -7.49 -0.40
C GLU A 85 -5.45 -7.57 0.96
N LEU A 86 -6.47 -6.73 1.09
CA LEU A 86 -7.24 -6.69 2.33
C LEU A 86 -7.97 -8.02 2.52
N ASP A 87 -7.59 -8.73 3.56
CA ASP A 87 -8.19 -10.02 3.87
C ASP A 87 -9.61 -9.79 4.39
N ASP A 88 -9.94 -8.53 4.60
CA ASP A 88 -11.25 -8.17 5.11
C ASP A 88 -11.62 -6.76 4.62
N PRO A 89 -12.34 -6.72 3.46
CA PRO A 89 -12.75 -5.46 2.88
C PRO A 89 -13.91 -4.85 3.67
N SER A 90 -14.21 -3.59 3.35
CA SER A 90 -15.29 -2.89 4.02
C SER A 90 -15.17 -3.07 5.54
N LYS A 91 -14.43 -2.16 6.16
CA LYS A 91 -14.24 -2.20 7.59
C LYS A 91 -14.60 -0.84 8.20
N VAL A 92 -15.89 -0.68 8.46
CA VAL A 92 -16.38 0.57 9.04
C VAL A 92 -16.71 0.34 10.51
N HIS A 93 -17.48 -0.71 10.76
CA HIS A 93 -17.88 -1.04 12.12
C HIS A 93 -18.21 0.24 12.88
N PRO A 94 -19.38 0.84 12.52
CA PRO A 94 -19.81 2.06 13.17
C PRO A 94 -20.35 1.79 14.57
N SER A 95 -20.68 2.86 15.28
CA SER A 95 -21.20 2.74 16.63
C SER A 95 -22.70 3.06 16.64
N GLY A 96 -23.36 2.64 17.71
CA GLY A 96 -24.79 2.87 17.85
C GLY A 96 -25.22 2.75 19.30
N PRO A 97 -26.46 3.25 19.58
CA PRO A 97 -27.00 3.19 20.93
C PRO A 97 -27.44 1.78 21.29
N SER A 98 -26.84 1.27 22.35
CA SER A 98 -27.15 -0.07 22.82
C SER A 98 -28.34 -0.03 23.78
N SER A 99 -29.01 -1.17 23.90
CA SER A 99 -30.17 -1.27 24.77
C SER A 99 -29.77 -1.96 26.08
N GLY A 100 -29.91 -1.22 27.16
CA GLY A 100 -29.57 -1.75 28.48
C GLY A 100 -30.62 -2.75 28.95
N GLY A 1 -24.64 -10.37 0.45
CA GLY A 1 -24.47 -9.35 -0.57
C GLY A 1 -24.21 -9.98 -1.93
N SER A 2 -24.47 -9.20 -2.98
CA SER A 2 -24.28 -9.66 -4.34
C SER A 2 -23.92 -8.48 -5.25
N SER A 3 -23.22 -8.80 -6.33
CA SER A 3 -22.81 -7.79 -7.28
C SER A 3 -22.51 -8.43 -8.63
N GLY A 4 -22.84 -7.70 -9.69
CA GLY A 4 -22.61 -8.19 -11.04
C GLY A 4 -21.28 -7.67 -11.59
N SER A 5 -21.01 -8.02 -12.84
CA SER A 5 -19.78 -7.61 -13.49
C SER A 5 -20.00 -6.29 -14.23
N SER A 6 -18.89 -5.62 -14.50
CA SER A 6 -18.95 -4.34 -15.21
C SER A 6 -17.53 -3.87 -15.55
N GLY A 7 -17.21 -3.95 -16.83
CA GLY A 7 -15.90 -3.54 -17.30
C GLY A 7 -15.94 -2.11 -17.85
N THR A 8 -16.46 -1.21 -17.04
CA THR A 8 -16.56 0.19 -17.43
C THR A 8 -15.66 1.05 -16.55
N CYS A 9 -15.00 2.01 -17.19
CA CYS A 9 -14.11 2.91 -16.47
C CYS A 9 -14.90 3.55 -15.33
N VAL A 10 -15.93 4.29 -15.70
CA VAL A 10 -16.77 4.96 -14.72
C VAL A 10 -15.88 5.74 -13.75
N PHE A 11 -15.26 6.79 -14.27
CA PHE A 11 -14.38 7.63 -13.47
C PHE A 11 -15.06 8.02 -12.15
N GLU A 12 -14.33 7.83 -11.07
CA GLU A 12 -14.84 8.15 -9.75
C GLU A 12 -13.74 8.01 -8.70
N LYS A 13 -14.06 8.44 -7.48
CA LYS A 13 -13.11 8.37 -6.38
C LYS A 13 -13.79 7.75 -5.16
N GLU A 14 -13.20 6.66 -4.68
CA GLU A 14 -13.74 5.97 -3.53
C GLU A 14 -12.61 5.42 -2.66
N ASN A 15 -12.97 5.01 -1.45
CA ASN A 15 -12.00 4.46 -0.53
C ASN A 15 -11.72 3.00 -0.88
N ASP A 16 -10.45 2.63 -0.82
CA ASP A 16 -10.05 1.28 -1.13
C ASP A 16 -8.57 1.10 -0.77
N PRO A 17 -8.34 0.62 0.49
CA PRO A 17 -6.99 0.40 0.96
C PRO A 17 -6.39 -0.86 0.35
N THR A 18 -6.41 -0.90 -0.97
CA THR A 18 -5.87 -2.05 -1.69
C THR A 18 -4.62 -1.65 -2.46
N VAL A 19 -4.35 -0.35 -2.47
CA VAL A 19 -3.19 0.18 -3.16
C VAL A 19 -2.34 0.97 -2.19
N LEU A 20 -1.10 0.50 -2.01
CA LEU A 20 -0.17 1.16 -1.10
C LEU A 20 0.35 2.43 -1.77
N ARG A 21 -0.34 3.53 -1.52
CA ARG A 21 0.05 4.81 -2.08
C ARG A 21 1.23 5.40 -1.30
N SER A 22 1.93 6.32 -1.95
CA SER A 22 3.07 6.96 -1.32
C SER A 22 2.61 8.18 -0.52
N PRO A 23 2.82 8.10 0.82
CA PRO A 23 2.44 9.18 1.71
C PRO A 23 3.42 10.35 1.60
N SER A 24 4.55 10.08 0.95
CA SER A 24 5.57 11.10 0.77
C SER A 24 6.56 10.66 -0.31
N ALA A 25 7.18 11.65 -0.93
CA ALA A 25 8.15 11.38 -1.98
C ALA A 25 9.40 10.74 -1.35
N GLY A 26 10.06 9.92 -2.14
CA GLY A 26 11.27 9.24 -1.68
C GLY A 26 11.92 8.45 -2.82
N LYS A 27 12.56 7.36 -2.44
CA LYS A 27 13.22 6.50 -3.41
C LYS A 27 13.11 5.05 -2.97
N LEU A 28 12.26 4.31 -3.68
CA LEU A 28 12.05 2.91 -3.37
C LEU A 28 13.39 2.17 -3.40
N THR A 29 13.59 1.34 -2.39
CA THR A 29 14.83 0.56 -2.29
C THR A 29 14.53 -0.92 -2.43
N GLN A 30 13.80 -1.45 -1.45
CA GLN A 30 13.45 -2.86 -1.45
C GLN A 30 12.32 -3.12 -0.46
N TYR A 31 11.99 -4.40 -0.32
CA TYR A 31 10.92 -4.80 0.59
C TYR A 31 11.47 -5.65 1.74
N THR A 32 10.57 -6.04 2.62
CA THR A 32 10.95 -6.86 3.76
C THR A 32 10.05 -8.09 3.86
N VAL A 33 9.21 -8.24 2.85
CA VAL A 33 8.29 -9.37 2.81
C VAL A 33 8.48 -10.13 1.49
N GLU A 34 8.06 -11.39 1.50
CA GLU A 34 8.17 -12.23 0.31
C GLU A 34 6.93 -12.07 -0.56
N ASP A 35 6.94 -12.78 -1.68
CA ASP A 35 5.82 -12.73 -2.61
C ASP A 35 4.51 -12.84 -1.83
N GLY A 36 3.65 -11.86 -2.05
CA GLY A 36 2.35 -11.83 -1.38
C GLY A 36 2.53 -11.90 0.14
N GLY A 37 3.57 -11.23 0.61
CA GLY A 37 3.86 -11.22 2.03
C GLY A 37 2.68 -10.64 2.82
N HIS A 38 2.30 -11.36 3.87
CA HIS A 38 1.19 -10.93 4.71
C HIS A 38 1.74 -10.31 6.00
N VAL A 39 1.26 -9.11 6.28
CA VAL A 39 1.69 -8.39 7.47
C VAL A 39 0.46 -7.82 8.19
N GLU A 40 0.73 -7.11 9.27
CA GLU A 40 -0.35 -6.51 10.06
C GLU A 40 -0.30 -4.98 9.91
N ALA A 41 -1.46 -4.37 10.12
CA ALA A 41 -1.56 -2.92 10.03
C ALA A 41 -0.60 -2.28 11.02
N GLY A 42 0.47 -1.72 10.47
CA GLY A 42 1.48 -1.07 11.28
C GLY A 42 2.87 -1.63 10.99
N SER A 43 2.90 -2.91 10.65
CA SER A 43 4.15 -3.58 10.35
C SER A 43 4.81 -2.92 9.13
N SER A 44 6.06 -3.28 8.91
CA SER A 44 6.82 -2.73 7.79
C SER A 44 6.99 -3.80 6.71
N TYR A 45 6.70 -3.41 5.48
CA TYR A 45 6.82 -4.32 4.35
C TYR A 45 7.90 -3.86 3.39
N ALA A 46 8.21 -2.56 3.46
CA ALA A 46 9.22 -1.98 2.60
C ALA A 46 9.72 -0.67 3.22
N GLU A 47 10.63 -0.04 2.51
CA GLU A 47 11.20 1.23 2.99
C GLU A 47 11.34 2.21 1.82
N MET A 48 11.86 3.38 2.14
CA MET A 48 12.05 4.42 1.13
C MET A 48 13.09 5.45 1.59
N GLU A 49 13.74 6.05 0.62
CA GLU A 49 14.76 7.05 0.92
C GLU A 49 14.28 8.44 0.47
N VAL A 50 14.08 9.29 1.45
CA VAL A 50 13.62 10.65 1.18
C VAL A 50 14.47 11.64 1.98
N MET A 51 14.69 12.81 1.39
CA MET A 51 15.48 13.84 2.04
C MET A 51 16.85 13.31 2.44
N LYS A 52 17.34 12.35 1.67
CA LYS A 52 18.63 11.75 1.93
C LYS A 52 18.54 10.87 3.19
N MET A 53 17.30 10.64 3.62
CA MET A 53 17.06 9.83 4.79
C MET A 53 16.27 8.58 4.44
N ILE A 54 16.45 7.54 5.26
CA ILE A 54 15.76 6.29 5.04
C ILE A 54 14.52 6.23 5.93
N MET A 55 13.41 5.84 5.31
CA MET A 55 12.15 5.73 6.03
C MET A 55 11.48 4.39 5.77
N THR A 56 10.91 3.83 6.83
CA THR A 56 10.24 2.55 6.74
C THR A 56 8.82 2.73 6.21
N LEU A 57 8.38 1.75 5.44
CA LEU A 57 7.04 1.79 4.87
C LEU A 57 6.18 0.70 5.51
N ASN A 58 5.07 1.14 6.09
CA ASN A 58 4.16 0.21 6.75
C ASN A 58 2.89 0.06 5.90
N VAL A 59 2.09 -0.93 6.25
CA VAL A 59 0.85 -1.19 5.53
C VAL A 59 -0.29 -0.43 6.21
N GLN A 60 -1.06 0.28 5.40
CA GLN A 60 -2.18 1.04 5.91
C GLN A 60 -3.18 0.12 6.60
N GLU A 61 -3.25 -1.10 6.10
CA GLU A 61 -4.17 -2.09 6.66
C GLU A 61 -3.70 -3.50 6.31
N ARG A 62 -3.69 -4.35 7.32
CA ARG A 62 -3.27 -5.73 7.14
C ARG A 62 -3.72 -6.24 5.77
N GLY A 63 -2.95 -7.19 5.26
CA GLY A 63 -3.25 -7.78 3.96
C GLY A 63 -2.03 -8.52 3.40
N ARG A 64 -1.83 -8.35 2.10
CA ARG A 64 -0.71 -9.00 1.43
C ARG A 64 -0.03 -8.02 0.48
N VAL A 65 1.26 -7.79 0.73
CA VAL A 65 2.03 -6.88 -0.09
C VAL A 65 2.54 -7.62 -1.33
N LYS A 66 2.64 -6.89 -2.43
CA LYS A 66 3.10 -7.47 -3.67
C LYS A 66 4.05 -6.48 -4.37
N TYR A 67 4.82 -7.01 -5.31
CA TYR A 67 5.77 -6.19 -6.05
C TYR A 67 5.09 -5.55 -7.26
N ILE A 68 5.03 -4.23 -7.22
CA ILE A 68 4.42 -3.48 -8.31
C ILE A 68 5.50 -2.65 -9.03
N LYS A 69 6.01 -1.66 -8.33
CA LYS A 69 7.05 -0.80 -8.88
C LYS A 69 8.41 -1.39 -8.55
N ARG A 70 9.25 -1.46 -9.57
CA ARG A 70 10.59 -2.00 -9.40
C ARG A 70 11.31 -1.29 -8.26
N PRO A 71 12.17 -2.06 -7.54
CA PRO A 71 12.91 -1.53 -6.42
C PRO A 71 14.07 -0.63 -6.91
N GLY A 72 14.00 0.63 -6.52
CA GLY A 72 15.01 1.59 -6.92
C GLY A 72 14.41 2.74 -7.71
N ALA A 73 13.09 2.70 -7.85
CA ALA A 73 12.38 3.73 -8.58
C ALA A 73 12.34 5.02 -7.74
N VAL A 74 11.78 6.05 -8.33
CA VAL A 74 11.68 7.34 -7.65
C VAL A 74 10.29 7.46 -7.03
N LEU A 75 10.28 7.54 -5.71
CA LEU A 75 9.02 7.66 -4.98
C LEU A 75 8.56 9.12 -5.01
N GLU A 76 7.27 9.29 -5.26
CA GLU A 76 6.68 10.61 -5.32
C GLU A 76 5.38 10.67 -4.51
N ALA A 77 5.07 11.87 -4.03
CA ALA A 77 3.87 12.06 -3.24
C ALA A 77 2.65 11.72 -4.10
N GLY A 78 1.76 10.92 -3.52
CA GLY A 78 0.55 10.51 -4.22
C GLY A 78 0.89 9.64 -5.43
N CYS A 79 1.55 8.52 -5.15
CA CYS A 79 1.93 7.61 -6.21
C CYS A 79 1.68 6.18 -5.72
N VAL A 80 1.86 5.23 -6.63
CA VAL A 80 1.67 3.83 -6.30
C VAL A 80 3.02 3.20 -5.96
N VAL A 81 2.99 2.27 -5.02
CA VAL A 81 4.20 1.59 -4.61
C VAL A 81 4.03 0.08 -4.81
N ALA A 82 3.12 -0.49 -4.03
CA ALA A 82 2.86 -1.91 -4.12
C ALA A 82 1.34 -2.15 -4.06
N ARG A 83 0.97 -3.42 -4.12
CA ARG A 83 -0.43 -3.79 -4.07
C ARG A 83 -0.75 -4.49 -2.75
N LEU A 84 -1.94 -4.21 -2.24
CA LEU A 84 -2.38 -4.81 -1.00
C LEU A 84 -3.73 -5.50 -1.21
N GLU A 85 -3.69 -6.82 -1.16
CA GLU A 85 -4.89 -7.62 -1.35
C GLU A 85 -5.56 -7.89 0.00
N LEU A 86 -6.50 -7.02 0.35
CA LEU A 86 -7.22 -7.16 1.60
C LEU A 86 -7.61 -8.63 1.80
N ASP A 87 -7.08 -9.21 2.86
CA ASP A 87 -7.37 -10.59 3.18
C ASP A 87 -8.59 -10.66 4.10
N ASP A 88 -9.00 -9.50 4.58
CA ASP A 88 -10.15 -9.41 5.46
C ASP A 88 -11.03 -8.24 5.03
N PRO A 89 -11.76 -8.46 3.91
CA PRO A 89 -12.66 -7.44 3.39
C PRO A 89 -13.92 -7.32 4.24
N SER A 90 -14.76 -6.35 3.87
CA SER A 90 -16.00 -6.13 4.59
C SER A 90 -16.75 -4.94 3.98
N LYS A 91 -16.12 -3.78 4.08
CA LYS A 91 -16.70 -2.56 3.55
C LYS A 91 -16.46 -2.49 2.04
N VAL A 92 -17.25 -3.26 1.31
CA VAL A 92 -17.13 -3.30 -0.14
C VAL A 92 -18.33 -2.56 -0.76
N HIS A 93 -18.19 -1.26 -0.85
CA HIS A 93 -19.24 -0.43 -1.43
C HIS A 93 -20.49 -0.51 -0.56
N PRO A 94 -21.30 0.59 -0.60
CA PRO A 94 -22.52 0.64 0.17
C PRO A 94 -23.61 -0.23 -0.44
N SER A 95 -24.54 -0.64 0.40
CA SER A 95 -25.64 -1.48 -0.05
C SER A 95 -26.36 -2.11 1.16
N GLY A 96 -27.67 -1.93 1.18
CA GLY A 96 -28.47 -2.47 2.27
C GLY A 96 -29.85 -2.90 1.76
N PRO A 97 -30.48 -3.82 2.54
CA PRO A 97 -31.79 -4.32 2.19
C PRO A 97 -32.88 -3.28 2.49
N SER A 98 -34.06 -3.54 1.95
CA SER A 98 -35.18 -2.63 2.15
C SER A 98 -36.17 -3.23 3.15
N SER A 99 -36.56 -2.41 4.12
CA SER A 99 -37.50 -2.84 5.14
C SER A 99 -38.77 -3.36 4.50
N GLY A 100 -38.98 -4.67 4.61
CA GLY A 100 -40.15 -5.31 4.05
C GLY A 100 -40.97 -6.01 5.13
N GLY A 1 -25.66 -10.09 -11.17
CA GLY A 1 -24.52 -9.41 -11.74
C GLY A 1 -24.30 -8.04 -11.09
N SER A 2 -23.06 -7.77 -10.74
CA SER A 2 -22.71 -6.52 -10.11
C SER A 2 -21.22 -6.24 -10.28
N SER A 3 -20.85 -4.98 -10.04
CA SER A 3 -19.46 -4.58 -10.17
C SER A 3 -19.01 -4.68 -11.63
N GLY A 4 -18.10 -3.79 -11.99
CA GLY A 4 -17.59 -3.76 -13.36
C GLY A 4 -18.11 -2.55 -14.12
N SER A 5 -17.42 -1.44 -13.95
CA SER A 5 -17.81 -0.21 -14.62
C SER A 5 -16.66 0.81 -14.57
N SER A 6 -16.74 1.79 -15.45
CA SER A 6 -15.71 2.81 -15.52
C SER A 6 -16.27 4.06 -16.23
N GLY A 7 -16.75 4.98 -15.42
CA GLY A 7 -17.31 6.22 -15.96
C GLY A 7 -16.38 7.41 -15.69
N THR A 8 -16.80 8.25 -14.75
CA THR A 8 -16.02 9.42 -14.39
C THR A 8 -16.49 9.98 -13.06
N CYS A 9 -15.54 10.21 -12.17
CA CYS A 9 -15.85 10.76 -10.86
C CYS A 9 -16.10 12.26 -11.00
N VAL A 10 -17.26 12.67 -10.54
CA VAL A 10 -17.64 14.07 -10.61
C VAL A 10 -17.16 14.79 -9.36
N PHE A 11 -15.93 15.30 -9.44
CA PHE A 11 -15.34 16.01 -8.32
C PHE A 11 -15.42 15.18 -7.04
N GLU A 12 -14.33 14.46 -6.77
CA GLU A 12 -14.27 13.62 -5.59
C GLU A 12 -12.85 13.11 -5.38
N LYS A 13 -12.52 12.84 -4.13
CA LYS A 13 -11.20 12.34 -3.78
C LYS A 13 -11.19 10.82 -3.89
N GLU A 14 -10.03 10.29 -4.24
CA GLU A 14 -9.87 8.85 -4.38
C GLU A 14 -9.16 8.27 -3.15
N ASN A 15 -9.54 7.04 -2.82
CA ASN A 15 -8.96 6.36 -1.68
C ASN A 15 -9.10 4.85 -1.86
N ASP A 16 -8.15 4.13 -1.27
CA ASP A 16 -8.15 2.68 -1.36
C ASP A 16 -6.94 2.12 -0.62
N PRO A 17 -7.22 1.19 0.33
CA PRO A 17 -6.16 0.58 1.12
C PRO A 17 -5.39 -0.45 0.29
N THR A 18 -6.09 -1.02 -0.69
CA THR A 18 -5.48 -2.01 -1.55
C THR A 18 -4.26 -1.43 -2.27
N VAL A 19 -4.44 -0.24 -2.81
CA VAL A 19 -3.37 0.44 -3.53
C VAL A 19 -2.53 1.24 -2.53
N LEU A 20 -1.39 0.67 -2.16
CA LEU A 20 -0.50 1.32 -1.22
C LEU A 20 0.22 2.49 -1.91
N ARG A 21 -0.45 3.63 -1.91
CA ARG A 21 0.10 4.83 -2.52
C ARG A 21 1.20 5.43 -1.65
N SER A 22 2.04 6.22 -2.28
CA SER A 22 3.14 6.87 -1.57
C SER A 22 2.63 8.09 -0.80
N PRO A 23 2.72 8.01 0.55
CA PRO A 23 2.28 9.10 1.39
C PRO A 23 3.26 10.28 1.35
N SER A 24 4.46 9.98 0.86
CA SER A 24 5.49 11.00 0.76
C SER A 24 6.54 10.57 -0.26
N ALA A 25 7.19 11.56 -0.86
CA ALA A 25 8.22 11.31 -1.86
C ALA A 25 9.37 10.55 -1.20
N GLY A 26 10.25 10.04 -2.04
CA GLY A 26 11.40 9.28 -1.56
C GLY A 26 12.05 8.49 -2.70
N LYS A 27 12.67 7.38 -2.32
CA LYS A 27 13.33 6.53 -3.29
C LYS A 27 13.22 5.07 -2.82
N LEU A 28 12.43 4.30 -3.56
CA LEU A 28 12.23 2.90 -3.23
C LEU A 28 13.60 2.20 -3.16
N THR A 29 13.66 1.18 -2.33
CA THR A 29 14.88 0.42 -2.17
C THR A 29 14.62 -1.07 -2.33
N GLN A 30 13.96 -1.64 -1.33
CA GLN A 30 13.64 -3.06 -1.36
C GLN A 30 12.48 -3.36 -0.41
N TYR A 31 12.18 -4.64 -0.27
CA TYR A 31 11.09 -5.07 0.59
C TYR A 31 11.62 -5.86 1.79
N THR A 32 10.73 -6.07 2.75
CA THR A 32 11.10 -6.82 3.95
C THR A 32 10.20 -8.05 4.11
N VAL A 33 9.39 -8.29 3.09
CA VAL A 33 8.48 -9.42 3.10
C VAL A 33 8.70 -10.26 1.84
N GLU A 34 8.21 -11.48 1.88
CA GLU A 34 8.34 -12.39 0.75
C GLU A 34 7.12 -12.27 -0.17
N ASP A 35 7.14 -13.05 -1.24
CA ASP A 35 6.06 -13.04 -2.20
C ASP A 35 4.72 -13.12 -1.45
N GLY A 36 3.88 -12.14 -1.73
CA GLY A 36 2.56 -12.08 -1.10
C GLY A 36 2.70 -12.06 0.43
N GLY A 37 3.73 -11.36 0.90
CA GLY A 37 3.98 -11.25 2.32
C GLY A 37 2.75 -10.71 3.05
N HIS A 38 2.33 -11.45 4.07
CA HIS A 38 1.17 -11.06 4.85
C HIS A 38 1.64 -10.47 6.19
N VAL A 39 1.25 -9.22 6.41
CA VAL A 39 1.61 -8.54 7.63
C VAL A 39 0.37 -7.85 8.22
N GLU A 40 0.56 -7.25 9.37
CA GLU A 40 -0.53 -6.56 10.05
C GLU A 40 -0.39 -5.05 9.87
N ALA A 41 -1.53 -4.37 9.99
CA ALA A 41 -1.55 -2.92 9.83
C ALA A 41 -0.58 -2.29 10.83
N GLY A 42 0.53 -1.78 10.30
CA GLY A 42 1.53 -1.16 11.13
C GLY A 42 2.93 -1.71 10.82
N SER A 43 2.95 -2.97 10.43
CA SER A 43 4.20 -3.64 10.10
C SER A 43 4.82 -2.99 8.85
N SER A 44 6.10 -3.27 8.66
CA SER A 44 6.81 -2.73 7.51
C SER A 44 7.07 -3.83 6.48
N TYR A 45 6.74 -3.53 5.24
CA TYR A 45 6.93 -4.47 4.16
C TYR A 45 7.98 -3.98 3.17
N ALA A 46 8.32 -2.71 3.32
CA ALA A 46 9.31 -2.08 2.44
C ALA A 46 9.84 -0.81 3.09
N GLU A 47 10.78 -0.18 2.41
CA GLU A 47 11.37 1.05 2.91
C GLU A 47 11.48 2.08 1.78
N MET A 48 12.01 3.25 2.14
CA MET A 48 12.17 4.32 1.17
C MET A 48 13.15 5.38 1.69
N GLU A 49 13.83 6.01 0.74
CA GLU A 49 14.80 7.04 1.09
C GLU A 49 14.29 8.42 0.68
N VAL A 50 14.01 9.24 1.67
CA VAL A 50 13.52 10.58 1.44
C VAL A 50 14.24 11.56 2.35
N MET A 51 14.41 12.78 1.85
CA MET A 51 15.08 13.82 2.61
C MET A 51 16.42 13.31 3.16
N LYS A 52 17.12 12.57 2.31
CA LYS A 52 18.42 12.02 2.71
C LYS A 52 18.24 11.12 3.91
N MET A 53 17.00 10.70 4.13
CA MET A 53 16.68 9.82 5.24
C MET A 53 16.04 8.53 4.77
N ILE A 54 16.22 7.48 5.55
CA ILE A 54 15.66 6.18 5.22
C ILE A 54 14.41 5.94 6.05
N MET A 55 13.26 6.09 5.42
CA MET A 55 11.99 5.89 6.09
C MET A 55 11.38 4.54 5.72
N THR A 56 10.80 3.90 6.73
CA THR A 56 10.17 2.60 6.53
C THR A 56 8.74 2.76 6.04
N LEU A 57 8.29 1.78 5.29
CA LEU A 57 6.93 1.81 4.75
C LEU A 57 6.11 0.69 5.39
N ASN A 58 4.94 1.06 5.89
CA ASN A 58 4.06 0.11 6.54
C ASN A 58 2.75 0.04 5.77
N VAL A 59 1.97 -0.99 6.08
CA VAL A 59 0.68 -1.19 5.42
C VAL A 59 -0.41 -0.46 6.22
N GLN A 60 -1.22 0.29 5.50
CA GLN A 60 -2.30 1.04 6.13
C GLN A 60 -3.31 0.07 6.76
N GLU A 61 -3.45 -1.09 6.14
CA GLU A 61 -4.37 -2.10 6.62
C GLU A 61 -3.84 -3.50 6.31
N ARG A 62 -3.85 -4.35 7.32
CA ARG A 62 -3.38 -5.71 7.17
C ARG A 62 -3.76 -6.25 5.78
N GLY A 63 -2.91 -7.15 5.30
CA GLY A 63 -3.15 -7.74 3.99
C GLY A 63 -1.88 -8.42 3.47
N ARG A 64 -1.73 -8.39 2.15
CA ARG A 64 -0.57 -9.00 1.51
C ARG A 64 0.12 -7.99 0.59
N VAL A 65 1.40 -7.80 0.82
CA VAL A 65 2.19 -6.86 0.02
C VAL A 65 2.65 -7.56 -1.25
N LYS A 66 2.53 -6.84 -2.36
CA LYS A 66 2.95 -7.38 -3.65
C LYS A 66 3.84 -6.36 -4.36
N TYR A 67 4.59 -6.87 -5.34
CA TYR A 67 5.49 -6.01 -6.10
C TYR A 67 4.76 -5.33 -7.24
N ILE A 68 4.70 -4.00 -7.16
CA ILE A 68 4.03 -3.22 -8.19
C ILE A 68 5.07 -2.43 -8.98
N LYS A 69 5.72 -1.50 -8.29
CA LYS A 69 6.74 -0.68 -8.91
C LYS A 69 8.12 -1.31 -8.69
N ARG A 70 8.98 -1.13 -9.68
CA ARG A 70 10.33 -1.68 -9.61
C ARG A 70 11.12 -0.98 -8.50
N PRO A 71 12.06 -1.76 -7.89
CA PRO A 71 12.89 -1.23 -6.82
C PRO A 71 13.98 -0.31 -7.39
N GLY A 72 13.96 0.93 -6.93
CA GLY A 72 14.92 1.91 -7.38
C GLY A 72 14.23 3.12 -8.02
N ALA A 73 12.92 3.01 -8.14
CA ALA A 73 12.13 4.08 -8.73
C ALA A 73 12.16 5.30 -7.80
N VAL A 74 11.76 6.44 -8.36
CA VAL A 74 11.73 7.67 -7.59
C VAL A 74 10.37 7.81 -6.91
N LEU A 75 10.37 7.56 -5.61
CA LEU A 75 9.15 7.66 -4.83
C LEU A 75 8.65 9.11 -4.85
N GLU A 76 7.43 9.27 -5.35
CA GLU A 76 6.83 10.58 -5.43
C GLU A 76 5.52 10.62 -4.64
N ALA A 77 5.20 11.80 -4.14
CA ALA A 77 3.99 11.99 -3.36
C ALA A 77 2.77 11.66 -4.23
N GLY A 78 1.99 10.71 -3.75
CA GLY A 78 0.80 10.30 -4.48
C GLY A 78 1.17 9.43 -5.69
N CYS A 79 1.88 8.35 -5.40
CA CYS A 79 2.30 7.43 -6.45
C CYS A 79 2.03 6.00 -5.97
N VAL A 80 2.24 5.06 -6.88
CA VAL A 80 2.02 3.65 -6.56
C VAL A 80 3.34 3.03 -6.10
N VAL A 81 3.23 2.12 -5.15
CA VAL A 81 4.40 1.45 -4.60
C VAL A 81 4.17 -0.06 -4.65
N ALA A 82 3.15 -0.50 -3.94
CA ALA A 82 2.82 -1.92 -3.90
C ALA A 82 1.31 -2.09 -3.75
N ARG A 83 0.89 -3.34 -3.68
CA ARG A 83 -0.53 -3.64 -3.54
C ARG A 83 -0.81 -4.20 -2.14
N LEU A 84 -2.09 -4.24 -1.81
CA LEU A 84 -2.51 -4.75 -0.51
C LEU A 84 -3.78 -5.58 -0.68
N GLU A 85 -3.62 -6.89 -0.58
CA GLU A 85 -4.74 -7.80 -0.73
C GLU A 85 -5.41 -8.02 0.63
N LEU A 86 -6.42 -7.21 0.90
CA LEU A 86 -7.16 -7.30 2.15
C LEU A 86 -7.54 -8.76 2.40
N ASP A 87 -7.27 -9.21 3.62
CA ASP A 87 -7.57 -10.57 4.00
C ASP A 87 -8.85 -10.59 4.85
N ASP A 88 -9.40 -9.40 5.06
CA ASP A 88 -10.61 -9.26 5.84
C ASP A 88 -11.45 -8.12 5.29
N PRO A 89 -12.09 -8.39 4.12
CA PRO A 89 -12.92 -7.39 3.47
C PRO A 89 -14.25 -7.24 4.20
N SER A 90 -15.08 -6.34 3.68
CA SER A 90 -16.38 -6.08 4.27
C SER A 90 -17.45 -6.00 3.18
N LYS A 91 -17.36 -4.95 2.38
CA LYS A 91 -18.31 -4.75 1.30
C LYS A 91 -19.71 -4.55 1.89
N VAL A 92 -19.96 -3.33 2.35
CA VAL A 92 -21.25 -2.99 2.93
C VAL A 92 -21.57 -1.53 2.62
N HIS A 93 -22.77 -1.33 2.09
CA HIS A 93 -23.22 0.01 1.74
C HIS A 93 -22.89 0.97 2.89
N PRO A 94 -21.82 1.79 2.67
CA PRO A 94 -21.40 2.75 3.67
C PRO A 94 -22.34 3.95 3.72
N SER A 95 -22.30 4.66 4.84
CA SER A 95 -23.14 5.82 5.02
C SER A 95 -24.62 5.44 4.82
N GLY A 96 -25.24 5.04 5.91
CA GLY A 96 -26.64 4.64 5.88
C GLY A 96 -27.53 5.72 6.49
N PRO A 97 -28.79 5.32 6.82
CA PRO A 97 -29.74 6.25 7.40
C PRO A 97 -29.40 6.53 8.87
N SER A 98 -29.96 7.63 9.37
CA SER A 98 -29.73 8.02 10.75
C SER A 98 -31.05 8.28 11.45
N SER A 99 -31.38 7.41 12.39
CA SER A 99 -32.62 7.53 13.14
C SER A 99 -32.39 8.39 14.38
N GLY A 100 -33.29 9.35 14.58
CA GLY A 100 -33.20 10.25 15.72
C GLY A 100 -34.53 10.30 16.47
N GLY A 1 14.33 -17.68 -13.66
CA GLY A 1 14.48 -16.24 -13.58
C GLY A 1 13.55 -15.53 -14.58
N SER A 2 13.75 -14.23 -14.70
CA SER A 2 12.95 -13.44 -15.62
C SER A 2 11.47 -13.55 -15.25
N SER A 3 10.69 -12.62 -15.78
CA SER A 3 9.26 -12.60 -15.52
C SER A 3 8.53 -11.86 -16.64
N GLY A 4 8.92 -10.61 -16.83
CA GLY A 4 8.31 -9.79 -17.86
C GLY A 4 6.80 -9.65 -17.64
N SER A 5 6.16 -8.97 -18.57
CA SER A 5 4.72 -8.76 -18.48
C SER A 5 4.23 -7.96 -19.70
N SER A 6 3.44 -8.64 -20.53
CA SER A 6 2.91 -8.00 -21.72
C SER A 6 1.38 -8.12 -21.74
N GLY A 7 0.73 -6.99 -22.00
CA GLY A 7 -0.72 -6.96 -22.05
C GLY A 7 -1.26 -5.78 -21.25
N THR A 8 -2.57 -5.80 -21.04
CA THR A 8 -3.23 -4.73 -20.29
C THR A 8 -4.67 -5.12 -19.99
N CYS A 9 -5.25 -4.40 -19.04
CA CYS A 9 -6.63 -4.65 -18.64
C CYS A 9 -7.46 -3.42 -19.01
N VAL A 10 -8.74 -3.68 -19.24
CA VAL A 10 -9.66 -2.60 -19.61
C VAL A 10 -9.76 -1.61 -18.45
N PHE A 11 -9.43 -0.36 -18.75
CA PHE A 11 -9.49 0.69 -17.74
C PHE A 11 -10.81 0.65 -16.98
N GLU A 12 -10.71 0.31 -15.70
CA GLU A 12 -11.88 0.23 -14.86
C GLU A 12 -11.48 0.25 -13.38
N LYS A 13 -12.46 0.52 -12.53
CA LYS A 13 -12.22 0.57 -11.10
C LYS A 13 -11.27 1.73 -10.79
N GLU A 14 -11.71 2.57 -9.85
CA GLU A 14 -10.91 3.73 -9.45
C GLU A 14 -10.79 3.78 -7.93
N ASN A 15 -9.94 4.68 -7.47
CA ASN A 15 -9.73 4.85 -6.05
C ASN A 15 -8.83 3.73 -5.53
N ASP A 16 -9.36 2.52 -5.59
CA ASP A 16 -8.62 1.35 -5.13
C ASP A 16 -8.07 1.62 -3.73
N PRO A 17 -8.87 1.20 -2.70
CA PRO A 17 -8.47 1.39 -1.33
C PRO A 17 -7.37 0.39 -0.94
N THR A 18 -7.01 -0.45 -1.88
CA THR A 18 -5.98 -1.45 -1.65
C THR A 18 -4.70 -1.09 -2.40
N VAL A 19 -4.48 0.22 -2.52
CA VAL A 19 -3.29 0.71 -3.20
C VAL A 19 -2.42 1.48 -2.22
N LEU A 20 -1.20 1.00 -2.06
CA LEU A 20 -0.25 1.64 -1.15
C LEU A 20 0.45 2.78 -1.88
N ARG A 21 -0.15 3.95 -1.81
CA ARG A 21 0.42 5.13 -2.45
C ARG A 21 1.55 5.71 -1.60
N SER A 22 2.37 6.52 -2.24
CA SER A 22 3.49 7.16 -1.56
C SER A 22 3.00 8.35 -0.74
N PRO A 23 3.15 8.23 0.60
CA PRO A 23 2.72 9.30 1.50
C PRO A 23 3.71 10.47 1.47
N SER A 24 4.85 10.22 0.82
CA SER A 24 5.87 11.24 0.71
C SER A 24 6.92 10.82 -0.33
N ALA A 25 7.56 11.82 -0.92
CA ALA A 25 8.58 11.55 -1.93
C ALA A 25 9.68 10.69 -1.31
N GLY A 26 10.63 10.31 -2.15
CA GLY A 26 11.75 9.49 -1.72
C GLY A 26 12.29 8.65 -2.87
N LYS A 27 12.57 7.39 -2.57
CA LYS A 27 13.10 6.47 -3.56
C LYS A 27 13.09 5.05 -3.00
N LEU A 28 12.43 4.17 -3.74
CA LEU A 28 12.35 2.78 -3.32
C LEU A 28 13.75 2.18 -3.27
N THR A 29 13.87 1.10 -2.50
CA THR A 29 15.15 0.42 -2.35
C THR A 29 14.96 -1.09 -2.37
N GLN A 30 14.17 -1.56 -1.41
CA GLN A 30 13.89 -2.98 -1.29
C GLN A 30 12.67 -3.22 -0.41
N TYR A 31 12.36 -4.49 -0.20
CA TYR A 31 11.22 -4.86 0.62
C TYR A 31 11.67 -5.60 1.88
N THR A 32 10.73 -5.74 2.81
CA THR A 32 11.02 -6.41 4.07
C THR A 32 10.21 -7.70 4.17
N VAL A 33 9.51 -8.02 3.08
CA VAL A 33 8.70 -9.22 3.04
C VAL A 33 8.92 -9.95 1.71
N GLU A 34 8.57 -11.22 1.70
CA GLU A 34 8.73 -12.03 0.51
C GLU A 34 7.47 -11.96 -0.36
N ASP A 35 7.53 -12.67 -1.47
CA ASP A 35 6.40 -12.68 -2.40
C ASP A 35 5.11 -12.91 -1.61
N GLY A 36 4.13 -12.06 -1.89
CA GLY A 36 2.85 -12.16 -1.22
C GLY A 36 3.02 -12.17 0.30
N GLY A 37 3.98 -11.39 0.77
CA GLY A 37 4.25 -11.32 2.19
C GLY A 37 3.03 -10.79 2.96
N HIS A 38 2.73 -11.48 4.05
CA HIS A 38 1.59 -11.10 4.87
C HIS A 38 2.09 -10.43 6.16
N VAL A 39 1.57 -9.23 6.39
CA VAL A 39 1.96 -8.47 7.57
C VAL A 39 0.70 -7.93 8.26
N GLU A 40 0.92 -7.26 9.38
CA GLU A 40 -0.19 -6.70 10.14
C GLU A 40 -0.30 -5.20 9.86
N ALA A 41 -1.51 -4.68 10.07
CA ALA A 41 -1.76 -3.27 9.86
C ALA A 41 -0.90 -2.44 10.81
N GLY A 42 0.28 -2.05 10.32
CA GLY A 42 1.19 -1.26 11.11
C GLY A 42 2.63 -1.76 10.94
N SER A 43 2.74 -3.01 10.52
CA SER A 43 4.05 -3.61 10.30
C SER A 43 4.76 -2.93 9.12
N SER A 44 5.90 -3.49 8.77
CA SER A 44 6.68 -2.95 7.66
C SER A 44 6.81 -4.01 6.55
N TYR A 45 6.54 -3.57 5.33
CA TYR A 45 6.62 -4.45 4.18
C TYR A 45 7.68 -3.96 3.18
N ALA A 46 8.17 -2.75 3.44
CA ALA A 46 9.18 -2.16 2.57
C ALA A 46 9.69 -0.87 3.21
N GLU A 47 10.59 -0.20 2.49
CA GLU A 47 11.16 1.03 2.97
C GLU A 47 11.39 2.00 1.80
N MET A 48 11.78 3.22 2.15
CA MET A 48 12.03 4.24 1.15
C MET A 48 13.07 5.25 1.65
N GLU A 49 13.66 5.96 0.71
CA GLU A 49 14.66 6.96 1.03
C GLU A 49 14.20 8.34 0.60
N VAL A 50 14.12 9.24 1.57
CA VAL A 50 13.69 10.60 1.29
C VAL A 50 14.49 11.58 2.15
N MET A 51 14.82 12.72 1.56
CA MET A 51 15.58 13.73 2.26
C MET A 51 16.85 13.13 2.89
N LYS A 52 17.51 12.28 2.13
CA LYS A 52 18.73 11.64 2.60
C LYS A 52 18.41 10.82 3.85
N MET A 53 17.12 10.52 4.01
CA MET A 53 16.68 9.75 5.15
C MET A 53 15.91 8.50 4.71
N ILE A 54 16.05 7.45 5.49
CA ILE A 54 15.39 6.19 5.18
C ILE A 54 14.11 6.09 6.02
N MET A 55 13.02 5.79 5.33
CA MET A 55 11.73 5.66 6.00
C MET A 55 11.10 4.30 5.71
N THR A 56 10.48 3.73 6.73
CA THR A 56 9.83 2.44 6.60
C THR A 56 8.45 2.60 5.96
N LEU A 57 8.05 1.57 5.22
CA LEU A 57 6.77 1.59 4.55
C LEU A 57 5.87 0.49 5.14
N ASN A 58 4.92 0.91 5.94
CA ASN A 58 4.00 -0.01 6.58
C ASN A 58 2.73 -0.13 5.72
N VAL A 59 1.93 -1.14 6.05
CA VAL A 59 0.70 -1.37 5.32
C VAL A 59 -0.43 -0.58 5.98
N GLN A 60 -1.29 -0.01 5.15
CA GLN A 60 -2.41 0.77 5.63
C GLN A 60 -3.45 -0.15 6.28
N GLU A 61 -3.46 -1.39 5.82
CA GLU A 61 -4.40 -2.37 6.35
C GLU A 61 -3.84 -3.78 6.18
N ARG A 62 -3.80 -4.51 7.28
CA ARG A 62 -3.30 -5.87 7.27
C ARG A 62 -3.70 -6.56 5.96
N GLY A 63 -2.87 -7.52 5.55
CA GLY A 63 -3.13 -8.26 4.34
C GLY A 63 -1.84 -8.83 3.75
N ARG A 64 -1.74 -8.76 2.43
CA ARG A 64 -0.56 -9.25 1.74
C ARG A 64 0.06 -8.14 0.89
N VAL A 65 1.36 -7.96 1.07
CA VAL A 65 2.08 -6.93 0.33
C VAL A 65 2.63 -7.54 -0.97
N LYS A 66 2.53 -6.75 -2.03
CA LYS A 66 3.01 -7.20 -3.32
C LYS A 66 3.82 -6.07 -3.98
N TYR A 67 4.87 -6.48 -4.69
CA TYR A 67 5.72 -5.52 -5.37
C TYR A 67 5.13 -5.11 -6.72
N ILE A 68 4.79 -3.84 -6.83
CA ILE A 68 4.22 -3.31 -8.05
C ILE A 68 5.32 -2.66 -8.88
N LYS A 69 5.95 -1.65 -8.30
CA LYS A 69 7.02 -0.93 -8.97
C LYS A 69 8.35 -1.63 -8.68
N ARG A 70 9.22 -1.61 -9.68
CA ARG A 70 10.53 -2.23 -9.54
C ARG A 70 11.35 -1.51 -8.46
N PRO A 71 12.35 -2.25 -7.91
CA PRO A 71 13.20 -1.70 -6.88
C PRO A 71 14.21 -0.70 -7.48
N GLY A 72 14.03 0.56 -7.11
CA GLY A 72 14.91 1.61 -7.60
C GLY A 72 14.11 2.75 -8.21
N ALA A 73 12.80 2.54 -8.29
CA ALA A 73 11.92 3.55 -8.85
C ALA A 73 11.94 4.80 -7.96
N VAL A 74 11.44 5.89 -8.51
CA VAL A 74 11.40 7.15 -7.79
C VAL A 74 10.09 7.24 -7.00
N LEU A 75 10.21 7.69 -5.77
CA LEU A 75 9.05 7.83 -4.89
C LEU A 75 8.64 9.30 -4.84
N GLU A 76 7.43 9.56 -5.33
CA GLU A 76 6.89 10.90 -5.34
C GLU A 76 5.57 10.96 -4.58
N ALA A 77 5.27 12.15 -4.08
CA ALA A 77 4.04 12.35 -3.32
C ALA A 77 2.84 12.05 -4.23
N GLY A 78 1.95 11.20 -3.73
CA GLY A 78 0.77 10.83 -4.48
C GLY A 78 1.13 9.97 -5.69
N CYS A 79 1.77 8.85 -5.40
CA CYS A 79 2.17 7.92 -6.45
C CYS A 79 1.86 6.50 -5.99
N VAL A 80 2.06 5.56 -6.90
CA VAL A 80 1.81 4.17 -6.60
C VAL A 80 3.11 3.49 -6.18
N VAL A 81 2.97 2.52 -5.29
CA VAL A 81 4.13 1.78 -4.81
C VAL A 81 3.83 0.29 -4.83
N ALA A 82 2.75 -0.08 -4.17
CA ALA A 82 2.35 -1.48 -4.11
C ALA A 82 0.86 -1.55 -3.75
N ARG A 83 0.31 -2.76 -3.91
CA ARG A 83 -1.09 -2.98 -3.61
C ARG A 83 -1.23 -3.89 -2.39
N LEU A 84 -2.43 -3.88 -1.82
CA LEU A 84 -2.70 -4.70 -0.65
C LEU A 84 -3.74 -5.76 -1.01
N GLU A 85 -3.56 -6.94 -0.43
CA GLU A 85 -4.48 -8.04 -0.68
C GLU A 85 -5.12 -8.51 0.62
N LEU A 86 -6.31 -7.99 0.89
CA LEU A 86 -7.03 -8.34 2.10
C LEU A 86 -7.09 -9.87 2.23
N ASP A 87 -6.66 -10.35 3.38
CA ASP A 87 -6.65 -11.78 3.65
C ASP A 87 -7.96 -12.17 4.32
N ASP A 88 -8.76 -11.16 4.64
CA ASP A 88 -10.04 -11.39 5.29
C ASP A 88 -11.05 -10.35 4.80
N PRO A 89 -11.76 -10.70 3.69
CA PRO A 89 -12.75 -9.81 3.13
C PRO A 89 -14.02 -9.78 3.98
N SER A 90 -15.04 -9.13 3.44
CA SER A 90 -16.31 -9.03 4.14
C SER A 90 -17.05 -10.37 4.09
N LYS A 91 -17.41 -10.76 2.87
CA LYS A 91 -18.13 -12.01 2.68
C LYS A 91 -17.36 -12.87 1.66
N VAL A 92 -18.12 -13.53 0.81
CA VAL A 92 -17.52 -14.39 -0.21
C VAL A 92 -16.61 -15.41 0.47
N HIS A 93 -17.21 -16.54 0.85
CA HIS A 93 -16.46 -17.60 1.51
C HIS A 93 -16.86 -18.95 0.92
N PRO A 94 -15.92 -19.93 1.02
CA PRO A 94 -16.18 -21.26 0.51
C PRO A 94 -17.13 -22.03 1.42
N SER A 95 -18.41 -21.76 1.27
CA SER A 95 -19.43 -22.41 2.07
C SER A 95 -20.32 -23.28 1.18
N GLY A 96 -20.86 -24.34 1.78
CA GLY A 96 -21.72 -25.25 1.05
C GLY A 96 -23.19 -25.02 1.43
N PRO A 97 -23.87 -26.13 1.81
CA PRO A 97 -25.26 -26.06 2.19
C PRO A 97 -25.43 -25.44 3.58
N SER A 98 -26.64 -24.94 3.83
CA SER A 98 -26.94 -24.31 5.10
C SER A 98 -28.43 -24.03 5.22
N SER A 99 -28.90 -23.94 6.46
CA SER A 99 -30.30 -23.68 6.70
C SER A 99 -31.16 -24.85 6.20
N GLY A 100 -32.38 -24.91 6.70
CA GLY A 100 -33.30 -25.98 6.32
C GLY A 100 -34.59 -25.90 7.13
N GLY A 1 -22.44 -19.17 -6.31
CA GLY A 1 -21.54 -18.92 -7.43
C GLY A 1 -20.77 -17.61 -7.23
N SER A 2 -20.83 -16.78 -8.26
CA SER A 2 -20.14 -15.48 -8.21
C SER A 2 -20.76 -14.53 -9.22
N SER A 3 -20.60 -13.24 -8.95
CA SER A 3 -21.13 -12.22 -9.83
C SER A 3 -20.00 -11.49 -10.54
N GLY A 4 -20.23 -11.17 -11.81
CA GLY A 4 -19.23 -10.48 -12.60
C GLY A 4 -19.90 -9.49 -13.57
N SER A 5 -19.14 -9.13 -14.59
CA SER A 5 -19.64 -8.20 -15.59
C SER A 5 -18.74 -8.21 -16.82
N SER A 6 -19.25 -7.65 -17.91
CA SER A 6 -18.50 -7.59 -19.15
C SER A 6 -17.29 -6.68 -18.99
N GLY A 7 -16.15 -7.30 -18.75
CA GLY A 7 -14.91 -6.56 -18.56
C GLY A 7 -14.87 -5.87 -17.20
N THR A 8 -14.71 -4.56 -17.23
CA THR A 8 -14.66 -3.78 -16.01
C THR A 8 -15.89 -2.88 -15.89
N CYS A 9 -16.11 -2.36 -14.69
CA CYS A 9 -17.24 -1.49 -14.44
C CYS A 9 -17.23 -1.10 -12.96
N VAL A 10 -16.32 -0.19 -12.63
CA VAL A 10 -16.19 0.28 -11.26
C VAL A 10 -16.50 1.77 -11.21
N PHE A 11 -17.77 2.08 -10.95
CA PHE A 11 -18.21 3.45 -10.87
C PHE A 11 -18.16 3.96 -9.43
N GLU A 12 -17.89 5.26 -9.30
CA GLU A 12 -17.81 5.88 -7.99
C GLU A 12 -16.87 5.08 -7.09
N LYS A 13 -15.58 5.34 -7.24
CA LYS A 13 -14.57 4.67 -6.44
C LYS A 13 -14.09 5.59 -5.33
N GLU A 14 -13.87 5.00 -4.16
CA GLU A 14 -13.40 5.76 -3.01
C GLU A 14 -13.17 4.83 -1.83
N ASN A 15 -12.27 5.27 -0.95
CA ASN A 15 -11.94 4.49 0.22
C ASN A 15 -11.70 3.03 -0.18
N ASP A 16 -10.45 2.74 -0.51
CA ASP A 16 -10.09 1.39 -0.92
C ASP A 16 -8.61 1.14 -0.57
N PRO A 17 -8.40 0.54 0.63
CA PRO A 17 -7.05 0.24 1.09
C PRO A 17 -6.47 -0.96 0.34
N THR A 18 -6.50 -0.87 -0.98
CA THR A 18 -5.98 -1.94 -1.81
C THR A 18 -4.75 -1.47 -2.58
N VAL A 19 -4.58 -0.16 -2.62
CA VAL A 19 -3.45 0.43 -3.32
C VAL A 19 -2.53 1.12 -2.31
N LEU A 20 -1.34 0.58 -2.16
CA LEU A 20 -0.36 1.12 -1.24
C LEU A 20 0.22 2.41 -1.83
N ARG A 21 -0.44 3.52 -1.56
CA ARG A 21 -0.01 4.81 -2.05
C ARG A 21 1.16 5.33 -1.21
N SER A 22 2.05 6.05 -1.87
CA SER A 22 3.22 6.61 -1.19
C SER A 22 2.79 7.81 -0.33
N PRO A 23 3.32 7.82 0.93
CA PRO A 23 3.00 8.89 1.85
C PRO A 23 3.75 10.17 1.48
N SER A 24 4.83 10.00 0.73
CA SER A 24 5.64 11.12 0.31
C SER A 24 6.72 10.66 -0.67
N ALA A 25 7.31 11.62 -1.35
CA ALA A 25 8.37 11.33 -2.32
C ALA A 25 9.55 10.69 -1.59
N GLY A 26 10.52 10.24 -2.37
CA GLY A 26 11.70 9.61 -1.83
C GLY A 26 12.41 8.75 -2.87
N LYS A 27 12.73 7.53 -2.47
CA LYS A 27 13.41 6.60 -3.37
C LYS A 27 13.26 5.18 -2.82
N LEU A 28 12.57 4.36 -3.59
CA LEU A 28 12.35 2.98 -3.20
C LEU A 28 13.69 2.25 -3.17
N THR A 29 13.71 1.16 -2.41
CA THR A 29 14.92 0.36 -2.28
C THR A 29 14.60 -1.12 -2.46
N GLN A 30 13.81 -1.65 -1.54
CA GLN A 30 13.43 -3.05 -1.60
C GLN A 30 12.35 -3.34 -0.54
N TYR A 31 11.75 -4.52 -0.67
CA TYR A 31 10.72 -4.94 0.25
C TYR A 31 11.30 -5.77 1.39
N THR A 32 10.55 -5.83 2.49
CA THR A 32 10.98 -6.59 3.64
C THR A 32 10.20 -7.90 3.75
N VAL A 33 9.25 -8.05 2.84
CA VAL A 33 8.42 -9.25 2.82
C VAL A 33 8.66 -10.00 1.51
N GLU A 34 8.32 -11.28 1.53
CA GLU A 34 8.48 -12.13 0.36
C GLU A 34 7.28 -11.97 -0.57
N ASP A 35 7.33 -12.70 -1.68
CA ASP A 35 6.26 -12.65 -2.66
C ASP A 35 4.93 -12.95 -1.97
N GLY A 36 4.04 -11.97 -2.00
CA GLY A 36 2.74 -12.12 -1.39
C GLY A 36 2.85 -12.11 0.15
N GLY A 37 3.83 -11.38 0.63
CA GLY A 37 4.06 -11.28 2.06
C GLY A 37 2.82 -10.73 2.77
N HIS A 38 2.58 -11.27 3.95
CA HIS A 38 1.43 -10.85 4.74
C HIS A 38 1.90 -10.16 6.02
N VAL A 39 1.56 -8.89 6.13
CA VAL A 39 1.96 -8.11 7.29
C VAL A 39 0.70 -7.60 8.01
N GLU A 40 0.91 -7.09 9.21
CA GLU A 40 -0.19 -6.57 10.01
C GLU A 40 -0.23 -5.04 9.94
N ALA A 41 -1.40 -4.49 10.22
CA ALA A 41 -1.58 -3.06 10.20
C ALA A 41 -0.71 -2.42 11.28
N GLY A 42 0.43 -1.89 10.85
CA GLY A 42 1.35 -1.25 11.77
C GLY A 42 2.77 -1.75 11.56
N SER A 43 2.88 -2.84 10.81
CA SER A 43 4.18 -3.43 10.51
C SER A 43 4.80 -2.74 9.30
N SER A 44 5.93 -3.27 8.88
CA SER A 44 6.65 -2.72 7.73
C SER A 44 6.80 -3.79 6.66
N TYR A 45 6.53 -3.38 5.43
CA TYR A 45 6.65 -4.30 4.29
C TYR A 45 7.73 -3.84 3.32
N ALA A 46 8.13 -2.58 3.49
CA ALA A 46 9.15 -2.00 2.63
C ALA A 46 9.66 -0.71 3.25
N GLU A 47 10.58 -0.08 2.55
CA GLU A 47 11.15 1.18 3.01
C GLU A 47 11.32 2.16 1.86
N MET A 48 11.84 3.34 2.18
CA MET A 48 12.06 4.36 1.17
C MET A 48 13.07 5.40 1.66
N GLU A 49 13.72 6.04 0.69
CA GLU A 49 14.71 7.06 1.01
C GLU A 49 14.23 8.43 0.52
N VAL A 50 14.04 9.32 1.47
CA VAL A 50 13.59 10.67 1.16
C VAL A 50 14.41 11.68 1.97
N MET A 51 14.65 12.83 1.35
CA MET A 51 15.42 13.87 1.99
C MET A 51 16.77 13.35 2.48
N LYS A 52 17.24 12.31 1.80
CA LYS A 52 18.52 11.70 2.16
C LYS A 52 18.34 10.88 3.44
N MET A 53 17.08 10.65 3.78
CA MET A 53 16.77 9.88 4.97
C MET A 53 15.97 8.62 4.62
N ILE A 54 16.31 7.53 5.29
CA ILE A 54 15.64 6.27 5.05
C ILE A 54 14.40 6.18 5.96
N MET A 55 13.29 5.81 5.35
CA MET A 55 12.04 5.68 6.08
C MET A 55 11.36 4.34 5.78
N THR A 56 10.82 3.74 6.83
CA THR A 56 10.14 2.46 6.68
C THR A 56 8.71 2.67 6.18
N LEU A 57 8.22 1.68 5.46
CA LEU A 57 6.86 1.74 4.93
C LEU A 57 5.99 0.68 5.62
N ASN A 58 4.89 1.13 6.17
CA ASN A 58 3.97 0.25 6.86
C ASN A 58 2.63 0.22 6.10
N VAL A 59 1.81 -0.75 6.47
CA VAL A 59 0.51 -0.90 5.84
C VAL A 59 -0.57 -0.34 6.76
N GLN A 60 -1.45 0.46 6.17
CA GLN A 60 -2.54 1.07 6.92
C GLN A 60 -3.50 0.00 7.42
N GLU A 61 -3.59 -1.09 6.66
CA GLU A 61 -4.47 -2.19 7.02
C GLU A 61 -3.88 -3.52 6.54
N ARG A 62 -3.86 -4.48 7.45
CA ARG A 62 -3.33 -5.79 7.14
C ARG A 62 -3.66 -6.17 5.68
N GLY A 63 -2.81 -7.00 5.12
CA GLY A 63 -3.00 -7.44 3.74
C GLY A 63 -1.72 -8.05 3.18
N ARG A 64 -1.84 -8.61 1.98
CA ARG A 64 -0.70 -9.22 1.32
C ARG A 64 -0.02 -8.21 0.40
N VAL A 65 1.25 -7.95 0.70
CA VAL A 65 2.03 -7.01 -0.10
C VAL A 65 2.59 -7.73 -1.33
N LYS A 66 2.57 -7.02 -2.45
CA LYS A 66 3.07 -7.57 -3.69
C LYS A 66 3.98 -6.55 -4.38
N TYR A 67 4.78 -7.04 -5.30
CA TYR A 67 5.70 -6.18 -6.03
C TYR A 67 5.01 -5.54 -7.24
N ILE A 68 5.01 -4.22 -7.25
CA ILE A 68 4.40 -3.48 -8.34
C ILE A 68 5.48 -2.69 -9.09
N LYS A 69 6.01 -1.68 -8.41
CA LYS A 69 7.05 -0.85 -9.00
C LYS A 69 8.41 -1.45 -8.69
N ARG A 70 9.31 -1.33 -9.66
CA ARG A 70 10.65 -1.85 -9.51
C ARG A 70 11.37 -1.15 -8.35
N PRO A 71 12.26 -1.94 -7.67
CA PRO A 71 13.00 -1.42 -6.54
C PRO A 71 14.13 -0.48 -7.01
N GLY A 72 14.10 0.74 -6.51
CA GLY A 72 15.10 1.73 -6.87
C GLY A 72 14.50 2.84 -7.73
N ALA A 73 13.18 2.77 -7.88
CA ALA A 73 12.47 3.76 -8.68
C ALA A 73 12.44 5.09 -7.93
N VAL A 74 11.93 6.11 -8.61
CA VAL A 74 11.84 7.43 -8.02
C VAL A 74 10.47 7.61 -7.36
N LEU A 75 10.46 7.48 -6.04
CA LEU A 75 9.23 7.62 -5.29
C LEU A 75 8.69 9.05 -5.46
N GLU A 76 7.38 9.15 -5.41
CA GLU A 76 6.71 10.44 -5.56
C GLU A 76 5.51 10.53 -4.63
N ALA A 77 5.21 11.76 -4.22
CA ALA A 77 4.09 12.00 -3.33
C ALA A 77 2.78 11.66 -4.06
N GLY A 78 1.96 10.86 -3.39
CA GLY A 78 0.69 10.46 -3.96
C GLY A 78 0.90 9.61 -5.22
N CYS A 79 1.63 8.52 -5.05
CA CYS A 79 1.91 7.62 -6.16
C CYS A 79 1.68 6.19 -5.69
N VAL A 80 1.76 5.26 -6.64
CA VAL A 80 1.57 3.86 -6.33
C VAL A 80 2.93 3.23 -6.00
N VAL A 81 2.89 2.29 -5.06
CA VAL A 81 4.10 1.61 -4.63
C VAL A 81 3.93 0.10 -4.87
N ALA A 82 3.05 -0.49 -4.09
CA ALA A 82 2.79 -1.92 -4.20
C ALA A 82 1.28 -2.16 -4.18
N ARG A 83 0.92 -3.44 -4.19
CA ARG A 83 -0.48 -3.82 -4.18
C ARG A 83 -0.86 -4.42 -2.82
N LEU A 84 -2.08 -4.13 -2.40
CA LEU A 84 -2.57 -4.65 -1.12
C LEU A 84 -3.85 -5.44 -1.37
N GLU A 85 -3.74 -6.75 -1.16
CA GLU A 85 -4.89 -7.63 -1.35
C GLU A 85 -5.52 -7.98 0.00
N LEU A 86 -6.62 -7.31 0.30
CA LEU A 86 -7.32 -7.55 1.55
C LEU A 86 -7.49 -9.05 1.76
N ASP A 87 -6.82 -9.56 2.78
CA ASP A 87 -6.89 -10.98 3.09
C ASP A 87 -8.13 -11.24 3.96
N ASP A 88 -8.83 -10.16 4.28
CA ASP A 88 -10.02 -10.26 5.10
C ASP A 88 -11.07 -9.26 4.58
N PRO A 89 -11.72 -9.66 3.44
CA PRO A 89 -12.74 -8.81 2.84
C PRO A 89 -14.04 -8.87 3.65
N SER A 90 -14.04 -9.73 4.66
CA SER A 90 -15.21 -9.89 5.50
C SER A 90 -14.88 -9.46 6.93
N LYS A 91 -15.43 -8.31 7.31
CA LYS A 91 -15.21 -7.77 8.64
C LYS A 91 -16.46 -7.01 9.10
N VAL A 92 -17.13 -7.57 10.09
CA VAL A 92 -18.33 -6.97 10.62
C VAL A 92 -18.14 -5.45 10.70
N HIS A 93 -19.11 -4.74 10.16
CA HIS A 93 -19.06 -3.28 10.17
C HIS A 93 -19.81 -2.74 11.38
N PRO A 94 -19.49 -1.46 11.73
CA PRO A 94 -20.12 -0.83 12.88
C PRO A 94 -21.56 -0.43 12.56
N SER A 95 -22.47 -1.33 12.85
CA SER A 95 -23.89 -1.08 12.60
C SER A 95 -24.43 -0.06 13.59
N GLY A 96 -25.21 0.87 13.07
CA GLY A 96 -25.80 1.90 13.90
C GLY A 96 -25.19 3.27 13.58
N PRO A 97 -25.98 4.34 13.87
CA PRO A 97 -25.53 5.69 13.62
C PRO A 97 -24.49 6.14 14.65
N SER A 98 -24.91 6.11 15.91
CA SER A 98 -24.03 6.50 16.99
C SER A 98 -23.50 5.26 17.71
N SER A 99 -22.23 5.00 17.51
CA SER A 99 -21.58 3.84 18.13
C SER A 99 -21.00 4.23 19.49
N GLY A 100 -20.54 5.47 19.56
CA GLY A 100 -19.96 5.98 20.80
C GLY A 100 -18.88 5.02 21.34
N GLY A 1 -25.22 10.79 -31.11
CA GLY A 1 -25.64 12.04 -30.51
C GLY A 1 -24.46 12.76 -29.86
N SER A 2 -24.78 13.87 -29.19
CA SER A 2 -23.75 14.65 -28.53
C SER A 2 -24.31 15.26 -27.23
N SER A 3 -23.40 15.78 -26.43
CA SER A 3 -23.79 16.39 -25.16
C SER A 3 -23.38 17.87 -25.14
N GLY A 4 -24.08 18.63 -24.32
CA GLY A 4 -23.80 20.05 -24.19
C GLY A 4 -24.49 20.64 -22.97
N SER A 5 -23.71 21.35 -22.16
CA SER A 5 -24.24 21.98 -20.96
C SER A 5 -23.45 23.24 -20.63
N SER A 6 -23.99 24.02 -19.71
CA SER A 6 -23.34 25.25 -19.30
C SER A 6 -22.93 25.16 -17.83
N GLY A 7 -21.75 25.69 -17.54
CA GLY A 7 -21.24 25.68 -16.19
C GLY A 7 -20.12 24.65 -16.03
N THR A 8 -19.85 24.28 -14.79
CA THR A 8 -18.82 23.31 -14.49
C THR A 8 -19.31 22.32 -13.43
N CYS A 9 -18.96 21.06 -13.64
CA CYS A 9 -19.36 20.01 -12.72
C CYS A 9 -18.79 18.68 -13.23
N VAL A 10 -17.89 18.11 -12.43
CA VAL A 10 -17.27 16.85 -12.79
C VAL A 10 -17.16 15.97 -11.55
N PHE A 11 -17.22 14.67 -11.78
CA PHE A 11 -17.13 13.71 -10.69
C PHE A 11 -15.99 12.72 -10.91
N GLU A 12 -15.76 11.89 -9.91
CA GLU A 12 -14.70 10.90 -9.98
C GLU A 12 -15.10 9.64 -9.22
N LYS A 13 -15.59 8.66 -9.96
CA LYS A 13 -16.01 7.41 -9.36
C LYS A 13 -14.85 6.40 -9.43
N GLU A 14 -14.29 6.12 -8.27
CA GLU A 14 -13.18 5.19 -8.17
C GLU A 14 -12.72 5.04 -6.72
N ASN A 15 -12.81 3.81 -6.23
CA ASN A 15 -12.41 3.53 -4.86
C ASN A 15 -11.79 2.12 -4.80
N ASP A 16 -10.66 2.04 -4.11
CA ASP A 16 -9.97 0.78 -3.97
C ASP A 16 -8.96 0.87 -2.82
N PRO A 17 -9.33 0.24 -1.67
CA PRO A 17 -8.48 0.25 -0.50
C PRO A 17 -7.29 -0.70 -0.68
N THR A 18 -7.25 -1.33 -1.84
CA THR A 18 -6.18 -2.26 -2.15
C THR A 18 -5.09 -1.57 -2.97
N VAL A 19 -4.72 -0.38 -2.52
CA VAL A 19 -3.70 0.40 -3.21
C VAL A 19 -2.75 1.01 -2.17
N LEU A 20 -1.51 0.55 -2.20
CA LEU A 20 -0.50 1.04 -1.28
C LEU A 20 0.12 2.32 -1.83
N ARG A 21 -0.53 3.44 -1.52
CA ARG A 21 -0.05 4.73 -1.98
C ARG A 21 1.10 5.22 -1.10
N SER A 22 1.87 6.14 -1.65
CA SER A 22 3.00 6.70 -0.94
C SER A 22 2.57 7.93 -0.14
N PRO A 23 2.99 7.95 1.15
CA PRO A 23 2.65 9.07 2.03
C PRO A 23 3.49 10.30 1.70
N SER A 24 4.67 10.04 1.16
CA SER A 24 5.57 11.11 0.80
C SER A 24 6.61 10.61 -0.22
N ALA A 25 7.19 11.55 -0.94
CA ALA A 25 8.19 11.22 -1.95
C ALA A 25 9.36 10.50 -1.27
N GLY A 26 10.22 9.93 -2.10
CA GLY A 26 11.39 9.23 -1.61
C GLY A 26 12.10 8.47 -2.73
N LYS A 27 12.51 7.25 -2.41
CA LYS A 27 13.20 6.42 -3.38
C LYS A 27 13.16 4.96 -2.91
N LEU A 28 12.34 4.17 -3.58
CA LEU A 28 12.20 2.77 -3.25
C LEU A 28 13.59 2.12 -3.25
N THR A 29 13.67 0.99 -2.54
CA THR A 29 14.93 0.26 -2.46
C THR A 29 14.67 -1.25 -2.51
N GLN A 30 13.79 -1.70 -1.62
CA GLN A 30 13.45 -3.10 -1.55
C GLN A 30 12.33 -3.33 -0.52
N TYR A 31 11.76 -4.52 -0.58
CA TYR A 31 10.68 -4.88 0.33
C TYR A 31 11.17 -5.85 1.40
N THR A 32 10.76 -5.60 2.63
CA THR A 32 11.15 -6.44 3.74
C THR A 32 10.38 -7.77 3.69
N VAL A 33 9.30 -7.77 2.92
CA VAL A 33 8.49 -8.96 2.78
C VAL A 33 8.74 -9.57 1.41
N GLU A 34 8.30 -10.82 1.27
CA GLU A 34 8.47 -11.53 0.01
C GLU A 34 7.17 -11.55 -0.77
N ASP A 35 7.22 -12.17 -1.94
CA ASP A 35 6.04 -12.26 -2.79
C ASP A 35 4.84 -12.70 -1.96
N GLY A 36 3.80 -11.88 -2.00
CA GLY A 36 2.58 -12.17 -1.26
C GLY A 36 2.82 -12.04 0.24
N GLY A 37 3.80 -11.22 0.60
CA GLY A 37 4.13 -11.01 1.99
C GLY A 37 2.89 -10.67 2.82
N HIS A 38 2.80 -11.27 3.99
CA HIS A 38 1.68 -11.04 4.87
C HIS A 38 2.14 -10.27 6.10
N VAL A 39 1.73 -9.01 6.16
CA VAL A 39 2.11 -8.15 7.28
C VAL A 39 0.84 -7.71 8.02
N GLU A 40 1.04 -6.88 9.02
CA GLU A 40 -0.07 -6.38 9.82
C GLU A 40 -0.17 -4.85 9.69
N ALA A 41 -1.37 -4.35 9.93
CA ALA A 41 -1.61 -2.92 9.85
C ALA A 41 -0.73 -2.21 10.88
N GLY A 42 0.36 -1.64 10.40
CA GLY A 42 1.28 -0.93 11.27
C GLY A 42 2.71 -1.45 11.09
N SER A 43 2.81 -2.65 10.55
CA SER A 43 4.10 -3.28 10.33
C SER A 43 4.80 -2.63 9.13
N SER A 44 5.95 -3.17 8.79
CA SER A 44 6.73 -2.66 7.66
C SER A 44 6.89 -3.75 6.60
N TYR A 45 6.61 -3.36 5.36
CA TYR A 45 6.71 -4.29 4.25
C TYR A 45 7.78 -3.83 3.25
N ALA A 46 8.20 -2.58 3.42
CA ALA A 46 9.20 -2.00 2.55
C ALA A 46 9.76 -0.73 3.19
N GLU A 47 10.62 -0.06 2.44
CA GLU A 47 11.24 1.17 2.92
C GLU A 47 11.43 2.15 1.76
N MET A 48 11.95 3.33 2.11
CA MET A 48 12.19 4.35 1.12
C MET A 48 13.30 5.31 1.58
N GLU A 49 13.86 6.02 0.61
CA GLU A 49 14.92 6.98 0.92
C GLU A 49 14.51 8.37 0.46
N VAL A 50 14.01 9.14 1.42
CA VAL A 50 13.58 10.51 1.13
C VAL A 50 14.46 11.49 1.90
N MET A 51 14.76 12.60 1.25
CA MET A 51 15.59 13.63 1.87
C MET A 51 16.91 13.04 2.36
N LYS A 52 17.43 12.08 1.59
CA LYS A 52 18.67 11.43 1.95
C LYS A 52 18.48 10.63 3.23
N MET A 53 17.22 10.46 3.61
CA MET A 53 16.89 9.73 4.81
C MET A 53 16.10 8.46 4.48
N ILE A 54 16.43 7.39 5.20
CA ILE A 54 15.76 6.12 4.98
C ILE A 54 14.53 6.04 5.89
N MET A 55 13.39 5.75 5.26
CA MET A 55 12.14 5.64 5.99
C MET A 55 11.46 4.30 5.72
N THR A 56 10.88 3.74 6.77
CA THR A 56 10.18 2.47 6.65
C THR A 56 8.80 2.66 6.03
N LEU A 57 8.37 1.66 5.29
CA LEU A 57 7.06 1.71 4.66
C LEU A 57 6.15 0.66 5.29
N ASN A 58 5.07 1.14 5.89
CA ASN A 58 4.11 0.27 6.54
C ASN A 58 2.83 0.20 5.68
N VAL A 59 2.00 -0.77 6.01
CA VAL A 59 0.74 -0.95 5.29
C VAL A 59 -0.35 -0.14 5.97
N GLN A 60 -1.19 0.47 5.15
CA GLN A 60 -2.29 1.29 5.65
C GLN A 60 -3.32 0.40 6.34
N GLU A 61 -3.36 -0.85 5.92
CA GLU A 61 -4.31 -1.82 6.48
C GLU A 61 -3.84 -3.24 6.19
N ARG A 62 -3.99 -4.09 7.20
CA ARG A 62 -3.60 -5.48 7.06
C ARG A 62 -3.90 -5.99 5.65
N GLY A 63 -3.05 -6.90 5.18
CA GLY A 63 -3.21 -7.46 3.86
C GLY A 63 -1.92 -8.11 3.38
N ARG A 64 -1.87 -8.36 2.07
CA ARG A 64 -0.70 -8.97 1.47
C ARG A 64 -0.01 -7.98 0.53
N VAL A 65 1.27 -7.73 0.83
CA VAL A 65 2.05 -6.81 0.02
C VAL A 65 2.64 -7.56 -1.18
N LYS A 66 2.47 -6.96 -2.35
CA LYS A 66 2.98 -7.56 -3.57
C LYS A 66 3.92 -6.56 -4.26
N TYR A 67 4.73 -7.11 -5.16
CA TYR A 67 5.67 -6.28 -5.89
C TYR A 67 5.03 -5.65 -7.11
N ILE A 68 5.09 -4.33 -7.16
CA ILE A 68 4.50 -3.58 -8.26
C ILE A 68 5.60 -2.80 -8.99
N LYS A 69 6.01 -1.71 -8.36
CA LYS A 69 7.06 -0.87 -8.93
C LYS A 69 8.43 -1.45 -8.57
N ARG A 70 9.29 -1.51 -9.57
CA ARG A 70 10.63 -2.04 -9.38
C ARG A 70 11.33 -1.30 -8.24
N PRO A 71 12.27 -2.03 -7.58
CA PRO A 71 13.02 -1.46 -6.48
C PRO A 71 14.08 -0.47 -6.98
N GLY A 72 14.13 0.68 -6.32
CA GLY A 72 15.09 1.70 -6.69
C GLY A 72 14.45 2.75 -7.59
N ALA A 73 13.13 2.84 -7.51
CA ALA A 73 12.38 3.79 -8.31
C ALA A 73 12.33 5.13 -7.58
N VAL A 74 11.73 6.10 -8.25
CA VAL A 74 11.60 7.44 -7.68
C VAL A 74 10.25 7.56 -6.99
N LEU A 75 10.28 7.51 -5.66
CA LEU A 75 9.07 7.61 -4.87
C LEU A 75 8.55 9.05 -4.93
N GLU A 76 7.24 9.18 -5.03
CA GLU A 76 6.61 10.48 -5.10
C GLU A 76 5.35 10.51 -4.23
N ALA A 77 4.98 11.71 -3.81
CA ALA A 77 3.80 11.89 -2.98
C ALA A 77 2.55 11.50 -3.79
N GLY A 78 1.66 10.78 -3.13
CA GLY A 78 0.43 10.34 -3.76
C GLY A 78 0.73 9.56 -5.04
N CYS A 79 1.48 8.48 -4.88
CA CYS A 79 1.85 7.64 -6.00
C CYS A 79 1.61 6.18 -5.61
N VAL A 80 1.82 5.29 -6.58
CA VAL A 80 1.62 3.87 -6.34
C VAL A 80 2.98 3.23 -6.04
N VAL A 81 2.97 2.33 -5.07
CA VAL A 81 4.17 1.63 -4.68
C VAL A 81 3.99 0.13 -4.87
N ALA A 82 3.06 -0.42 -4.09
CA ALA A 82 2.76 -1.85 -4.17
C ALA A 82 1.25 -2.06 -4.07
N ARG A 83 0.86 -3.33 -4.06
CA ARG A 83 -0.54 -3.68 -3.98
C ARG A 83 -0.86 -4.27 -2.60
N LEU A 84 -2.11 -4.12 -2.20
CA LEU A 84 -2.56 -4.64 -0.91
C LEU A 84 -3.68 -5.64 -1.14
N GLU A 85 -3.33 -6.91 -1.00
CA GLU A 85 -4.30 -7.98 -1.18
C GLU A 85 -4.88 -8.42 0.18
N LEU A 86 -5.98 -7.78 0.54
CA LEU A 86 -6.64 -8.09 1.79
C LEU A 86 -6.82 -9.60 1.92
N ASP A 87 -6.51 -10.11 3.11
CA ASP A 87 -6.64 -11.53 3.37
C ASP A 87 -8.02 -11.83 3.94
N ASP A 88 -9.01 -11.09 3.44
CA ASP A 88 -10.38 -11.26 3.89
C ASP A 88 -11.24 -10.14 3.31
N PRO A 89 -11.69 -10.36 2.05
CA PRO A 89 -12.52 -9.38 1.37
C PRO A 89 -13.95 -9.40 1.91
N SER A 90 -14.76 -8.48 1.42
CA SER A 90 -16.15 -8.38 1.84
C SER A 90 -17.07 -8.31 0.63
N LYS A 91 -17.37 -9.48 0.09
CA LYS A 91 -18.24 -9.57 -1.08
C LYS A 91 -19.54 -10.28 -0.69
N VAL A 92 -20.23 -9.68 0.27
CA VAL A 92 -21.49 -10.23 0.75
C VAL A 92 -22.61 -9.24 0.47
N HIS A 93 -23.78 -9.78 0.17
CA HIS A 93 -24.94 -8.95 -0.11
C HIS A 93 -26.09 -9.33 0.83
N PRO A 94 -26.14 -8.62 1.98
CA PRO A 94 -27.17 -8.88 2.97
C PRO A 94 -28.51 -8.29 2.52
N SER A 95 -29.42 -8.16 3.48
CA SER A 95 -30.73 -7.62 3.20
C SER A 95 -31.21 -6.74 4.35
N GLY A 96 -30.65 -5.53 4.39
CA GLY A 96 -31.00 -4.59 5.45
C GLY A 96 -32.35 -3.92 5.15
N PRO A 97 -32.41 -2.59 5.44
CA PRO A 97 -33.62 -1.83 5.22
C PRO A 97 -33.83 -1.55 3.72
N SER A 98 -34.06 -2.62 2.98
CA SER A 98 -34.27 -2.52 1.55
C SER A 98 -35.51 -1.67 1.27
N SER A 99 -35.41 -0.86 0.22
CA SER A 99 -36.52 0.00 -0.16
C SER A 99 -36.20 0.71 -1.48
N GLY A 100 -37.26 1.05 -2.20
CA GLY A 100 -37.11 1.71 -3.48
C GLY A 100 -38.25 1.34 -4.43
N GLY A 1 14.13 3.48 -32.35
CA GLY A 1 13.11 4.50 -32.57
C GLY A 1 12.30 4.76 -31.30
N SER A 2 11.24 5.54 -31.45
CA SER A 2 10.39 5.87 -30.33
C SER A 2 9.26 6.80 -30.78
N SER A 3 8.14 6.71 -30.09
CA SER A 3 7.00 7.55 -30.41
C SER A 3 5.90 7.35 -29.37
N GLY A 4 5.10 8.40 -29.18
CA GLY A 4 4.02 8.35 -28.21
C GLY A 4 3.29 9.69 -28.14
N SER A 5 2.06 9.65 -27.65
CA SER A 5 1.26 10.85 -27.53
C SER A 5 0.73 10.97 -26.09
N SER A 6 0.68 12.21 -25.62
CA SER A 6 0.19 12.47 -24.28
C SER A 6 -1.18 11.82 -24.07
N GLY A 7 -1.18 10.78 -23.27
CA GLY A 7 -2.41 10.05 -22.98
C GLY A 7 -2.48 9.66 -21.50
N THR A 8 -3.33 10.39 -20.78
CA THR A 8 -3.50 10.14 -19.36
C THR A 8 -4.89 10.60 -18.90
N CYS A 9 -5.13 11.89 -19.08
CA CYS A 9 -6.41 12.47 -18.69
C CYS A 9 -6.55 12.35 -17.17
N VAL A 10 -6.45 13.50 -16.51
CA VAL A 10 -6.57 13.54 -15.07
C VAL A 10 -7.90 12.91 -14.64
N PHE A 11 -7.88 12.25 -13.49
CA PHE A 11 -9.07 11.61 -12.97
C PHE A 11 -8.84 11.09 -11.55
N GLU A 12 -9.52 11.74 -10.61
CA GLU A 12 -9.39 11.36 -9.22
C GLU A 12 -10.75 10.95 -8.65
N LYS A 13 -10.74 9.86 -7.88
CA LYS A 13 -11.96 9.35 -7.29
C LYS A 13 -11.60 8.42 -6.13
N GLU A 14 -11.16 9.03 -5.04
CA GLU A 14 -10.78 8.27 -3.85
C GLU A 14 -9.67 7.27 -4.20
N ASN A 15 -9.35 6.45 -3.22
CA ASN A 15 -8.31 5.45 -3.39
C ASN A 15 -8.73 4.15 -2.70
N ASP A 16 -8.69 3.07 -3.47
CA ASP A 16 -9.06 1.77 -2.95
C ASP A 16 -8.20 1.45 -1.73
N PRO A 17 -8.80 0.70 -0.77
CA PRO A 17 -8.10 0.31 0.44
C PRO A 17 -7.09 -0.80 0.16
N THR A 18 -7.15 -1.32 -1.06
CA THR A 18 -6.25 -2.38 -1.47
C THR A 18 -5.09 -1.81 -2.30
N VAL A 19 -4.77 -0.56 -2.02
CA VAL A 19 -3.69 0.11 -2.72
C VAL A 19 -2.76 0.78 -1.72
N LEU A 20 -1.47 0.74 -2.03
CA LEU A 20 -0.47 1.34 -1.16
C LEU A 20 0.18 2.52 -1.87
N ARG A 21 -0.26 3.71 -1.50
CA ARG A 21 0.27 4.93 -2.10
C ARG A 21 1.38 5.50 -1.23
N SER A 22 2.18 6.38 -1.83
CA SER A 22 3.27 7.01 -1.13
C SER A 22 2.78 8.23 -0.36
N PRO A 23 3.06 8.23 0.97
CA PRO A 23 2.65 9.33 1.83
C PRO A 23 3.53 10.56 1.59
N SER A 24 4.70 10.32 1.04
CA SER A 24 5.65 11.39 0.76
C SER A 24 6.67 10.93 -0.27
N ALA A 25 7.20 11.90 -1.00
CA ALA A 25 8.18 11.61 -2.03
C ALA A 25 9.42 10.98 -1.38
N GLY A 26 10.09 10.15 -2.17
CA GLY A 26 11.28 9.47 -1.68
C GLY A 26 11.92 8.62 -2.79
N LYS A 27 12.60 7.57 -2.36
CA LYS A 27 13.26 6.68 -3.31
C LYS A 27 13.09 5.23 -2.83
N LEU A 28 12.37 4.46 -3.64
CA LEU A 28 12.13 3.07 -3.32
C LEU A 28 13.46 2.31 -3.31
N THR A 29 13.60 1.43 -2.33
CA THR A 29 14.82 0.64 -2.21
C THR A 29 14.51 -0.83 -2.45
N GLN A 30 13.78 -1.43 -1.52
CA GLN A 30 13.41 -2.83 -1.64
C GLN A 30 12.37 -3.19 -0.58
N TYR A 31 11.93 -4.44 -0.63
CA TYR A 31 10.94 -4.93 0.31
C TYR A 31 11.60 -5.64 1.49
N THR A 32 10.79 -5.95 2.49
CA THR A 32 11.28 -6.61 3.67
C THR A 32 10.41 -7.83 4.00
N VAL A 33 9.62 -8.24 3.01
CA VAL A 33 8.75 -9.38 3.18
C VAL A 33 8.92 -10.34 1.99
N GLU A 34 8.60 -11.60 2.23
CA GLU A 34 8.71 -12.61 1.20
C GLU A 34 7.53 -12.51 0.23
N ASP A 35 7.57 -13.37 -0.79
CA ASP A 35 6.52 -13.39 -1.78
C ASP A 35 5.17 -13.47 -1.08
N GLY A 36 4.27 -12.56 -1.46
CA GLY A 36 2.95 -12.52 -0.88
C GLY A 36 3.02 -12.44 0.64
N GLY A 37 3.98 -11.65 1.11
CA GLY A 37 4.16 -11.47 2.55
C GLY A 37 2.92 -10.83 3.18
N HIS A 38 2.44 -11.49 4.23
CA HIS A 38 1.26 -10.99 4.94
C HIS A 38 1.70 -10.36 6.26
N VAL A 39 1.00 -9.28 6.61
CA VAL A 39 1.31 -8.57 7.85
C VAL A 39 0.07 -7.81 8.30
N GLU A 40 0.23 -7.09 9.41
CA GLU A 40 -0.87 -6.31 9.95
C GLU A 40 -0.63 -4.81 9.73
N ALA A 41 -1.71 -4.05 9.85
CA ALA A 41 -1.61 -2.61 9.67
C ALA A 41 -0.80 -2.00 10.81
N GLY A 42 0.50 -1.86 10.56
CA GLY A 42 1.40 -1.29 11.55
C GLY A 42 2.84 -1.77 11.32
N SER A 43 2.95 -2.92 10.68
CA SER A 43 4.25 -3.48 10.39
C SER A 43 4.87 -2.79 9.17
N SER A 44 6.03 -3.29 8.78
CA SER A 44 6.72 -2.73 7.63
C SER A 44 6.88 -3.79 6.54
N TYR A 45 6.55 -3.39 5.31
CA TYR A 45 6.65 -4.29 4.18
C TYR A 45 7.71 -3.81 3.19
N ALA A 46 8.07 -2.55 3.31
CA ALA A 46 9.05 -1.95 2.43
C ALA A 46 9.65 -0.71 3.10
N GLU A 47 10.52 -0.03 2.36
CA GLU A 47 11.15 1.16 2.87
C GLU A 47 11.39 2.16 1.73
N MET A 48 11.83 3.35 2.11
CA MET A 48 12.09 4.40 1.13
C MET A 48 13.21 5.32 1.61
N GLU A 49 13.78 6.04 0.66
CA GLU A 49 14.86 6.97 0.97
C GLU A 49 14.47 8.39 0.57
N VAL A 50 14.18 9.20 1.58
CA VAL A 50 13.79 10.58 1.36
C VAL A 50 14.63 11.49 2.26
N MET A 51 15.03 12.62 1.69
CA MET A 51 15.84 13.58 2.43
C MET A 51 17.10 12.93 2.99
N LYS A 52 17.65 12.01 2.21
CA LYS A 52 18.85 11.30 2.62
C LYS A 52 18.54 10.44 3.85
N MET A 53 17.25 10.28 4.11
CA MET A 53 16.82 9.48 5.24
C MET A 53 16.01 8.27 4.78
N ILE A 54 16.33 7.12 5.35
CA ILE A 54 15.64 5.89 5.01
C ILE A 54 14.43 5.72 5.93
N MET A 55 13.25 5.75 5.31
CA MET A 55 12.01 5.59 6.05
C MET A 55 11.34 4.27 5.73
N THR A 56 10.79 3.65 6.76
CA THR A 56 10.11 2.38 6.61
C THR A 56 8.69 2.59 6.07
N LEU A 57 8.25 1.63 5.27
CA LEU A 57 6.92 1.70 4.68
C LEU A 57 6.02 0.67 5.36
N ASN A 58 4.97 1.18 6.00
CA ASN A 58 4.02 0.32 6.69
C ASN A 58 2.75 0.20 5.86
N VAL A 59 1.92 -0.76 6.24
CA VAL A 59 0.66 -0.99 5.55
C VAL A 59 -0.47 -0.32 6.31
N GLN A 60 -1.26 0.46 5.58
CA GLN A 60 -2.37 1.16 6.17
C GLN A 60 -3.39 0.17 6.75
N GLU A 61 -3.50 -0.97 6.07
CA GLU A 61 -4.42 -2.00 6.49
C GLU A 61 -3.85 -3.39 6.17
N ARG A 62 -3.95 -4.28 7.15
CA ARG A 62 -3.44 -5.63 6.99
C ARG A 62 -3.68 -6.11 5.56
N GLY A 63 -2.83 -7.03 5.12
CA GLY A 63 -2.92 -7.58 3.78
C GLY A 63 -1.56 -8.05 3.28
N ARG A 64 -1.59 -8.80 2.19
CA ARG A 64 -0.36 -9.31 1.60
C ARG A 64 0.25 -8.28 0.65
N VAL A 65 1.54 -8.04 0.84
CA VAL A 65 2.25 -7.08 0.02
C VAL A 65 2.69 -7.77 -1.28
N LYS A 66 2.59 -7.02 -2.37
CA LYS A 66 2.97 -7.53 -3.68
C LYS A 66 3.90 -6.53 -4.36
N TYR A 67 4.62 -7.03 -5.36
CA TYR A 67 5.55 -6.18 -6.10
C TYR A 67 4.85 -5.55 -7.31
N ILE A 68 4.87 -4.22 -7.34
CA ILE A 68 4.25 -3.49 -8.43
C ILE A 68 5.33 -2.73 -9.20
N LYS A 69 5.92 -1.76 -8.53
CA LYS A 69 6.96 -0.95 -9.14
C LYS A 69 8.33 -1.56 -8.82
N ARG A 70 9.24 -1.44 -9.78
CA ARG A 70 10.58 -1.96 -9.61
C ARG A 70 11.29 -1.25 -8.46
N PRO A 71 12.24 -1.99 -7.81
CA PRO A 71 12.99 -1.44 -6.70
C PRO A 71 14.05 -0.44 -7.20
N GLY A 72 13.94 0.78 -6.71
CA GLY A 72 14.88 1.83 -7.10
C GLY A 72 14.18 2.91 -7.93
N ALA A 73 12.85 2.90 -7.85
CA ALA A 73 12.06 3.87 -8.60
C ALA A 73 12.04 5.20 -7.84
N VAL A 74 11.70 6.25 -8.56
CA VAL A 74 11.64 7.58 -7.97
C VAL A 74 10.31 7.74 -7.23
N LEU A 75 10.37 7.53 -5.92
CA LEU A 75 9.18 7.65 -5.10
C LEU A 75 8.72 9.12 -5.08
N GLU A 76 7.44 9.30 -5.35
CA GLU A 76 6.86 10.64 -5.36
C GLU A 76 5.62 10.69 -4.48
N ALA A 77 5.35 11.88 -3.96
CA ALA A 77 4.20 12.07 -3.10
C ALA A 77 2.93 11.73 -3.87
N GLY A 78 2.17 10.79 -3.32
CA GLY A 78 0.93 10.36 -3.94
C GLY A 78 1.20 9.55 -5.21
N CYS A 79 1.97 8.48 -5.04
CA CYS A 79 2.32 7.62 -6.15
C CYS A 79 2.01 6.18 -5.76
N VAL A 80 2.12 5.29 -6.73
CA VAL A 80 1.86 3.88 -6.50
C VAL A 80 3.18 3.14 -6.24
N VAL A 81 3.17 2.32 -5.21
CA VAL A 81 4.35 1.56 -4.86
C VAL A 81 4.05 0.06 -4.98
N ALA A 82 3.03 -0.37 -4.26
CA ALA A 82 2.64 -1.76 -4.28
C ALA A 82 1.13 -1.87 -4.04
N ARG A 83 0.60 -3.07 -4.22
CA ARG A 83 -0.82 -3.31 -4.02
C ARG A 83 -1.04 -4.20 -2.80
N LEU A 84 -2.14 -3.94 -2.10
CA LEU A 84 -2.48 -4.70 -0.92
C LEU A 84 -3.47 -5.80 -1.29
N GLU A 85 -3.21 -6.99 -0.78
CA GLU A 85 -4.08 -8.13 -1.05
C GLU A 85 -4.63 -8.70 0.26
N LEU A 86 -5.80 -8.20 0.63
CA LEU A 86 -6.45 -8.65 1.84
C LEU A 86 -6.55 -10.18 1.82
N ASP A 87 -5.81 -10.80 2.73
CA ASP A 87 -5.82 -12.25 2.83
C ASP A 87 -7.17 -12.72 3.35
N ASP A 88 -7.97 -11.75 3.79
CA ASP A 88 -9.29 -12.05 4.31
C ASP A 88 -9.95 -10.75 4.79
N PRO A 89 -10.91 -10.26 3.96
CA PRO A 89 -11.61 -9.03 4.29
C PRO A 89 -12.65 -9.28 5.40
N SER A 90 -12.19 -9.95 6.45
CA SER A 90 -13.07 -10.25 7.58
C SER A 90 -12.25 -10.84 8.72
N LYS A 91 -11.86 -9.96 9.63
CA LYS A 91 -11.08 -10.38 10.79
C LYS A 91 -11.21 -9.33 11.89
N VAL A 92 -11.88 -9.73 12.96
CA VAL A 92 -12.09 -8.83 14.09
C VAL A 92 -11.17 -9.25 15.24
N HIS A 93 -10.86 -8.29 16.08
CA HIS A 93 -9.98 -8.53 17.22
C HIS A 93 -10.82 -8.60 18.50
N PRO A 94 -10.28 -9.35 19.50
CA PRO A 94 -10.97 -9.51 20.77
C PRO A 94 -10.85 -8.24 21.62
N SER A 95 -11.99 -7.78 22.12
CA SER A 95 -12.03 -6.59 22.94
C SER A 95 -13.32 -6.54 23.75
N GLY A 96 -13.22 -6.01 24.95
CA GLY A 96 -14.37 -5.90 25.83
C GLY A 96 -14.04 -6.38 27.24
N PRO A 97 -14.84 -5.90 28.22
CA PRO A 97 -14.64 -6.27 29.61
C PRO A 97 -15.12 -7.70 29.87
N SER A 98 -14.24 -8.65 29.57
CA SER A 98 -14.56 -10.05 29.77
C SER A 98 -14.78 -10.34 31.26
N SER A 99 -15.96 -10.84 31.57
CA SER A 99 -16.30 -11.16 32.95
C SER A 99 -16.36 -9.88 33.78
N GLY A 100 -17.20 -9.92 34.81
CA GLY A 100 -17.35 -8.78 35.69
C GLY A 100 -16.77 -9.06 37.07
N GLY A 1 -18.69 -1.82 -18.82
CA GLY A 1 -17.38 -1.53 -18.24
C GLY A 1 -16.27 -2.12 -19.10
N SER A 2 -15.81 -1.31 -20.06
CA SER A 2 -14.74 -1.73 -20.94
C SER A 2 -13.60 -0.71 -20.92
N SER A 3 -12.40 -1.21 -21.20
CA SER A 3 -11.22 -0.37 -21.20
C SER A 3 -11.27 0.59 -22.40
N GLY A 4 -10.91 1.84 -22.14
CA GLY A 4 -10.90 2.85 -23.17
C GLY A 4 -9.70 3.78 -23.03
N SER A 5 -9.79 4.92 -23.69
CA SER A 5 -8.72 5.91 -23.65
C SER A 5 -9.30 7.32 -23.74
N SER A 6 -9.12 8.07 -22.68
CA SER A 6 -9.62 9.44 -22.62
C SER A 6 -9.10 10.14 -21.37
N GLY A 7 -8.17 11.06 -21.58
CA GLY A 7 -7.59 11.81 -20.47
C GLY A 7 -6.68 10.91 -19.62
N THR A 8 -5.44 11.35 -19.49
CA THR A 8 -4.47 10.61 -18.71
C THR A 8 -3.88 11.49 -17.60
N CYS A 9 -4.44 12.68 -17.48
CA CYS A 9 -3.99 13.62 -16.48
C CYS A 9 -5.06 14.70 -16.31
N VAL A 10 -6.13 14.32 -15.64
CA VAL A 10 -7.24 15.25 -15.40
C VAL A 10 -7.94 14.87 -14.09
N PHE A 11 -8.03 15.85 -13.20
CA PHE A 11 -8.67 15.64 -11.92
C PHE A 11 -8.30 14.28 -11.34
N GLU A 12 -7.20 14.27 -10.59
CA GLU A 12 -6.73 13.05 -9.97
C GLU A 12 -6.96 13.10 -8.46
N LYS A 13 -8.07 12.51 -8.04
CA LYS A 13 -8.42 12.47 -6.63
C LYS A 13 -9.04 11.12 -6.30
N GLU A 14 -8.21 10.09 -6.31
CA GLU A 14 -8.67 8.74 -6.02
C GLU A 14 -8.09 8.26 -4.68
N ASN A 15 -8.73 7.26 -4.12
CA ASN A 15 -8.29 6.70 -2.86
C ASN A 15 -8.69 5.22 -2.78
N ASP A 16 -7.84 4.44 -2.13
CA ASP A 16 -8.09 3.01 -1.99
C ASP A 16 -7.02 2.40 -1.08
N PRO A 17 -7.49 1.59 -0.10
CA PRO A 17 -6.59 0.93 0.82
C PRO A 17 -5.86 -0.24 0.16
N THR A 18 -6.46 -0.73 -0.91
CA THR A 18 -5.88 -1.83 -1.65
C THR A 18 -4.57 -1.41 -2.33
N VAL A 19 -4.63 -0.25 -2.97
CA VAL A 19 -3.47 0.29 -3.66
C VAL A 19 -2.63 1.12 -2.67
N LEU A 20 -1.41 0.65 -2.46
CA LEU A 20 -0.50 1.33 -1.54
C LEU A 20 0.06 2.58 -2.23
N ARG A 21 -0.51 3.72 -1.85
CA ARG A 21 -0.07 4.99 -2.41
C ARG A 21 1.02 5.61 -1.55
N SER A 22 2.06 6.08 -2.22
CA SER A 22 3.18 6.70 -1.53
C SER A 22 2.69 7.92 -0.73
N PRO A 23 3.11 7.96 0.56
CA PRO A 23 2.73 9.06 1.44
C PRO A 23 3.51 10.33 1.10
N SER A 24 4.71 10.13 0.56
CA SER A 24 5.56 11.24 0.19
C SER A 24 6.67 10.75 -0.76
N ALA A 25 7.29 11.72 -1.43
CA ALA A 25 8.36 11.41 -2.36
C ALA A 25 9.47 10.66 -1.62
N GLY A 26 10.48 10.27 -2.38
CA GLY A 26 11.61 9.55 -1.82
C GLY A 26 12.32 8.72 -2.90
N LYS A 27 12.72 7.52 -2.51
CA LYS A 27 13.42 6.63 -3.42
C LYS A 27 13.35 5.20 -2.89
N LEU A 28 12.42 4.44 -3.46
CA LEU A 28 12.24 3.05 -3.06
C LEU A 28 13.61 2.39 -2.89
N THR A 29 13.62 1.31 -2.13
CA THR A 29 14.85 0.58 -1.88
C THR A 29 14.64 -0.92 -2.08
N GLN A 30 13.74 -1.48 -1.28
CA GLN A 30 13.43 -2.89 -1.37
C GLN A 30 12.34 -3.25 -0.35
N TYR A 31 11.78 -4.45 -0.53
CA TYR A 31 10.74 -4.93 0.35
C TYR A 31 11.34 -5.72 1.52
N THR A 32 10.52 -5.88 2.56
CA THR A 32 10.95 -6.61 3.74
C THR A 32 10.19 -7.93 3.86
N VAL A 33 9.23 -8.11 2.96
CA VAL A 33 8.42 -9.31 2.95
C VAL A 33 8.64 -10.06 1.64
N GLU A 34 8.17 -11.30 1.61
CA GLU A 34 8.30 -12.13 0.42
C GLU A 34 7.06 -12.00 -0.45
N ASP A 35 7.08 -12.72 -1.58
CA ASP A 35 5.97 -12.69 -2.50
C ASP A 35 4.66 -12.80 -1.72
N GLY A 36 3.77 -11.85 -1.99
CA GLY A 36 2.48 -11.82 -1.32
C GLY A 36 2.64 -11.94 0.19
N GLY A 37 3.68 -11.28 0.68
CA GLY A 37 3.96 -11.29 2.11
C GLY A 37 2.77 -10.75 2.91
N HIS A 38 2.37 -11.52 3.92
CA HIS A 38 1.25 -11.12 4.76
C HIS A 38 1.78 -10.41 6.01
N VAL A 39 1.45 -9.13 6.11
CA VAL A 39 1.88 -8.33 7.25
C VAL A 39 0.64 -7.80 7.97
N GLU A 40 0.89 -7.23 9.15
CA GLU A 40 -0.19 -6.68 9.95
C GLU A 40 -0.18 -5.15 9.86
N ALA A 41 -1.35 -4.56 10.08
CA ALA A 41 -1.49 -3.12 10.02
C ALA A 41 -0.63 -2.49 11.12
N GLY A 42 0.59 -2.15 10.75
CA GLY A 42 1.52 -1.54 11.68
C GLY A 42 2.95 -2.03 11.44
N SER A 43 3.05 -3.18 10.80
CA SER A 43 4.34 -3.77 10.49
C SER A 43 4.97 -3.05 9.30
N SER A 44 6.11 -3.56 8.88
CA SER A 44 6.82 -2.98 7.75
C SER A 44 7.02 -4.04 6.65
N TYR A 45 6.74 -3.62 5.43
CA TYR A 45 6.89 -4.52 4.28
C TYR A 45 7.92 -3.99 3.30
N ALA A 46 8.34 -2.75 3.53
CA ALA A 46 9.33 -2.11 2.68
C ALA A 46 9.77 -0.79 3.31
N GLU A 47 10.62 -0.08 2.58
CA GLU A 47 11.13 1.20 3.06
C GLU A 47 11.38 2.14 1.87
N MET A 48 11.71 3.38 2.21
CA MET A 48 11.97 4.37 1.20
C MET A 48 12.98 5.42 1.70
N GLU A 49 13.53 6.17 0.76
CA GLU A 49 14.50 7.19 1.09
C GLU A 49 14.01 8.57 0.63
N VAL A 50 13.72 9.42 1.60
CA VAL A 50 13.24 10.76 1.31
C VAL A 50 13.99 11.76 2.18
N MET A 51 14.35 12.88 1.57
CA MET A 51 15.07 13.92 2.27
C MET A 51 16.41 13.41 2.81
N LYS A 52 17.03 12.54 2.02
CA LYS A 52 18.31 11.96 2.41
C LYS A 52 18.12 11.09 3.65
N MET A 53 16.86 10.78 3.93
CA MET A 53 16.53 9.95 5.08
C MET A 53 15.78 8.69 4.65
N ILE A 54 16.04 7.61 5.37
CA ILE A 54 15.39 6.35 5.08
C ILE A 54 14.20 6.15 6.02
N MET A 55 13.04 5.96 5.41
CA MET A 55 11.83 5.76 6.19
C MET A 55 11.19 4.39 5.89
N THR A 56 10.68 3.77 6.93
CA THR A 56 10.05 2.46 6.79
C THR A 56 8.63 2.62 6.26
N LEU A 57 8.19 1.62 5.51
CA LEU A 57 6.86 1.63 4.95
C LEU A 57 6.02 0.53 5.60
N ASN A 58 4.97 0.95 6.30
CA ASN A 58 4.09 0.02 6.97
C ASN A 58 2.75 0.00 6.26
N VAL A 59 1.94 -1.01 6.60
CA VAL A 59 0.64 -1.15 5.99
C VAL A 59 -0.42 -0.57 6.94
N GLN A 60 -1.27 0.27 6.37
CA GLN A 60 -2.33 0.91 7.14
C GLN A 60 -3.38 -0.11 7.55
N GLU A 61 -3.59 -1.08 6.67
CA GLU A 61 -4.56 -2.14 6.94
C GLU A 61 -3.99 -3.50 6.54
N ARG A 62 -4.00 -4.42 7.50
CA ARG A 62 -3.49 -5.76 7.27
C ARG A 62 -3.81 -6.20 5.84
N GLY A 63 -2.95 -7.06 5.31
CA GLY A 63 -3.12 -7.57 3.96
C GLY A 63 -1.84 -8.23 3.45
N ARG A 64 -1.75 -8.33 2.14
CA ARG A 64 -0.59 -8.93 1.52
C ARG A 64 0.11 -7.93 0.58
N VAL A 65 1.39 -7.73 0.84
CA VAL A 65 2.17 -6.80 0.05
C VAL A 65 2.68 -7.51 -1.21
N LYS A 66 2.58 -6.81 -2.33
CA LYS A 66 3.02 -7.37 -3.60
C LYS A 66 3.96 -6.37 -4.28
N TYR A 67 4.72 -6.89 -5.23
CA TYR A 67 5.67 -6.06 -5.96
C TYR A 67 5.02 -5.46 -7.20
N ILE A 68 4.93 -4.12 -7.20
CA ILE A 68 4.34 -3.42 -8.32
C ILE A 68 5.43 -2.66 -9.07
N LYS A 69 5.98 -1.65 -8.42
CA LYS A 69 7.03 -0.84 -9.01
C LYS A 69 8.39 -1.45 -8.68
N ARG A 70 9.17 -1.71 -9.72
CA ARG A 70 10.48 -2.30 -9.56
C ARG A 70 11.29 -1.49 -8.53
N PRO A 71 12.26 -2.20 -7.88
CA PRO A 71 13.11 -1.57 -6.88
C PRO A 71 14.16 -0.68 -7.55
N GLY A 72 14.18 0.58 -7.11
CA GLY A 72 15.12 1.54 -7.65
C GLY A 72 14.40 2.68 -8.37
N ALA A 73 13.08 2.70 -8.20
CA ALA A 73 12.27 3.73 -8.83
C ALA A 73 12.30 4.99 -7.97
N VAL A 74 11.85 6.09 -8.57
CA VAL A 74 11.83 7.37 -7.88
C VAL A 74 10.47 7.55 -7.20
N LEU A 75 10.49 7.45 -5.88
CA LEU A 75 9.26 7.60 -5.10
C LEU A 75 8.81 9.06 -5.16
N GLU A 76 7.52 9.23 -5.42
CA GLU A 76 6.94 10.56 -5.52
C GLU A 76 5.65 10.64 -4.69
N ALA A 77 5.35 11.83 -4.23
CA ALA A 77 4.15 12.05 -3.44
C ALA A 77 2.92 11.66 -4.27
N GLY A 78 1.97 11.02 -3.60
CA GLY A 78 0.75 10.59 -4.25
C GLY A 78 1.06 9.76 -5.50
N CYS A 79 1.73 8.65 -5.28
CA CYS A 79 2.09 7.76 -6.38
C CYS A 79 1.78 6.31 -5.96
N VAL A 80 2.13 5.39 -6.83
CA VAL A 80 1.88 3.98 -6.56
C VAL A 80 3.20 3.32 -6.16
N VAL A 81 3.10 2.47 -5.14
CA VAL A 81 4.27 1.76 -4.65
C VAL A 81 4.07 0.26 -4.83
N ALA A 82 3.09 -0.26 -4.10
CA ALA A 82 2.77 -1.69 -4.17
C ALA A 82 1.26 -1.88 -4.02
N ARG A 83 0.86 -3.14 -4.05
CA ARG A 83 -0.55 -3.47 -3.92
C ARG A 83 -0.80 -4.25 -2.63
N LEU A 84 -1.99 -4.07 -2.08
CA LEU A 84 -2.35 -4.74 -0.85
C LEU A 84 -3.67 -5.49 -1.05
N GLU A 85 -3.58 -6.81 -0.98
CA GLU A 85 -4.75 -7.65 -1.15
C GLU A 85 -5.40 -7.95 0.20
N LEU A 86 -6.41 -7.16 0.53
CA LEU A 86 -7.12 -7.33 1.79
C LEU A 86 -7.39 -8.82 2.01
N ASP A 87 -6.93 -9.30 3.16
CA ASP A 87 -7.12 -10.70 3.51
C ASP A 87 -8.45 -10.86 4.24
N ASP A 88 -9.07 -9.72 4.55
CA ASP A 88 -10.34 -9.73 5.24
C ASP A 88 -11.25 -8.66 4.64
N PRO A 89 -11.70 -8.93 3.38
CA PRO A 89 -12.58 -8.01 2.68
C PRO A 89 -14.00 -8.07 3.24
N SER A 90 -14.08 -8.01 4.55
CA SER A 90 -15.37 -8.05 5.22
C SER A 90 -15.26 -7.46 6.63
N LYS A 91 -16.15 -6.51 6.92
CA LYS A 91 -16.15 -5.86 8.21
C LYS A 91 -17.47 -6.17 8.93
N VAL A 92 -17.48 -7.29 9.63
CA VAL A 92 -18.67 -7.70 10.37
C VAL A 92 -18.30 -7.92 11.83
N HIS A 93 -19.34 -8.14 12.63
CA HIS A 93 -19.15 -8.35 14.06
C HIS A 93 -19.44 -9.82 14.40
N PRO A 94 -18.34 -10.60 14.54
CA PRO A 94 -18.46 -12.02 14.85
C PRO A 94 -18.84 -12.21 16.33
N SER A 95 -19.05 -13.47 16.69
CA SER A 95 -19.40 -13.80 18.06
C SER A 95 -18.61 -15.02 18.53
N GLY A 96 -17.68 -14.76 19.45
CA GLY A 96 -16.84 -15.81 19.98
C GLY A 96 -17.28 -16.19 21.40
N PRO A 97 -17.65 -17.49 21.56
CA PRO A 97 -18.08 -17.99 22.85
C PRO A 97 -16.90 -18.18 23.80
N SER A 98 -17.21 -18.31 25.08
CA SER A 98 -16.18 -18.49 26.09
C SER A 98 -16.29 -19.89 26.69
N SER A 99 -15.30 -20.23 27.50
CA SER A 99 -15.26 -21.53 28.15
C SER A 99 -14.81 -21.38 29.60
N GLY A 100 -15.00 -22.45 30.36
CA GLY A 100 -14.60 -22.45 31.76
C GLY A 100 -14.30 -23.87 32.24
N GLY A 1 -9.64 -19.81 -25.23
CA GLY A 1 -8.46 -19.95 -24.39
C GLY A 1 -8.49 -18.95 -23.23
N SER A 2 -7.40 -18.90 -22.50
CA SER A 2 -7.29 -17.99 -21.36
C SER A 2 -5.84 -17.53 -21.20
N SER A 3 -5.69 -16.26 -20.84
CA SER A 3 -4.38 -15.69 -20.65
C SER A 3 -4.46 -14.51 -19.68
N GLY A 4 -3.29 -14.05 -19.25
CA GLY A 4 -3.22 -12.93 -18.33
C GLY A 4 -3.76 -11.66 -18.97
N SER A 5 -3.04 -11.18 -19.98
CA SER A 5 -3.43 -9.98 -20.69
C SER A 5 -3.57 -8.82 -19.70
N SER A 6 -3.75 -7.63 -20.26
CA SER A 6 -3.90 -6.43 -19.44
C SER A 6 -5.32 -6.33 -18.91
N GLY A 7 -5.47 -5.62 -17.79
CA GLY A 7 -6.77 -5.43 -17.18
C GLY A 7 -7.63 -4.47 -18.00
N THR A 8 -8.70 -4.00 -17.37
CA THR A 8 -9.60 -3.07 -18.02
C THR A 8 -9.20 -1.62 -17.71
N CYS A 9 -9.25 -0.80 -18.74
CA CYS A 9 -8.89 0.61 -18.58
C CYS A 9 -9.95 1.26 -17.69
N VAL A 10 -9.60 1.36 -16.41
CA VAL A 10 -10.49 1.98 -15.44
C VAL A 10 -9.67 2.78 -14.43
N PHE A 11 -10.27 3.88 -13.99
CA PHE A 11 -9.60 4.75 -13.02
C PHE A 11 -10.26 4.65 -11.65
N GLU A 12 -9.48 4.95 -10.62
CA GLU A 12 -9.98 4.89 -9.25
C GLU A 12 -8.91 5.40 -8.29
N LYS A 13 -9.22 6.51 -7.64
CA LYS A 13 -8.30 7.11 -6.70
C LYS A 13 -9.08 8.02 -5.74
N GLU A 14 -9.34 7.49 -4.56
CA GLU A 14 -10.07 8.23 -3.54
C GLU A 14 -10.15 7.43 -2.24
N ASN A 15 -9.06 7.46 -1.50
CA ASN A 15 -8.99 6.75 -0.24
C ASN A 15 -9.17 5.25 -0.50
N ASP A 16 -8.17 4.48 -0.04
CA ASP A 16 -8.21 3.04 -0.22
C ASP A 16 -6.91 2.44 0.33
N PRO A 17 -7.06 1.68 1.44
CA PRO A 17 -5.91 1.04 2.07
C PRO A 17 -5.43 -0.17 1.26
N THR A 18 -6.17 -0.44 0.18
CA THR A 18 -5.83 -1.56 -0.68
C THR A 18 -4.68 -1.18 -1.62
N VAL A 19 -4.65 0.09 -1.98
CA VAL A 19 -3.62 0.60 -2.87
C VAL A 19 -2.61 1.42 -2.06
N LEU A 20 -1.45 0.82 -1.84
CA LEU A 20 -0.40 1.48 -1.09
C LEU A 20 0.23 2.57 -1.96
N ARG A 21 -0.30 3.78 -1.83
CA ARG A 21 0.20 4.91 -2.60
C ARG A 21 1.29 5.63 -1.81
N SER A 22 2.27 6.14 -2.55
CA SER A 22 3.37 6.86 -1.94
C SER A 22 2.84 7.95 -1.01
N PRO A 23 2.97 7.69 0.32
CA PRO A 23 2.50 8.63 1.32
C PRO A 23 3.45 9.83 1.42
N SER A 24 4.49 9.80 0.60
CA SER A 24 5.47 10.87 0.59
C SER A 24 6.56 10.57 -0.45
N ALA A 25 7.26 11.63 -0.82
CA ALA A 25 8.33 11.49 -1.81
C ALA A 25 9.53 10.81 -1.14
N GLY A 26 10.35 10.18 -1.97
CA GLY A 26 11.53 9.48 -1.49
C GLY A 26 12.22 8.71 -2.61
N LYS A 27 12.74 7.55 -2.25
CA LYS A 27 13.42 6.70 -3.22
C LYS A 27 13.24 5.23 -2.82
N LEU A 28 12.51 4.51 -3.66
CA LEU A 28 12.27 3.10 -3.40
C LEU A 28 13.60 2.37 -3.24
N THR A 29 13.67 1.56 -2.20
CA THR A 29 14.89 0.80 -1.93
C THR A 29 14.66 -0.69 -2.21
N GLN A 30 13.79 -1.28 -1.41
CA GLN A 30 13.47 -2.69 -1.55
C GLN A 30 12.35 -3.09 -0.58
N TYR A 31 11.86 -4.31 -0.75
CA TYR A 31 10.81 -4.82 0.09
C TYR A 31 11.36 -5.74 1.17
N THR A 32 10.72 -5.70 2.33
CA THR A 32 11.13 -6.52 3.46
C THR A 32 10.36 -7.84 3.46
N VAL A 33 9.28 -7.86 2.71
CA VAL A 33 8.45 -9.05 2.62
C VAL A 33 8.64 -9.70 1.24
N GLU A 34 8.22 -10.96 1.16
CA GLU A 34 8.34 -11.69 -0.09
C GLU A 34 7.02 -11.65 -0.86
N ASP A 35 7.05 -12.19 -2.07
CA ASP A 35 5.87 -12.21 -2.92
C ASP A 35 4.67 -12.69 -2.09
N GLY A 36 3.66 -11.84 -2.05
CA GLY A 36 2.45 -12.16 -1.30
C GLY A 36 2.71 -12.09 0.20
N GLY A 37 3.58 -11.19 0.59
CA GLY A 37 3.93 -11.01 1.98
C GLY A 37 2.69 -10.69 2.82
N HIS A 38 2.53 -11.41 3.91
CA HIS A 38 1.39 -11.22 4.79
C HIS A 38 1.87 -10.60 6.11
N VAL A 39 1.18 -9.56 6.52
CA VAL A 39 1.53 -8.87 7.77
C VAL A 39 0.28 -8.20 8.33
N GLU A 40 0.48 -7.49 9.43
CA GLU A 40 -0.62 -6.79 10.08
C GLU A 40 -0.42 -5.28 9.99
N ALA A 41 -1.53 -4.57 10.01
CA ALA A 41 -1.48 -3.11 9.93
C ALA A 41 -0.47 -2.58 10.94
N GLY A 42 0.63 -2.07 10.41
CA GLY A 42 1.68 -1.52 11.25
C GLY A 42 3.04 -2.07 10.84
N SER A 43 3.03 -3.31 10.37
CA SER A 43 4.26 -3.96 9.94
C SER A 43 4.83 -3.26 8.71
N SER A 44 6.13 -3.41 8.52
CA SER A 44 6.81 -2.79 7.40
C SER A 44 6.99 -3.82 6.28
N TYR A 45 6.63 -3.40 5.07
CA TYR A 45 6.75 -4.26 3.90
C TYR A 45 7.77 -3.72 2.92
N ALA A 46 8.08 -2.44 3.08
CA ALA A 46 9.05 -1.78 2.21
C ALA A 46 9.59 -0.53 2.91
N GLU A 47 10.56 0.10 2.26
CA GLU A 47 11.17 1.29 2.80
C GLU A 47 11.53 2.27 1.68
N MET A 48 12.12 3.38 2.06
CA MET A 48 12.52 4.41 1.11
C MET A 48 13.46 5.42 1.74
N GLU A 49 14.01 6.28 0.90
CA GLU A 49 14.93 7.30 1.36
C GLU A 49 14.46 8.69 0.90
N VAL A 50 14.06 9.49 1.86
CA VAL A 50 13.60 10.84 1.57
C VAL A 50 14.30 11.83 2.51
N MET A 51 14.64 12.98 1.93
CA MET A 51 15.32 14.01 2.70
C MET A 51 16.63 13.50 3.29
N LYS A 52 17.23 12.55 2.58
CA LYS A 52 18.48 11.97 3.02
C LYS A 52 18.24 11.13 4.28
N MET A 53 16.99 10.71 4.43
CA MET A 53 16.62 9.90 5.58
C MET A 53 15.83 8.66 5.14
N ILE A 54 16.35 7.50 5.53
CA ILE A 54 15.71 6.25 5.19
C ILE A 54 14.48 6.04 6.08
N MET A 55 13.33 5.92 5.43
CA MET A 55 12.08 5.73 6.15
C MET A 55 11.44 4.39 5.77
N THR A 56 10.77 3.80 6.75
CA THR A 56 10.12 2.51 6.54
C THR A 56 8.66 2.73 6.13
N LEU A 57 8.14 1.78 5.36
CA LEU A 57 6.77 1.86 4.90
C LEU A 57 5.97 0.69 5.49
N ASN A 58 4.88 1.03 6.15
CA ASN A 58 4.02 0.04 6.77
C ASN A 58 2.64 0.07 6.11
N VAL A 59 1.87 -0.97 6.35
CA VAL A 59 0.54 -1.07 5.79
C VAL A 59 -0.47 -0.45 6.76
N GLN A 60 -1.37 0.34 6.21
CA GLN A 60 -2.39 0.99 7.01
C GLN A 60 -3.42 -0.02 7.50
N GLU A 61 -3.61 -1.06 6.70
CA GLU A 61 -4.56 -2.10 7.03
C GLU A 61 -4.02 -3.47 6.61
N ARG A 62 -3.97 -4.37 7.58
CA ARG A 62 -3.48 -5.71 7.32
C ARG A 62 -3.89 -6.18 5.92
N GLY A 63 -3.06 -7.04 5.35
CA GLY A 63 -3.32 -7.56 4.03
C GLY A 63 -2.11 -8.32 3.48
N ARG A 64 -1.97 -8.29 2.16
CA ARG A 64 -0.87 -8.98 1.51
C ARG A 64 -0.13 -8.01 0.57
N VAL A 65 1.14 -7.81 0.85
CA VAL A 65 1.96 -6.92 0.04
C VAL A 65 2.54 -7.71 -1.14
N LYS A 66 2.58 -7.05 -2.28
CA LYS A 66 3.11 -7.66 -3.49
C LYS A 66 3.96 -6.65 -4.25
N TYR A 67 4.78 -7.16 -5.15
CA TYR A 67 5.64 -6.31 -5.95
C TYR A 67 4.89 -5.73 -7.15
N ILE A 68 5.02 -4.43 -7.33
CA ILE A 68 4.37 -3.75 -8.43
C ILE A 68 5.35 -2.81 -9.12
N LYS A 69 6.06 -2.05 -8.30
CA LYS A 69 7.03 -1.10 -8.81
C LYS A 69 8.44 -1.61 -8.51
N ARG A 70 9.22 -1.76 -9.58
CA ARG A 70 10.58 -2.25 -9.45
C ARG A 70 11.35 -1.39 -8.43
N PRO A 71 12.27 -2.07 -7.69
CA PRO A 71 13.08 -1.39 -6.69
C PRO A 71 14.17 -0.55 -7.35
N GLY A 72 14.23 0.70 -6.93
CA GLY A 72 15.23 1.63 -7.47
C GLY A 72 14.55 2.82 -8.13
N ALA A 73 13.23 2.81 -8.11
CA ALA A 73 12.46 3.89 -8.71
C ALA A 73 12.37 5.05 -7.73
N VAL A 74 12.05 6.22 -8.27
CA VAL A 74 11.92 7.41 -7.45
C VAL A 74 10.50 7.49 -6.88
N LEU A 75 10.43 7.69 -5.57
CA LEU A 75 9.16 7.79 -4.90
C LEU A 75 8.63 9.22 -4.99
N GLU A 76 7.42 9.34 -5.50
CA GLU A 76 6.80 10.64 -5.66
C GLU A 76 5.47 10.70 -4.88
N ALA A 77 5.13 11.90 -4.45
CA ALA A 77 3.91 12.11 -3.69
C ALA A 77 2.70 11.80 -4.60
N GLY A 78 1.83 10.94 -4.10
CA GLY A 78 0.64 10.56 -4.84
C GLY A 78 1.00 9.62 -5.99
N CYS A 79 1.69 8.54 -5.64
CA CYS A 79 2.10 7.55 -6.63
C CYS A 79 1.79 6.16 -6.07
N VAL A 80 2.01 5.16 -6.90
CA VAL A 80 1.77 3.79 -6.50
C VAL A 80 3.10 3.11 -6.18
N VAL A 81 3.04 2.15 -5.28
CA VAL A 81 4.23 1.42 -4.88
C VAL A 81 3.95 -0.08 -4.96
N ALA A 82 3.02 -0.53 -4.13
CA ALA A 82 2.66 -1.93 -4.10
C ALA A 82 1.15 -2.06 -3.92
N ARG A 83 0.69 -3.30 -3.82
CA ARG A 83 -0.72 -3.58 -3.65
C ARG A 83 -0.96 -4.29 -2.32
N LEU A 84 -2.11 -3.99 -1.73
CA LEU A 84 -2.47 -4.60 -0.45
C LEU A 84 -3.67 -5.52 -0.67
N GLU A 85 -3.41 -6.81 -0.58
CA GLU A 85 -4.45 -7.80 -0.77
C GLU A 85 -5.08 -8.17 0.58
N LEU A 86 -6.17 -7.47 0.89
CA LEU A 86 -6.86 -7.71 2.15
C LEU A 86 -6.93 -9.22 2.41
N ASP A 87 -6.62 -9.57 3.65
CA ASP A 87 -6.64 -10.97 4.05
C ASP A 87 -8.00 -11.30 4.67
N ASP A 88 -9.02 -10.63 4.16
CA ASP A 88 -10.38 -10.84 4.65
C ASP A 88 -11.31 -9.80 4.02
N PRO A 89 -11.77 -10.11 2.79
CA PRO A 89 -12.66 -9.22 2.07
C PRO A 89 -14.08 -9.28 2.65
N SER A 90 -14.40 -10.43 3.23
CA SER A 90 -15.71 -10.63 3.82
C SER A 90 -15.80 -12.03 4.42
N LYS A 91 -14.72 -12.43 5.09
CA LYS A 91 -14.66 -13.74 5.72
C LYS A 91 -15.47 -13.71 7.02
N VAL A 92 -15.94 -12.52 7.36
CA VAL A 92 -16.72 -12.34 8.58
C VAL A 92 -17.39 -10.96 8.55
N HIS A 93 -16.63 -9.97 8.12
CA HIS A 93 -17.13 -8.61 8.05
C HIS A 93 -17.15 -8.00 9.45
N PRO A 94 -15.96 -7.54 9.90
CA PRO A 94 -15.84 -6.93 11.21
C PRO A 94 -16.41 -5.52 11.21
N SER A 95 -16.09 -4.77 10.16
CA SER A 95 -16.57 -3.40 10.02
C SER A 95 -18.06 -3.34 10.33
N GLY A 96 -18.53 -2.14 10.65
CA GLY A 96 -19.92 -1.94 10.98
C GLY A 96 -20.09 -0.89 12.08
N PRO A 97 -21.32 -0.31 12.14
CA PRO A 97 -21.61 0.70 13.14
C PRO A 97 -21.81 0.07 14.51
N SER A 98 -22.11 0.92 15.48
CA SER A 98 -22.32 0.46 16.84
C SER A 98 -21.10 -0.31 17.34
N SER A 99 -21.08 -0.58 18.64
CA SER A 99 -19.98 -1.30 19.24
C SER A 99 -18.69 -0.48 19.13
N GLY A 100 -18.21 -0.03 20.27
CA GLY A 100 -16.99 0.77 20.31
C GLY A 100 -15.90 0.05 21.10
N GLY A 1 22.36 10.03 -11.27
CA GLY A 1 22.01 11.40 -10.93
C GLY A 1 20.54 11.68 -11.18
N SER A 2 20.27 12.38 -12.28
CA SER A 2 18.91 12.71 -12.65
C SER A 2 18.32 13.68 -11.63
N SER A 3 17.63 14.69 -12.15
CA SER A 3 17.02 15.69 -11.30
C SER A 3 16.21 16.67 -12.15
N GLY A 4 15.18 17.24 -11.54
CA GLY A 4 14.33 18.20 -12.22
C GLY A 4 13.20 18.67 -11.30
N SER A 5 13.29 19.93 -10.90
CA SER A 5 12.28 20.52 -10.03
C SER A 5 11.39 21.48 -10.83
N SER A 6 10.14 21.55 -10.42
CA SER A 6 9.18 22.42 -11.08
C SER A 6 7.83 22.34 -10.38
N GLY A 7 7.26 21.15 -10.39
CA GLY A 7 5.97 20.94 -9.76
C GLY A 7 4.84 21.57 -10.58
N THR A 8 3.63 21.13 -10.31
CA THR A 8 2.46 21.65 -11.00
C THR A 8 1.18 21.30 -10.25
N CYS A 9 0.08 21.85 -10.73
CA CYS A 9 -1.21 21.61 -10.10
C CYS A 9 -1.34 20.11 -9.84
N VAL A 10 -2.26 19.77 -8.96
CA VAL A 10 -2.50 18.38 -8.61
C VAL A 10 -3.76 18.28 -7.74
N PHE A 11 -4.75 17.58 -8.26
CA PHE A 11 -6.00 17.41 -7.54
C PHE A 11 -5.90 16.26 -6.53
N GLU A 12 -6.98 16.06 -5.80
CA GLU A 12 -7.02 15.00 -4.80
C GLU A 12 -7.75 13.77 -5.35
N LYS A 13 -6.96 12.87 -5.92
CA LYS A 13 -7.52 11.65 -6.49
C LYS A 13 -7.97 10.72 -5.35
N GLU A 14 -8.75 9.72 -5.74
CA GLU A 14 -9.27 8.76 -4.78
C GLU A 14 -8.14 7.84 -4.29
N ASN A 15 -8.29 7.36 -3.07
CA ASN A 15 -7.30 6.47 -2.49
C ASN A 15 -8.02 5.35 -1.72
N ASP A 16 -7.44 4.17 -1.80
CA ASP A 16 -8.00 3.01 -1.13
C ASP A 16 -6.91 2.31 -0.32
N PRO A 17 -7.36 1.44 0.62
CA PRO A 17 -6.42 0.70 1.46
C PRO A 17 -5.77 -0.44 0.67
N THR A 18 -6.39 -0.79 -0.44
CA THR A 18 -5.88 -1.85 -1.29
C THR A 18 -4.59 -1.41 -1.98
N VAL A 19 -4.63 -0.21 -2.53
CA VAL A 19 -3.48 0.34 -3.23
C VAL A 19 -2.62 1.13 -2.24
N LEU A 20 -1.44 0.59 -1.98
CA LEU A 20 -0.52 1.23 -1.05
C LEU A 20 0.19 2.39 -1.76
N ARG A 21 -0.42 3.55 -1.65
CA ARG A 21 0.13 4.75 -2.28
C ARG A 21 1.25 5.34 -1.40
N SER A 22 2.06 6.16 -2.02
CA SER A 22 3.16 6.80 -1.32
C SER A 22 2.65 8.00 -0.52
N PRO A 23 2.84 7.92 0.82
CA PRO A 23 2.41 8.99 1.70
C PRO A 23 3.34 10.20 1.60
N SER A 24 4.52 9.96 1.03
CA SER A 24 5.50 11.01 0.87
C SER A 24 6.56 10.58 -0.16
N ALA A 25 7.19 11.58 -0.75
CA ALA A 25 8.22 11.32 -1.75
C ALA A 25 9.37 10.53 -1.11
N GLY A 26 10.23 10.01 -1.96
CA GLY A 26 11.37 9.23 -1.50
C GLY A 26 12.02 8.47 -2.65
N LYS A 27 12.65 7.36 -2.30
CA LYS A 27 13.32 6.53 -3.29
C LYS A 27 13.25 5.07 -2.86
N LEU A 28 12.44 4.31 -3.59
CA LEU A 28 12.28 2.90 -3.30
C LEU A 28 13.65 2.23 -3.21
N THR A 29 13.73 1.21 -2.39
CA THR A 29 14.98 0.47 -2.20
C THR A 29 14.74 -1.03 -2.35
N GLN A 30 13.93 -1.56 -1.44
CA GLN A 30 13.62 -2.98 -1.46
C GLN A 30 12.55 -3.29 -0.41
N TYR A 31 11.91 -4.44 -0.59
CA TYR A 31 10.87 -4.88 0.32
C TYR A 31 11.46 -5.59 1.53
N THR A 32 10.61 -5.84 2.51
CA THR A 32 11.04 -6.52 3.72
C THR A 32 10.26 -7.83 3.91
N VAL A 33 9.35 -8.08 2.97
CA VAL A 33 8.54 -9.28 3.02
C VAL A 33 8.77 -10.09 1.75
N GLU A 34 8.42 -11.37 1.84
CA GLU A 34 8.57 -12.26 0.70
C GLU A 34 7.37 -12.14 -0.24
N ASP A 35 7.41 -12.92 -1.31
CA ASP A 35 6.35 -12.92 -2.28
C ASP A 35 5.00 -13.06 -1.57
N GLY A 36 4.08 -12.16 -1.89
CA GLY A 36 2.77 -12.18 -1.29
C GLY A 36 2.86 -12.20 0.24
N GLY A 37 3.89 -11.53 0.74
CA GLY A 37 4.11 -11.46 2.18
C GLY A 37 2.91 -10.83 2.88
N HIS A 38 2.44 -11.52 3.91
CA HIS A 38 1.30 -11.06 4.69
C HIS A 38 1.80 -10.29 5.92
N VAL A 39 1.39 -9.04 6.00
CA VAL A 39 1.78 -8.19 7.11
C VAL A 39 0.53 -7.64 7.79
N GLU A 40 0.75 -7.00 8.93
CA GLU A 40 -0.35 -6.41 9.68
C GLU A 40 -0.26 -4.88 9.65
N ALA A 41 -1.41 -4.24 9.81
CA ALA A 41 -1.48 -2.79 9.81
C ALA A 41 -0.56 -2.25 10.90
N GLY A 42 0.53 -1.63 10.46
CA GLY A 42 1.49 -1.06 11.39
C GLY A 42 2.90 -1.61 11.14
N SER A 43 2.93 -2.79 10.53
CA SER A 43 4.18 -3.45 10.23
C SER A 43 4.87 -2.76 9.04
N SER A 44 6.02 -3.28 8.68
CA SER A 44 6.78 -2.72 7.57
C SER A 44 7.02 -3.81 6.51
N TYR A 45 6.76 -3.43 5.26
CA TYR A 45 6.95 -4.34 4.15
C TYR A 45 7.98 -3.81 3.16
N ALA A 46 8.38 -2.57 3.38
CA ALA A 46 9.35 -1.92 2.52
C ALA A 46 9.78 -0.59 3.13
N GLU A 47 10.72 0.07 2.47
CA GLU A 47 11.21 1.35 2.94
C GLU A 47 11.42 2.30 1.75
N MET A 48 11.87 3.50 2.08
CA MET A 48 12.11 4.51 1.07
C MET A 48 13.09 5.57 1.56
N GLU A 49 13.91 6.05 0.65
CA GLU A 49 14.91 7.05 0.98
C GLU A 49 14.39 8.45 0.60
N VAL A 50 13.96 9.18 1.62
CA VAL A 50 13.45 10.53 1.41
C VAL A 50 14.23 11.50 2.28
N MET A 51 14.53 12.66 1.69
CA MET A 51 15.28 13.69 2.41
C MET A 51 16.59 13.13 2.97
N LYS A 52 17.28 12.37 2.14
CA LYS A 52 18.54 11.77 2.55
C LYS A 52 18.32 10.93 3.80
N MET A 53 17.08 10.48 3.96
CA MET A 53 16.73 9.66 5.11
C MET A 53 15.95 8.41 4.67
N ILE A 54 16.19 7.32 5.39
CA ILE A 54 15.51 6.07 5.09
C ILE A 54 14.25 5.96 5.93
N MET A 55 13.12 5.95 5.23
CA MET A 55 11.83 5.85 5.90
C MET A 55 11.20 4.47 5.69
N THR A 56 10.58 3.97 6.74
CA THR A 56 9.94 2.67 6.67
C THR A 56 8.54 2.80 6.06
N LEU A 57 8.17 1.78 5.29
CA LEU A 57 6.87 1.76 4.64
C LEU A 57 6.00 0.68 5.28
N ASN A 58 4.92 1.13 5.90
CA ASN A 58 4.00 0.21 6.55
C ASN A 58 2.70 0.15 5.75
N VAL A 59 1.93 -0.89 6.03
CA VAL A 59 0.66 -1.09 5.35
C VAL A 59 -0.45 -0.35 6.12
N GLN A 60 -1.29 0.35 5.37
CA GLN A 60 -2.39 1.09 5.96
C GLN A 60 -3.38 0.13 6.63
N GLU A 61 -3.46 -1.07 6.07
CA GLU A 61 -4.36 -2.08 6.59
C GLU A 61 -3.83 -3.48 6.28
N ARG A 62 -3.83 -4.31 7.31
CA ARG A 62 -3.35 -5.68 7.16
C ARG A 62 -3.74 -6.23 5.79
N GLY A 63 -2.97 -7.20 5.33
CA GLY A 63 -3.22 -7.82 4.04
C GLY A 63 -1.97 -8.52 3.51
N ARG A 64 -1.79 -8.43 2.19
CA ARG A 64 -0.64 -9.04 1.55
C ARG A 64 0.04 -8.03 0.62
N VAL A 65 1.34 -7.86 0.85
CA VAL A 65 2.12 -6.93 0.04
C VAL A 65 2.58 -7.64 -1.24
N LYS A 66 2.33 -6.99 -2.36
CA LYS A 66 2.71 -7.53 -3.65
C LYS A 66 3.63 -6.55 -4.37
N TYR A 67 4.36 -7.07 -5.35
CA TYR A 67 5.28 -6.25 -6.11
C TYR A 67 4.55 -5.52 -7.24
N ILE A 68 4.62 -4.19 -7.18
CA ILE A 68 3.97 -3.38 -8.20
C ILE A 68 5.03 -2.60 -8.98
N LYS A 69 5.77 -1.77 -8.24
CA LYS A 69 6.82 -0.97 -8.85
C LYS A 69 8.18 -1.61 -8.55
N ARG A 70 9.10 -1.44 -9.49
CA ARG A 70 10.43 -2.00 -9.34
C ARG A 70 11.22 -1.19 -8.30
N PRO A 71 12.16 -1.91 -7.61
CA PRO A 71 12.98 -1.28 -6.59
C PRO A 71 14.06 -0.41 -7.22
N GLY A 72 14.15 0.81 -6.73
CA GLY A 72 15.12 1.76 -7.23
C GLY A 72 14.45 2.88 -8.03
N ALA A 73 13.14 2.90 -7.96
CA ALA A 73 12.36 3.91 -8.67
C ALA A 73 12.36 5.21 -7.86
N VAL A 74 11.89 6.28 -8.49
CA VAL A 74 11.84 7.57 -7.85
C VAL A 74 10.48 7.74 -7.16
N LEU A 75 10.49 7.56 -5.84
CA LEU A 75 9.28 7.68 -5.07
C LEU A 75 8.83 9.14 -5.06
N GLU A 76 7.53 9.33 -5.27
CA GLU A 76 6.96 10.67 -5.29
C GLU A 76 5.65 10.70 -4.50
N ALA A 77 5.34 11.88 -3.98
CA ALA A 77 4.13 12.06 -3.20
C ALA A 77 2.91 11.76 -4.09
N GLY A 78 2.04 10.91 -3.57
CA GLY A 78 0.84 10.54 -4.30
C GLY A 78 1.18 9.62 -5.48
N CYS A 79 1.79 8.49 -5.16
CA CYS A 79 2.19 7.53 -6.17
C CYS A 79 1.89 6.13 -5.63
N VAL A 80 2.11 5.14 -6.49
CA VAL A 80 1.88 3.75 -6.12
C VAL A 80 3.23 3.06 -5.86
N VAL A 81 3.21 2.16 -4.89
CA VAL A 81 4.42 1.42 -4.54
C VAL A 81 4.14 -0.08 -4.64
N ALA A 82 3.13 -0.51 -3.89
CA ALA A 82 2.76 -1.91 -3.89
C ALA A 82 1.24 -2.04 -3.73
N ARG A 83 0.77 -3.28 -3.75
CA ARG A 83 -0.65 -3.54 -3.60
C ARG A 83 -0.93 -4.20 -2.24
N LEU A 84 -2.21 -4.29 -1.92
CA LEU A 84 -2.63 -4.90 -0.67
C LEU A 84 -3.79 -5.85 -0.93
N GLU A 85 -3.53 -7.12 -0.65
CA GLU A 85 -4.54 -8.15 -0.85
C GLU A 85 -5.25 -8.47 0.47
N LEU A 86 -6.36 -7.78 0.69
CA LEU A 86 -7.14 -7.98 1.90
C LEU A 86 -7.25 -9.48 2.19
N ASP A 87 -6.70 -9.87 3.34
CA ASP A 87 -6.74 -11.26 3.75
C ASP A 87 -7.82 -11.45 4.82
N ASP A 88 -8.69 -10.45 4.91
CA ASP A 88 -9.77 -10.51 5.88
C ASP A 88 -10.81 -9.45 5.52
N PRO A 89 -11.51 -9.70 4.38
CA PRO A 89 -12.53 -8.78 3.91
C PRO A 89 -13.81 -8.92 4.75
N SER A 90 -14.78 -8.08 4.42
CA SER A 90 -16.05 -8.09 5.13
C SER A 90 -15.81 -8.26 6.63
N LYS A 91 -15.68 -7.12 7.30
CA LYS A 91 -15.44 -7.13 8.74
C LYS A 91 -16.77 -6.92 9.47
N VAL A 92 -17.57 -7.98 9.51
CA VAL A 92 -18.86 -7.91 10.17
C VAL A 92 -19.03 -9.14 11.07
N HIS A 93 -19.20 -8.87 12.35
CA HIS A 93 -19.37 -9.93 13.32
C HIS A 93 -20.82 -10.43 13.29
N PRO A 94 -21.00 -11.72 13.70
CA PRO A 94 -22.33 -12.31 13.72
C PRO A 94 -23.15 -11.79 14.89
N SER A 95 -22.61 -11.99 16.09
CA SER A 95 -23.28 -11.55 17.30
C SER A 95 -22.27 -11.44 18.45
N GLY A 96 -22.70 -10.79 19.51
CA GLY A 96 -21.86 -10.61 20.68
C GLY A 96 -22.34 -11.46 21.84
N PRO A 97 -22.08 -10.95 23.07
CA PRO A 97 -22.50 -11.66 24.28
C PRO A 97 -24.00 -11.54 24.51
N SER A 98 -24.54 -12.50 25.25
CA SER A 98 -25.95 -12.50 25.54
C SER A 98 -26.17 -12.23 27.04
N SER A 99 -26.50 -10.99 27.34
CA SER A 99 -26.74 -10.58 28.72
C SER A 99 -25.42 -10.47 29.46
N GLY A 100 -24.69 -11.57 29.50
CA GLY A 100 -23.41 -11.61 30.18
C GLY A 100 -22.36 -10.81 29.41
N GLY A 1 20.88 16.51 -13.75
CA GLY A 1 19.81 15.53 -13.83
C GLY A 1 18.66 16.05 -14.72
N SER A 2 17.89 15.10 -15.23
CA SER A 2 16.77 15.44 -16.10
C SER A 2 15.50 14.75 -15.60
N SER A 3 14.37 15.36 -15.92
CA SER A 3 13.08 14.82 -15.52
C SER A 3 11.95 15.65 -16.12
N GLY A 4 10.75 15.09 -16.05
CA GLY A 4 9.57 15.76 -16.59
C GLY A 4 8.58 16.09 -15.47
N SER A 5 7.44 16.63 -15.88
CA SER A 5 6.40 16.99 -14.93
C SER A 5 5.09 17.30 -15.68
N SER A 6 4.01 17.35 -14.92
CA SER A 6 2.70 17.62 -15.49
C SER A 6 2.35 16.56 -16.52
N GLY A 7 1.05 16.34 -16.66
CA GLY A 7 0.56 15.35 -17.62
C GLY A 7 -0.58 14.52 -17.01
N THR A 8 -0.24 13.84 -15.92
CA THR A 8 -1.23 13.00 -15.23
C THR A 8 -2.55 13.76 -15.09
N CYS A 9 -3.62 13.11 -15.56
CA CYS A 9 -4.93 13.71 -15.50
C CYS A 9 -5.83 12.78 -14.66
N VAL A 10 -5.95 13.12 -13.39
CA VAL A 10 -6.77 12.34 -12.47
C VAL A 10 -8.08 11.96 -13.16
N PHE A 11 -8.63 10.84 -12.74
CA PHE A 11 -9.87 10.35 -13.31
C PHE A 11 -10.90 10.06 -12.21
N GLU A 12 -12.15 10.39 -12.52
CA GLU A 12 -13.23 10.16 -11.57
C GLU A 12 -13.37 8.67 -11.26
N LYS A 13 -13.84 8.39 -10.05
CA LYS A 13 -14.01 7.02 -9.61
C LYS A 13 -12.65 6.32 -9.55
N GLU A 14 -11.84 6.80 -8.62
CA GLU A 14 -10.51 6.23 -8.44
C GLU A 14 -10.04 6.41 -7.00
N ASN A 15 -10.07 5.31 -6.25
CA ASN A 15 -9.66 5.33 -4.86
C ASN A 15 -8.90 4.04 -4.53
N ASP A 16 -9.63 2.94 -4.60
CA ASP A 16 -9.05 1.63 -4.31
C ASP A 16 -8.31 1.70 -2.98
N PRO A 17 -9.00 1.22 -1.91
CA PRO A 17 -8.42 1.21 -0.58
C PRO A 17 -7.38 0.10 -0.44
N THR A 18 -7.18 -0.63 -1.53
CA THR A 18 -6.22 -1.72 -1.54
C THR A 18 -5.01 -1.34 -2.38
N VAL A 19 -4.61 -0.08 -2.26
CA VAL A 19 -3.46 0.41 -3.01
C VAL A 19 -2.50 1.11 -2.04
N LEU A 20 -1.24 0.69 -2.11
CA LEU A 20 -0.22 1.27 -1.26
C LEU A 20 0.44 2.45 -1.97
N ARG A 21 -0.18 3.61 -1.81
CA ARG A 21 0.33 4.82 -2.43
C ARG A 21 1.47 5.41 -1.60
N SER A 22 2.17 6.35 -2.20
CA SER A 22 3.29 7.00 -1.53
C SER A 22 2.80 8.25 -0.78
N PRO A 23 3.00 8.23 0.57
CA PRO A 23 2.59 9.35 1.40
C PRO A 23 3.54 10.53 1.24
N SER A 24 4.72 10.23 0.71
CA SER A 24 5.73 11.25 0.50
C SER A 24 6.77 10.77 -0.50
N ALA A 25 7.46 11.72 -1.11
CA ALA A 25 8.48 11.41 -2.09
C ALA A 25 9.61 10.63 -1.42
N GLY A 26 10.49 10.08 -2.25
CA GLY A 26 11.62 9.32 -1.74
C GLY A 26 12.29 8.53 -2.87
N LYS A 27 12.67 7.30 -2.54
CA LYS A 27 13.31 6.43 -3.51
C LYS A 27 13.29 5.00 -3.01
N LEU A 28 12.48 4.18 -3.66
CA LEU A 28 12.36 2.78 -3.30
C LEU A 28 13.74 2.13 -3.29
N THR A 29 13.87 1.11 -2.46
CA THR A 29 15.14 0.40 -2.35
C THR A 29 14.90 -1.11 -2.37
N GLN A 30 14.04 -1.55 -1.47
CA GLN A 30 13.72 -2.98 -1.37
C GLN A 30 12.52 -3.19 -0.45
N TYR A 31 12.18 -4.45 -0.26
CA TYR A 31 11.07 -4.80 0.60
C TYR A 31 11.53 -5.59 1.82
N THR A 32 10.62 -5.75 2.77
CA THR A 32 10.93 -6.47 3.99
C THR A 32 10.07 -7.72 4.11
N VAL A 33 9.37 -8.03 3.01
CA VAL A 33 8.50 -9.20 2.97
C VAL A 33 8.72 -9.94 1.66
N GLU A 34 8.45 -11.24 1.70
CA GLU A 34 8.60 -12.08 0.52
C GLU A 34 7.39 -11.93 -0.40
N ASP A 35 7.44 -12.65 -1.51
CA ASP A 35 6.35 -12.61 -2.47
C ASP A 35 5.02 -12.71 -1.73
N GLY A 36 4.15 -11.76 -2.02
CA GLY A 36 2.83 -11.73 -1.39
C GLY A 36 2.95 -11.91 0.13
N GLY A 37 3.99 -11.30 0.68
CA GLY A 37 4.23 -11.39 2.11
C GLY A 37 3.04 -10.82 2.90
N HIS A 38 2.64 -11.55 3.93
CA HIS A 38 1.53 -11.13 4.76
C HIS A 38 2.07 -10.53 6.07
N VAL A 39 1.49 -9.40 6.44
CA VAL A 39 1.91 -8.71 7.66
C VAL A 39 0.67 -8.16 8.36
N GLU A 40 0.91 -7.48 9.48
CA GLU A 40 -0.18 -6.91 10.26
C GLU A 40 -0.33 -5.43 9.93
N ALA A 41 -1.51 -4.91 10.20
CA ALA A 41 -1.80 -3.50 9.95
C ALA A 41 -0.89 -2.63 10.83
N GLY A 42 0.10 -2.03 10.19
CA GLY A 42 1.04 -1.17 10.89
C GLY A 42 2.48 -1.64 10.67
N SER A 43 2.63 -2.95 10.53
CA SER A 43 3.95 -3.54 10.31
C SER A 43 4.58 -2.94 9.06
N SER A 44 5.89 -3.08 8.97
CA SER A 44 6.63 -2.58 7.83
C SER A 44 6.79 -3.67 6.77
N TYR A 45 6.51 -3.30 5.53
CA TYR A 45 6.63 -4.24 4.43
C TYR A 45 7.73 -3.81 3.46
N ALA A 46 8.04 -2.53 3.49
CA ALA A 46 9.07 -1.99 2.62
C ALA A 46 9.61 -0.69 3.23
N GLU A 47 10.56 -0.10 2.53
CA GLU A 47 11.17 1.14 2.98
C GLU A 47 11.38 2.10 1.81
N MET A 48 11.86 3.29 2.13
CA MET A 48 12.11 4.30 1.11
C MET A 48 13.21 5.27 1.56
N GLU A 49 13.78 5.96 0.59
CA GLU A 49 14.83 6.91 0.86
C GLU A 49 14.43 8.30 0.39
N VAL A 50 14.10 9.15 1.36
CA VAL A 50 13.69 10.51 1.06
C VAL A 50 14.56 11.49 1.86
N MET A 51 14.88 12.61 1.22
CA MET A 51 15.70 13.63 1.86
C MET A 51 16.99 13.03 2.42
N LYS A 52 17.53 12.06 1.67
CA LYS A 52 18.75 11.40 2.09
C LYS A 52 18.49 10.58 3.35
N MET A 53 17.21 10.47 3.69
CA MET A 53 16.81 9.72 4.86
C MET A 53 16.00 8.48 4.48
N ILE A 54 16.16 7.44 5.28
CA ILE A 54 15.46 6.19 5.04
C ILE A 54 14.21 6.13 5.92
N MET A 55 13.08 5.90 5.28
CA MET A 55 11.82 5.81 5.99
C MET A 55 11.15 4.45 5.78
N THR A 56 10.58 3.93 6.85
CA THR A 56 9.91 2.64 6.79
C THR A 56 8.51 2.79 6.21
N LEU A 57 8.08 1.76 5.50
CA LEU A 57 6.77 1.76 4.88
C LEU A 57 5.89 0.69 5.55
N ASN A 58 4.78 1.14 6.11
CA ASN A 58 3.86 0.24 6.77
C ASN A 58 2.62 0.05 5.90
N VAL A 59 1.87 -1.00 6.20
CA VAL A 59 0.66 -1.31 5.45
C VAL A 59 -0.52 -0.58 6.08
N GLN A 60 -1.35 0.00 5.22
CA GLN A 60 -2.51 0.74 5.67
C GLN A 60 -3.49 -0.21 6.37
N GLU A 61 -3.46 -1.46 5.94
CA GLU A 61 -4.34 -2.47 6.51
C GLU A 61 -3.78 -3.87 6.27
N ARG A 62 -3.73 -4.66 7.33
CA ARG A 62 -3.22 -6.01 7.24
C ARG A 62 -3.63 -6.64 5.91
N GLY A 63 -2.84 -7.62 5.49
CA GLY A 63 -3.10 -8.32 4.25
C GLY A 63 -1.82 -8.87 3.63
N ARG A 64 -1.70 -8.68 2.33
CA ARG A 64 -0.52 -9.14 1.61
C ARG A 64 0.08 -8.00 0.78
N VAL A 65 1.38 -7.80 0.96
CA VAL A 65 2.08 -6.75 0.24
C VAL A 65 2.61 -7.32 -1.08
N LYS A 66 2.35 -6.58 -2.15
CA LYS A 66 2.79 -6.99 -3.47
C LYS A 66 3.56 -5.85 -4.12
N TYR A 67 4.62 -6.23 -4.84
CA TYR A 67 5.45 -5.25 -5.52
C TYR A 67 4.85 -4.86 -6.87
N ILE A 68 4.61 -3.57 -7.03
CA ILE A 68 4.04 -3.07 -8.27
C ILE A 68 5.15 -2.39 -9.10
N LYS A 69 5.86 -1.48 -8.44
CA LYS A 69 6.94 -0.77 -9.09
C LYS A 69 8.27 -1.47 -8.79
N ARG A 70 9.13 -1.48 -9.79
CA ARG A 70 10.44 -2.10 -9.64
C ARG A 70 11.24 -1.41 -8.56
N PRO A 71 12.23 -2.16 -8.00
CA PRO A 71 13.09 -1.63 -6.95
C PRO A 71 14.09 -0.63 -7.51
N GLY A 72 14.21 0.51 -6.83
CA GLY A 72 15.13 1.55 -7.25
C GLY A 72 14.42 2.60 -8.11
N ALA A 73 13.12 2.72 -7.89
CA ALA A 73 12.33 3.68 -8.63
C ALA A 73 12.30 5.01 -7.89
N VAL A 74 11.67 5.99 -8.52
CA VAL A 74 11.57 7.32 -7.92
C VAL A 74 10.25 7.43 -7.15
N LEU A 75 10.37 7.56 -5.84
CA LEU A 75 9.20 7.68 -4.98
C LEU A 75 8.74 9.14 -4.96
N GLU A 76 7.48 9.33 -5.34
CA GLU A 76 6.90 10.67 -5.37
C GLU A 76 5.60 10.70 -4.56
N ALA A 77 5.23 11.90 -4.15
CA ALA A 77 4.02 12.09 -3.37
C ALA A 77 2.81 11.62 -4.20
N GLY A 78 1.93 10.90 -3.53
CA GLY A 78 0.73 10.39 -4.20
C GLY A 78 1.10 9.59 -5.44
N CYS A 79 1.93 8.58 -5.23
CA CYS A 79 2.35 7.72 -6.34
C CYS A 79 2.04 6.27 -5.97
N VAL A 80 2.24 5.40 -6.94
CA VAL A 80 1.97 3.98 -6.73
C VAL A 80 3.27 3.29 -6.30
N VAL A 81 3.16 2.51 -5.23
CA VAL A 81 4.30 1.78 -4.71
C VAL A 81 4.01 0.29 -4.75
N ALA A 82 2.94 -0.10 -4.07
CA ALA A 82 2.55 -1.49 -4.03
C ALA A 82 1.03 -1.58 -3.85
N ARG A 83 0.55 -2.82 -3.75
CA ARG A 83 -0.88 -3.06 -3.58
C ARG A 83 -1.12 -3.98 -2.39
N LEU A 84 -2.25 -3.76 -1.73
CA LEU A 84 -2.62 -4.56 -0.58
C LEU A 84 -3.70 -5.56 -0.98
N GLU A 85 -3.61 -6.76 -0.40
CA GLU A 85 -4.57 -7.81 -0.69
C GLU A 85 -5.18 -8.33 0.60
N LEU A 86 -6.34 -7.78 0.95
CA LEU A 86 -7.04 -8.19 2.15
C LEU A 86 -7.12 -9.71 2.19
N ASP A 87 -6.45 -10.28 3.18
CA ASP A 87 -6.44 -11.73 3.36
C ASP A 87 -7.54 -12.12 4.35
N ASP A 88 -8.50 -11.23 4.51
CA ASP A 88 -9.61 -11.48 5.43
C ASP A 88 -10.72 -10.47 5.16
N PRO A 89 -11.32 -10.57 3.95
CA PRO A 89 -12.40 -9.68 3.55
C PRO A 89 -13.70 -10.04 4.27
N SER A 90 -13.76 -11.28 4.72
CA SER A 90 -14.93 -11.77 5.42
C SER A 90 -15.02 -11.14 6.81
N LYS A 91 -13.95 -11.34 7.58
CA LYS A 91 -13.89 -10.80 8.92
C LYS A 91 -15.12 -11.25 9.71
N VAL A 92 -14.98 -12.39 10.37
CA VAL A 92 -16.06 -12.93 11.16
C VAL A 92 -15.62 -13.08 12.62
N HIS A 93 -16.56 -12.86 13.51
CA HIS A 93 -16.27 -12.97 14.94
C HIS A 93 -17.43 -13.67 15.64
N PRO A 94 -17.10 -14.32 16.79
CA PRO A 94 -18.10 -15.02 17.57
C PRO A 94 -18.99 -14.05 18.35
N SER A 95 -18.33 -13.13 19.04
CA SER A 95 -19.06 -12.14 19.81
C SER A 95 -19.98 -12.83 20.82
N GLY A 96 -19.50 -12.91 22.05
CA GLY A 96 -20.27 -13.54 23.12
C GLY A 96 -21.20 -12.52 23.79
N PRO A 97 -22.27 -13.07 24.44
CA PRO A 97 -23.23 -12.24 25.13
C PRO A 97 -22.65 -11.70 26.45
N SER A 98 -22.10 -12.62 27.23
CA SER A 98 -21.52 -12.26 28.51
C SER A 98 -20.40 -11.22 28.30
N SER A 99 -20.23 -10.38 29.30
CA SER A 99 -19.20 -9.35 29.24
C SER A 99 -18.12 -9.62 30.29
N GLY A 100 -18.56 -9.71 31.55
CA GLY A 100 -17.64 -9.97 32.64
C GLY A 100 -17.67 -8.82 33.66
N GLY A 1 14.19 4.88 -28.17
CA GLY A 1 13.28 5.31 -27.12
C GLY A 1 12.44 6.50 -27.57
N SER A 2 11.19 6.50 -27.13
CA SER A 2 10.26 7.57 -27.49
C SER A 2 9.19 7.72 -26.41
N SER A 3 9.04 8.96 -25.94
CA SER A 3 8.05 9.25 -24.91
C SER A 3 7.76 10.75 -24.88
N GLY A 4 6.72 11.10 -24.13
CA GLY A 4 6.33 12.49 -24.01
C GLY A 4 5.02 12.62 -23.23
N SER A 5 4.05 13.27 -23.87
CA SER A 5 2.76 13.47 -23.25
C SER A 5 2.87 14.49 -22.12
N SER A 6 1.85 15.32 -22.01
CA SER A 6 1.81 16.35 -20.97
C SER A 6 0.41 16.93 -20.85
N GLY A 7 0.19 17.65 -19.76
CA GLY A 7 -1.10 18.27 -19.51
C GLY A 7 -1.16 18.87 -18.11
N THR A 8 -1.49 18.03 -17.14
CA THR A 8 -1.58 18.48 -15.76
C THR A 8 -2.65 19.55 -15.62
N CYS A 9 -3.61 19.28 -14.74
CA CYS A 9 -4.69 20.21 -14.51
C CYS A 9 -5.50 19.70 -13.31
N VAL A 10 -5.77 20.63 -12.38
CA VAL A 10 -6.53 20.29 -11.20
C VAL A 10 -6.00 18.99 -10.61
N PHE A 11 -6.81 18.39 -9.74
CA PHE A 11 -6.43 17.14 -9.09
C PHE A 11 -7.65 16.43 -8.51
N GLU A 12 -7.65 15.11 -8.64
CA GLU A 12 -8.74 14.30 -8.14
C GLU A 12 -8.26 13.39 -7.02
N LYS A 13 -9.20 12.96 -6.18
CA LYS A 13 -8.88 12.08 -5.08
C LYS A 13 -9.30 10.65 -5.42
N GLU A 14 -8.61 9.70 -4.82
CA GLU A 14 -8.90 8.29 -5.05
C GLU A 14 -8.22 7.43 -4.00
N ASN A 15 -9.03 6.88 -3.12
CA ASN A 15 -8.52 6.03 -2.06
C ASN A 15 -9.07 4.61 -2.22
N ASP A 16 -8.41 3.66 -1.59
CA ASP A 16 -8.82 2.27 -1.67
C ASP A 16 -8.11 1.47 -0.57
N PRO A 17 -8.81 0.40 -0.10
CA PRO A 17 -8.26 -0.45 0.94
C PRO A 17 -7.17 -1.36 0.39
N THR A 18 -7.30 -1.68 -0.89
CA THR A 18 -6.34 -2.55 -1.56
C THR A 18 -5.38 -1.72 -2.40
N VAL A 19 -4.87 -0.66 -1.81
CA VAL A 19 -3.94 0.23 -2.49
C VAL A 19 -2.84 0.67 -1.53
N LEU A 20 -1.64 0.80 -2.07
CA LEU A 20 -0.50 1.22 -1.26
C LEU A 20 0.21 2.39 -1.95
N ARG A 21 -0.26 3.58 -1.65
CA ARG A 21 0.32 4.78 -2.24
C ARG A 21 1.39 5.36 -1.32
N SER A 22 2.21 6.23 -1.88
CA SER A 22 3.28 6.86 -1.13
C SER A 22 2.75 8.08 -0.38
N PRO A 23 2.94 8.07 0.96
CA PRO A 23 2.49 9.17 1.80
C PRO A 23 3.39 10.39 1.65
N SER A 24 4.61 10.13 1.20
CA SER A 24 5.59 11.18 1.01
C SER A 24 6.63 10.76 -0.04
N ALA A 25 7.23 11.75 -0.67
CA ALA A 25 8.24 11.50 -1.68
C ALA A 25 9.45 10.84 -1.03
N GLY A 26 10.13 10.01 -1.81
CA GLY A 26 11.29 9.31 -1.32
C GLY A 26 12.03 8.59 -2.46
N LYS A 27 12.61 7.45 -2.12
CA LYS A 27 13.33 6.66 -3.10
C LYS A 27 13.27 5.18 -2.71
N LEU A 28 12.57 4.41 -3.53
CA LEU A 28 12.44 2.99 -3.28
C LEU A 28 13.82 2.35 -3.23
N THR A 29 13.92 1.31 -2.41
CA THR A 29 15.18 0.60 -2.25
C THR A 29 14.97 -0.91 -2.43
N GLN A 30 14.13 -1.46 -1.57
CA GLN A 30 13.83 -2.88 -1.63
C GLN A 30 12.79 -3.25 -0.57
N TYR A 31 12.16 -4.39 -0.78
CA TYR A 31 11.15 -4.87 0.15
C TYR A 31 11.78 -5.59 1.34
N THR A 32 10.96 -5.81 2.36
CA THR A 32 11.43 -6.49 3.56
C THR A 32 10.62 -7.77 3.79
N VAL A 33 9.67 -8.01 2.90
CA VAL A 33 8.82 -9.18 3.00
C VAL A 33 9.08 -10.09 1.81
N GLU A 34 8.64 -11.34 1.95
CA GLU A 34 8.82 -12.32 0.90
C GLU A 34 7.56 -12.41 0.03
N ASP A 35 7.62 -13.27 -0.98
CA ASP A 35 6.51 -13.45 -1.87
C ASP A 35 5.20 -13.52 -1.07
N GLY A 36 4.20 -12.81 -1.56
CA GLY A 36 2.91 -12.78 -0.88
C GLY A 36 3.07 -12.54 0.62
N GLY A 37 3.97 -11.62 0.95
CA GLY A 37 4.23 -11.29 2.34
C GLY A 37 2.99 -10.69 3.00
N HIS A 38 2.64 -11.25 4.15
CA HIS A 38 1.48 -10.79 4.89
C HIS A 38 1.94 -10.10 6.17
N VAL A 39 1.41 -8.89 6.37
CA VAL A 39 1.75 -8.12 7.55
C VAL A 39 0.48 -7.53 8.16
N GLU A 40 0.66 -6.84 9.27
CA GLU A 40 -0.46 -6.22 9.96
C GLU A 40 -0.45 -4.71 9.76
N ALA A 41 -1.59 -4.09 10.03
CA ALA A 41 -1.72 -2.65 9.88
C ALA A 41 -0.85 -1.95 10.93
N GLY A 42 0.37 -1.63 10.54
CA GLY A 42 1.30 -0.97 11.44
C GLY A 42 2.73 -1.50 11.24
N SER A 43 2.82 -2.64 10.57
CA SER A 43 4.10 -3.25 10.30
C SER A 43 4.78 -2.57 9.12
N SER A 44 5.91 -3.14 8.72
CA SER A 44 6.66 -2.59 7.59
C SER A 44 6.84 -3.67 6.52
N TYR A 45 6.57 -3.27 5.29
CA TYR A 45 6.70 -4.19 4.16
C TYR A 45 7.82 -3.73 3.21
N ALA A 46 8.17 -2.46 3.33
CA ALA A 46 9.21 -1.88 2.50
C ALA A 46 9.75 -0.62 3.16
N GLU A 47 10.63 0.05 2.44
CA GLU A 47 11.23 1.28 2.94
C GLU A 47 11.38 2.29 1.80
N MET A 48 11.90 3.47 2.16
CA MET A 48 12.11 4.52 1.18
C MET A 48 13.09 5.57 1.70
N GLU A 49 13.88 6.11 0.78
CA GLU A 49 14.86 7.11 1.12
C GLU A 49 14.28 8.51 0.94
N VAL A 50 13.94 9.14 2.06
CA VAL A 50 13.37 10.47 2.03
C VAL A 50 14.04 11.32 3.11
N MET A 51 14.05 12.63 2.88
CA MET A 51 14.65 13.56 3.82
C MET A 51 16.09 13.16 4.14
N LYS A 52 16.70 12.46 3.20
CA LYS A 52 18.07 12.01 3.37
C LYS A 52 18.11 10.86 4.38
N MET A 53 16.93 10.44 4.78
CA MET A 53 16.80 9.34 5.73
C MET A 53 15.95 8.20 5.17
N ILE A 54 16.29 6.99 5.59
CA ILE A 54 15.57 5.82 5.13
C ILE A 54 14.33 5.62 6.00
N MET A 55 13.18 5.87 5.40
CA MET A 55 11.92 5.71 6.12
C MET A 55 11.26 4.38 5.77
N THR A 56 10.69 3.75 6.79
CA THR A 56 10.02 2.48 6.60
C THR A 56 8.60 2.69 6.05
N LEU A 57 8.16 1.74 5.25
CA LEU A 57 6.84 1.80 4.66
C LEU A 57 5.94 0.73 5.28
N ASN A 58 4.85 1.19 5.88
CA ASN A 58 3.90 0.28 6.52
C ASN A 58 2.65 0.16 5.65
N VAL A 59 1.86 -0.86 5.94
CA VAL A 59 0.64 -1.08 5.21
C VAL A 59 -0.50 -0.30 5.85
N GLN A 60 -1.36 0.25 5.00
CA GLN A 60 -2.49 1.03 5.47
C GLN A 60 -3.49 0.13 6.21
N GLU A 61 -3.48 -1.14 5.82
CA GLU A 61 -4.37 -2.12 6.43
C GLU A 61 -3.84 -3.53 6.21
N ARG A 62 -3.88 -4.32 7.28
CA ARG A 62 -3.40 -5.69 7.21
C ARG A 62 -3.75 -6.31 5.85
N GLY A 63 -2.90 -7.23 5.43
CA GLY A 63 -3.10 -7.90 4.15
C GLY A 63 -1.79 -8.52 3.64
N ARG A 64 -1.61 -8.44 2.33
CA ARG A 64 -0.41 -8.98 1.71
C ARG A 64 0.20 -7.96 0.77
N VAL A 65 1.54 -7.88 0.80
CA VAL A 65 2.25 -6.95 -0.05
C VAL A 65 2.58 -7.63 -1.38
N LYS A 66 2.37 -6.89 -2.45
CA LYS A 66 2.64 -7.40 -3.79
C LYS A 66 3.57 -6.44 -4.53
N TYR A 67 4.21 -6.96 -5.56
CA TYR A 67 5.13 -6.16 -6.36
C TYR A 67 4.39 -5.44 -7.48
N ILE A 68 4.38 -4.12 -7.40
CA ILE A 68 3.71 -3.30 -8.40
C ILE A 68 4.77 -2.53 -9.20
N LYS A 69 5.52 -1.71 -8.48
CA LYS A 69 6.56 -0.91 -9.11
C LYS A 69 7.92 -1.57 -8.87
N ARG A 70 8.81 -1.37 -9.82
CA ARG A 70 10.15 -1.94 -9.73
C ARG A 70 10.95 -1.23 -8.63
N PRO A 71 11.85 -2.02 -7.99
CA PRO A 71 12.69 -1.48 -6.93
C PRO A 71 13.80 -0.61 -7.49
N GLY A 72 13.86 0.62 -6.99
CA GLY A 72 14.88 1.57 -7.43
C GLY A 72 14.25 2.70 -8.24
N ALA A 73 12.96 2.91 -8.01
CA ALA A 73 12.23 3.96 -8.69
C ALA A 73 12.22 5.22 -7.84
N VAL A 74 11.78 6.31 -8.44
CA VAL A 74 11.73 7.59 -7.75
C VAL A 74 10.39 7.69 -6.99
N LEU A 75 10.48 7.50 -5.69
CA LEU A 75 9.29 7.58 -4.84
C LEU A 75 8.79 9.01 -4.81
N GLU A 76 7.58 9.20 -5.33
CA GLU A 76 6.98 10.52 -5.37
C GLU A 76 5.71 10.54 -4.53
N ALA A 77 5.36 11.73 -4.04
CA ALA A 77 4.18 11.90 -3.23
C ALA A 77 2.94 11.50 -4.03
N GLY A 78 2.10 10.69 -3.41
CA GLY A 78 0.89 10.23 -4.06
C GLY A 78 1.21 9.42 -5.32
N CYS A 79 1.96 8.34 -5.12
CA CYS A 79 2.34 7.47 -6.22
C CYS A 79 2.06 6.03 -5.82
N VAL A 80 2.22 5.14 -6.78
CA VAL A 80 2.00 3.73 -6.54
C VAL A 80 3.33 3.04 -6.25
N VAL A 81 3.29 2.12 -5.30
CA VAL A 81 4.49 1.38 -4.91
C VAL A 81 4.20 -0.12 -4.99
N ALA A 82 3.25 -0.54 -4.17
CA ALA A 82 2.88 -1.95 -4.13
C ALA A 82 1.35 -2.07 -4.03
N ARG A 83 0.89 -3.31 -4.01
CA ARG A 83 -0.54 -3.56 -3.92
C ARG A 83 -0.86 -4.34 -2.65
N LEU A 84 -2.02 -4.06 -2.08
CA LEU A 84 -2.45 -4.73 -0.86
C LEU A 84 -3.54 -5.74 -1.21
N GLU A 85 -3.41 -6.92 -0.62
CA GLU A 85 -4.38 -7.99 -0.84
C GLU A 85 -4.92 -8.50 0.49
N LEU A 86 -6.06 -7.95 0.87
CA LEU A 86 -6.70 -8.33 2.12
C LEU A 86 -6.71 -9.86 2.23
N ASP A 87 -6.53 -10.33 3.45
CA ASP A 87 -6.51 -11.76 3.70
C ASP A 87 -7.95 -12.30 3.71
N ASP A 88 -8.88 -11.36 3.68
CA ASP A 88 -10.30 -11.71 3.68
C ASP A 88 -11.14 -10.43 3.74
N PRO A 89 -11.55 -9.97 2.52
CA PRO A 89 -12.35 -8.76 2.42
C PRO A 89 -13.80 -9.03 2.85
N SER A 90 -14.14 -10.31 2.89
CA SER A 90 -15.49 -10.71 3.28
C SER A 90 -15.81 -10.14 4.66
N LYS A 91 -15.01 -10.53 5.64
CA LYS A 91 -15.20 -10.06 7.00
C LYS A 91 -13.94 -9.38 7.49
N VAL A 92 -13.62 -9.60 8.77
CA VAL A 92 -12.45 -9.00 9.36
C VAL A 92 -12.26 -9.56 10.78
N HIS A 93 -11.01 -9.80 11.13
CA HIS A 93 -10.69 -10.33 12.44
C HIS A 93 -11.12 -9.33 13.52
N PRO A 94 -12.07 -9.79 14.38
CA PRO A 94 -12.58 -8.95 15.46
C PRO A 94 -11.55 -8.83 16.58
N SER A 95 -11.82 -7.90 17.48
CA SER A 95 -10.93 -7.67 18.62
C SER A 95 -11.64 -6.83 19.67
N GLY A 96 -11.21 -7.01 20.91
CA GLY A 96 -11.80 -6.28 22.03
C GLY A 96 -11.11 -6.65 23.35
N PRO A 97 -10.54 -5.60 24.00
CA PRO A 97 -9.85 -5.79 25.26
C PRO A 97 -10.85 -6.01 26.40
N SER A 98 -10.66 -7.11 27.12
CA SER A 98 -11.53 -7.43 28.24
C SER A 98 -10.71 -7.61 29.51
N SER A 99 -11.31 -7.21 30.62
CA SER A 99 -10.65 -7.32 31.91
C SER A 99 -11.67 -7.11 33.03
N GLY A 100 -12.30 -5.95 33.01
CA GLY A 100 -13.30 -5.61 34.02
C GLY A 100 -13.93 -4.25 33.75
N GLY A 1 -0.52 -23.06 -15.57
CA GLY A 1 -0.25 -21.93 -16.45
C GLY A 1 -1.26 -20.81 -16.21
N SER A 2 -0.82 -19.59 -16.48
CA SER A 2 -1.67 -18.42 -16.31
C SER A 2 -0.94 -17.16 -16.79
N SER A 3 -1.70 -16.09 -16.93
CA SER A 3 -1.14 -14.83 -17.37
C SER A 3 -1.93 -13.66 -16.77
N GLY A 4 -3.21 -13.64 -17.09
CA GLY A 4 -4.08 -12.59 -16.58
C GLY A 4 -4.26 -11.48 -17.61
N SER A 5 -5.39 -10.80 -17.52
CA SER A 5 -5.69 -9.71 -18.44
C SER A 5 -6.82 -8.85 -17.89
N SER A 6 -6.69 -7.55 -18.09
CA SER A 6 -7.69 -6.62 -17.61
C SER A 6 -7.46 -5.23 -18.23
N GLY A 7 -8.52 -4.44 -18.26
CA GLY A 7 -8.44 -3.11 -18.82
C GLY A 7 -9.79 -2.38 -18.70
N THR A 8 -9.77 -1.30 -17.93
CA THR A 8 -10.97 -0.52 -17.72
C THR A 8 -10.63 0.85 -17.14
N CYS A 9 -11.49 1.82 -17.42
CA CYS A 9 -11.29 3.17 -16.93
C CYS A 9 -12.25 3.40 -15.76
N VAL A 10 -12.12 2.55 -14.74
CA VAL A 10 -12.97 2.66 -13.57
C VAL A 10 -12.18 3.34 -12.44
N PHE A 11 -12.93 4.00 -11.56
CA PHE A 11 -12.32 4.69 -10.44
C PHE A 11 -13.30 4.78 -9.26
N GLU A 12 -12.73 4.74 -8.06
CA GLU A 12 -13.53 4.82 -6.86
C GLU A 12 -12.66 5.23 -5.67
N LYS A 13 -12.36 6.51 -5.61
CA LYS A 13 -11.53 7.05 -4.54
C LYS A 13 -12.42 7.35 -3.33
N GLU A 14 -12.82 6.29 -2.64
CA GLU A 14 -13.67 6.43 -1.47
C GLU A 14 -13.34 5.34 -0.46
N ASN A 15 -12.25 5.54 0.26
CA ASN A 15 -11.82 4.58 1.27
C ASN A 15 -11.57 3.22 0.60
N ASP A 16 -10.29 2.88 0.51
CA ASP A 16 -9.90 1.62 -0.10
C ASP A 16 -8.42 1.36 0.18
N PRO A 17 -8.17 0.70 1.35
CA PRO A 17 -6.81 0.39 1.75
C PRO A 17 -6.25 -0.77 0.93
N THR A 18 -6.30 -0.61 -0.39
CA THR A 18 -5.81 -1.64 -1.29
C THR A 18 -4.55 -1.14 -2.01
N VAL A 19 -4.68 0.02 -2.63
CA VAL A 19 -3.57 0.61 -3.36
C VAL A 19 -2.66 1.36 -2.38
N LEU A 20 -1.45 0.83 -2.22
CA LEU A 20 -0.50 1.45 -1.32
C LEU A 20 0.22 2.59 -2.04
N ARG A 21 -0.38 3.77 -1.95
CA ARG A 21 0.17 4.95 -2.59
C ARG A 21 1.24 5.57 -1.70
N SER A 22 2.19 6.23 -2.35
CA SER A 22 3.27 6.88 -1.62
C SER A 22 2.75 8.10 -0.88
N PRO A 23 2.99 8.10 0.47
CA PRO A 23 2.54 9.20 1.30
C PRO A 23 3.43 10.44 1.11
N SER A 24 4.61 10.20 0.55
CA SER A 24 5.55 11.28 0.30
C SER A 24 6.65 10.81 -0.67
N ALA A 25 7.29 11.78 -1.30
CA ALA A 25 8.35 11.47 -2.25
C ALA A 25 9.52 10.81 -1.50
N GLY A 26 10.42 10.24 -2.28
CA GLY A 26 11.57 9.57 -1.72
C GLY A 26 12.33 8.76 -2.78
N LYS A 27 12.74 7.57 -2.39
CA LYS A 27 13.46 6.70 -3.31
C LYS A 27 13.28 5.25 -2.86
N LEU A 28 12.48 4.52 -3.61
CA LEU A 28 12.22 3.12 -3.32
C LEU A 28 13.55 2.39 -3.15
N THR A 29 13.51 1.36 -2.31
CA THR A 29 14.71 0.56 -2.05
C THR A 29 14.43 -0.92 -2.31
N GLN A 30 13.65 -1.50 -1.41
CA GLN A 30 13.29 -2.91 -1.53
C GLN A 30 12.17 -3.25 -0.54
N TYR A 31 11.75 -4.51 -0.59
CA TYR A 31 10.70 -4.98 0.29
C TYR A 31 11.28 -5.75 1.48
N THR A 32 10.53 -5.73 2.58
CA THR A 32 10.96 -6.41 3.78
C THR A 32 10.27 -7.78 3.89
N VAL A 33 9.36 -8.02 2.96
CA VAL A 33 8.63 -9.28 2.94
C VAL A 33 8.92 -10.01 1.64
N GLU A 34 8.70 -11.31 1.66
CA GLU A 34 8.93 -12.14 0.49
C GLU A 34 7.73 -12.08 -0.45
N ASP A 35 7.90 -12.69 -1.62
CA ASP A 35 6.83 -12.71 -2.61
C ASP A 35 5.51 -13.05 -1.93
N GLY A 36 4.57 -12.12 -2.03
CA GLY A 36 3.26 -12.32 -1.44
C GLY A 36 3.36 -12.41 0.09
N GLY A 37 4.30 -11.65 0.64
CA GLY A 37 4.51 -11.64 2.08
C GLY A 37 3.31 -11.05 2.80
N HIS A 38 2.84 -11.78 3.80
CA HIS A 38 1.70 -11.34 4.59
C HIS A 38 2.18 -10.52 5.79
N VAL A 39 1.41 -9.50 6.11
CA VAL A 39 1.75 -8.63 7.24
C VAL A 39 0.46 -8.12 7.88
N GLU A 40 0.64 -7.34 8.94
CA GLU A 40 -0.50 -6.78 9.66
C GLU A 40 -0.48 -5.26 9.56
N ALA A 41 -1.34 -4.63 10.36
CA ALA A 41 -1.43 -3.18 10.37
C ALA A 41 -0.51 -2.63 11.46
N GLY A 42 0.65 -2.17 11.02
CA GLY A 42 1.62 -1.61 11.94
C GLY A 42 3.03 -2.08 11.61
N SER A 43 3.10 -3.06 10.71
CA SER A 43 4.37 -3.61 10.29
C SER A 43 4.91 -2.84 9.07
N SER A 44 6.03 -3.32 8.56
CA SER A 44 6.64 -2.69 7.40
C SER A 44 6.88 -3.72 6.30
N TYR A 45 6.46 -3.36 5.09
CA TYR A 45 6.62 -4.25 3.96
C TYR A 45 7.67 -3.71 2.99
N ALA A 46 7.97 -2.43 3.13
CA ALA A 46 8.95 -1.78 2.28
C ALA A 46 9.48 -0.53 2.98
N GLU A 47 10.46 0.09 2.34
CA GLU A 47 11.06 1.30 2.90
C GLU A 47 11.33 2.31 1.78
N MET A 48 11.88 3.45 2.18
CA MET A 48 12.19 4.51 1.23
C MET A 48 13.30 5.42 1.76
N GLU A 49 13.81 6.25 0.86
CA GLU A 49 14.87 7.17 1.24
C GLU A 49 14.52 8.59 0.77
N VAL A 50 14.02 9.37 1.73
CA VAL A 50 13.64 10.75 1.44
C VAL A 50 14.38 11.69 2.39
N MET A 51 14.83 12.81 1.84
CA MET A 51 15.56 13.79 2.62
C MET A 51 16.85 13.20 3.19
N LYS A 52 17.39 12.24 2.46
CA LYS A 52 18.62 11.58 2.88
C LYS A 52 18.34 10.71 4.10
N MET A 53 17.05 10.57 4.40
CA MET A 53 16.64 9.77 5.54
C MET A 53 15.83 8.55 5.09
N ILE A 54 16.18 7.41 5.65
CA ILE A 54 15.50 6.16 5.32
C ILE A 54 14.22 6.05 6.16
N MET A 55 13.10 5.91 5.46
CA MET A 55 11.81 5.78 6.13
C MET A 55 11.16 4.44 5.79
N THR A 56 10.54 3.87 6.80
CA THR A 56 9.86 2.59 6.63
C THR A 56 8.45 2.80 6.08
N LEU A 57 7.99 1.81 5.34
CA LEU A 57 6.66 1.87 4.74
C LEU A 57 5.77 0.79 5.37
N ASN A 58 4.84 1.24 6.19
CA ASN A 58 3.92 0.33 6.85
C ASN A 58 2.58 0.34 6.12
N VAL A 59 1.74 -0.61 6.50
CA VAL A 59 0.42 -0.74 5.89
C VAL A 59 -0.63 -0.16 6.84
N GLN A 60 -1.65 0.45 6.25
CA GLN A 60 -2.72 1.04 7.02
C GLN A 60 -3.66 -0.04 7.56
N GLU A 61 -3.64 -1.19 6.87
CA GLU A 61 -4.48 -2.30 7.26
C GLU A 61 -3.84 -3.62 6.82
N ARG A 62 -3.87 -4.60 7.72
CA ARG A 62 -3.30 -5.90 7.43
C ARG A 62 -3.57 -6.29 5.98
N GLY A 63 -2.73 -7.18 5.47
CA GLY A 63 -2.86 -7.65 4.10
C GLY A 63 -1.50 -8.05 3.53
N ARG A 64 -1.56 -8.78 2.42
CA ARG A 64 -0.35 -9.24 1.77
C ARG A 64 0.20 -8.16 0.84
N VAL A 65 1.51 -7.97 0.90
CA VAL A 65 2.16 -6.98 0.07
C VAL A 65 2.57 -7.62 -1.26
N LYS A 66 2.38 -6.86 -2.33
CA LYS A 66 2.73 -7.33 -3.66
C LYS A 66 3.64 -6.32 -4.35
N TYR A 67 4.32 -6.78 -5.38
CA TYR A 67 5.23 -5.92 -6.12
C TYR A 67 4.50 -5.26 -7.30
N ILE A 68 4.61 -3.94 -7.36
CA ILE A 68 3.98 -3.17 -8.42
C ILE A 68 5.05 -2.50 -9.26
N LYS A 69 5.86 -1.67 -8.59
CA LYS A 69 6.92 -0.95 -9.27
C LYS A 69 8.27 -1.54 -8.85
N ARG A 70 9.15 -1.65 -9.83
CA ARG A 70 10.48 -2.20 -9.57
C ARG A 70 11.14 -1.48 -8.41
N PRO A 71 11.94 -2.25 -7.62
CA PRO A 71 12.64 -1.69 -6.48
C PRO A 71 13.82 -0.83 -6.92
N GLY A 72 13.76 0.44 -6.55
CA GLY A 72 14.83 1.37 -6.90
C GLY A 72 14.28 2.54 -7.71
N ALA A 73 12.98 2.52 -7.92
CA ALA A 73 12.32 3.58 -8.67
C ALA A 73 12.32 4.86 -7.84
N VAL A 74 11.90 5.94 -8.48
CA VAL A 74 11.85 7.24 -7.82
C VAL A 74 10.50 7.38 -7.10
N LEU A 75 10.57 7.42 -5.78
CA LEU A 75 9.36 7.56 -4.98
C LEU A 75 8.89 9.01 -5.03
N GLU A 76 7.66 9.18 -5.50
CA GLU A 76 7.07 10.50 -5.59
C GLU A 76 5.79 10.59 -4.76
N ALA A 77 5.47 11.81 -4.35
CA ALA A 77 4.28 12.02 -3.55
C ALA A 77 3.04 11.64 -4.37
N GLY A 78 2.16 10.88 -3.74
CA GLY A 78 0.95 10.45 -4.39
C GLY A 78 1.26 9.60 -5.63
N CYS A 79 1.98 8.51 -5.40
CA CYS A 79 2.36 7.62 -6.48
C CYS A 79 2.08 6.19 -6.02
N VAL A 80 2.19 5.27 -6.98
CA VAL A 80 1.95 3.87 -6.69
C VAL A 80 3.29 3.17 -6.38
N VAL A 81 3.26 2.33 -5.36
CA VAL A 81 4.45 1.61 -4.95
C VAL A 81 4.16 0.10 -4.99
N ALA A 82 3.13 -0.28 -4.25
CA ALA A 82 2.74 -1.69 -4.20
C ALA A 82 1.22 -1.79 -4.01
N ARG A 83 0.75 -3.02 -4.00
CA ARG A 83 -0.68 -3.26 -3.82
C ARG A 83 -0.93 -4.02 -2.51
N LEU A 84 -2.17 -3.92 -2.04
CA LEU A 84 -2.55 -4.59 -0.81
C LEU A 84 -3.74 -5.51 -1.08
N GLU A 85 -3.57 -6.77 -0.69
CA GLU A 85 -4.62 -7.76 -0.88
C GLU A 85 -5.25 -8.13 0.47
N LEU A 86 -6.33 -7.44 0.80
CA LEU A 86 -7.02 -7.69 2.05
C LEU A 86 -7.12 -9.20 2.27
N ASP A 87 -6.53 -9.64 3.38
CA ASP A 87 -6.55 -11.05 3.72
C ASP A 87 -7.91 -11.41 4.33
N ASP A 88 -8.69 -10.38 4.59
CA ASP A 88 -10.01 -10.57 5.17
C ASP A 88 -10.96 -9.51 4.63
N PRO A 89 -11.60 -9.85 3.48
CA PRO A 89 -12.54 -8.93 2.84
C PRO A 89 -13.86 -8.88 3.61
N SER A 90 -14.70 -7.94 3.22
CA SER A 90 -16.00 -7.77 3.86
C SER A 90 -15.81 -7.43 5.34
N LYS A 91 -16.65 -6.54 5.82
CA LYS A 91 -16.59 -6.12 7.21
C LYS A 91 -15.14 -5.91 7.61
N VAL A 92 -14.64 -4.72 7.32
CA VAL A 92 -13.26 -4.38 7.64
C VAL A 92 -13.24 -3.27 8.69
N HIS A 93 -13.60 -3.64 9.91
CA HIS A 93 -13.63 -2.69 11.00
C HIS A 93 -13.91 -3.43 12.31
N PRO A 94 -12.80 -3.88 12.96
CA PRO A 94 -12.92 -4.58 14.23
C PRO A 94 -13.26 -3.63 15.38
N SER A 95 -14.00 -4.16 16.34
CA SER A 95 -14.40 -3.36 17.49
C SER A 95 -13.51 -3.69 18.69
N GLY A 96 -13.58 -2.84 19.70
CA GLY A 96 -12.79 -3.03 20.90
C GLY A 96 -13.69 -3.29 22.11
N PRO A 97 -13.31 -4.32 22.90
CA PRO A 97 -14.07 -4.68 24.09
C PRO A 97 -13.82 -3.69 25.22
N SER A 98 -14.56 -3.88 26.31
CA SER A 98 -14.42 -3.01 27.46
C SER A 98 -15.30 -3.51 28.61
N SER A 99 -14.66 -3.77 29.74
CA SER A 99 -15.38 -4.25 30.90
C SER A 99 -15.90 -3.08 31.73
N GLY A 100 -17.13 -3.22 32.19
CA GLY A 100 -17.76 -2.17 33.00
C GLY A 100 -18.26 -2.73 34.33
N GLY A 1 1.43 -16.20 -7.29
CA GLY A 1 1.65 -17.37 -8.12
C GLY A 1 1.43 -17.05 -9.60
N SER A 2 0.19 -16.70 -9.92
CA SER A 2 -0.16 -16.36 -11.29
C SER A 2 -1.59 -15.82 -11.35
N SER A 3 -2.52 -16.64 -10.89
CA SER A 3 -3.92 -16.26 -10.88
C SER A 3 -4.06 -14.82 -10.36
N GLY A 4 -5.13 -14.17 -10.79
CA GLY A 4 -5.40 -12.80 -10.38
C GLY A 4 -6.87 -12.62 -10.00
N SER A 5 -7.36 -11.41 -10.21
CA SER A 5 -8.74 -11.09 -9.89
C SER A 5 -9.21 -9.90 -10.73
N SER A 6 -10.52 -9.70 -10.72
CA SER A 6 -11.10 -8.60 -11.47
C SER A 6 -12.12 -7.84 -10.60
N GLY A 7 -12.03 -6.53 -10.67
CA GLY A 7 -12.93 -5.69 -9.89
C GLY A 7 -14.40 -6.08 -10.12
N THR A 8 -15.07 -6.37 -9.02
CA THR A 8 -16.47 -6.76 -9.08
C THR A 8 -17.35 -5.55 -9.41
N CYS A 9 -18.62 -5.84 -9.66
CA CYS A 9 -19.58 -4.79 -9.99
C CYS A 9 -19.74 -3.90 -8.76
N VAL A 10 -19.35 -2.64 -8.91
CA VAL A 10 -19.45 -1.69 -7.82
C VAL A 10 -19.76 -0.30 -8.39
N PHE A 11 -20.00 0.64 -7.49
CA PHE A 11 -20.31 2.00 -7.90
C PHE A 11 -19.09 2.65 -8.57
N GLU A 12 -19.39 3.69 -9.34
CA GLU A 12 -18.33 4.41 -10.04
C GLU A 12 -17.55 5.29 -9.06
N LYS A 13 -16.55 4.67 -8.44
CA LYS A 13 -15.72 5.39 -7.48
C LYS A 13 -14.24 5.21 -7.87
N GLU A 14 -13.39 5.87 -7.11
CA GLU A 14 -11.95 5.81 -7.35
C GLU A 14 -11.18 5.95 -6.05
N ASN A 15 -11.27 4.91 -5.22
CA ASN A 15 -10.59 4.91 -3.94
C ASN A 15 -9.74 3.65 -3.82
N ASP A 16 -10.43 2.52 -3.74
CA ASP A 16 -9.74 1.24 -3.63
C ASP A 16 -8.87 1.23 -2.37
N PRO A 17 -9.35 0.47 -1.34
CA PRO A 17 -8.64 0.38 -0.09
C PRO A 17 -7.40 -0.51 -0.22
N THR A 18 -7.25 -1.09 -1.41
CA THR A 18 -6.12 -1.95 -1.68
C THR A 18 -5.12 -1.26 -2.62
N VAL A 19 -4.73 -0.06 -2.22
CA VAL A 19 -3.79 0.72 -3.00
C VAL A 19 -2.75 1.35 -2.08
N LEU A 20 -1.53 0.84 -2.17
CA LEU A 20 -0.45 1.33 -1.34
C LEU A 20 0.17 2.57 -2.01
N ARG A 21 -0.30 3.73 -1.59
CA ARG A 21 0.19 4.98 -2.13
C ARG A 21 1.34 5.52 -1.27
N SER A 22 2.14 6.39 -1.88
CA SER A 22 3.26 6.99 -1.18
C SER A 22 2.79 8.17 -0.34
N PRO A 23 3.02 8.05 1.00
CA PRO A 23 2.62 9.11 1.91
C PRO A 23 3.58 10.30 1.83
N SER A 24 4.69 10.07 1.16
CA SER A 24 5.70 11.11 1.00
C SER A 24 6.74 10.67 -0.03
N ALA A 25 7.25 11.66 -0.76
CA ALA A 25 8.24 11.39 -1.78
C ALA A 25 9.45 10.71 -1.14
N GLY A 26 10.26 10.09 -1.99
CA GLY A 26 11.45 9.40 -1.52
C GLY A 26 12.10 8.59 -2.65
N LYS A 27 12.55 7.40 -2.29
CA LYS A 27 13.18 6.52 -3.26
C LYS A 27 13.05 5.07 -2.79
N LEU A 28 12.39 4.26 -3.61
CA LEU A 28 12.20 2.87 -3.29
C LEU A 28 13.55 2.16 -3.24
N THR A 29 13.59 1.08 -2.48
CA THR A 29 14.82 0.31 -2.32
C THR A 29 14.52 -1.18 -2.43
N GLN A 30 13.84 -1.69 -1.41
CA GLN A 30 13.49 -3.11 -1.37
C GLN A 30 12.37 -3.34 -0.36
N TYR A 31 12.03 -4.62 -0.18
CA TYR A 31 10.98 -5.00 0.74
C TYR A 31 11.56 -5.73 1.95
N THR A 32 10.69 -5.98 2.92
CA THR A 32 11.09 -6.69 4.12
C THR A 32 10.28 -7.96 4.31
N VAL A 33 9.48 -8.26 3.29
CA VAL A 33 8.64 -9.45 3.32
C VAL A 33 8.95 -10.31 2.08
N GLU A 34 8.44 -11.54 2.12
CA GLU A 34 8.65 -12.47 1.02
C GLU A 34 7.45 -12.44 0.07
N ASP A 35 7.55 -13.26 -0.96
CA ASP A 35 6.49 -13.35 -1.95
C ASP A 35 5.13 -13.36 -1.23
N GLY A 36 4.24 -12.52 -1.73
CA GLY A 36 2.91 -12.41 -1.14
C GLY A 36 2.98 -12.40 0.39
N GLY A 37 3.97 -11.68 0.88
CA GLY A 37 4.16 -11.57 2.33
C GLY A 37 2.94 -10.92 2.99
N HIS A 38 2.61 -11.43 4.16
CA HIS A 38 1.47 -10.91 4.91
C HIS A 38 1.97 -10.18 6.15
N VAL A 39 1.33 -9.06 6.44
CA VAL A 39 1.69 -8.26 7.60
C VAL A 39 0.43 -7.61 8.19
N GLU A 40 0.62 -6.98 9.34
CA GLU A 40 -0.50 -6.32 10.01
C GLU A 40 -0.42 -4.81 9.80
N ALA A 41 -1.56 -4.16 9.96
CA ALA A 41 -1.64 -2.72 9.79
C ALA A 41 -0.80 -2.05 10.88
N GLY A 42 0.45 -1.75 10.53
CA GLY A 42 1.36 -1.10 11.45
C GLY A 42 2.80 -1.61 11.24
N SER A 43 2.89 -2.78 10.63
CA SER A 43 4.19 -3.37 10.37
C SER A 43 4.84 -2.71 9.15
N SER A 44 6.01 -3.23 8.80
CA SER A 44 6.75 -2.69 7.66
C SER A 44 6.92 -3.77 6.60
N TYR A 45 6.65 -3.39 5.36
CA TYR A 45 6.78 -4.31 4.24
C TYR A 45 7.82 -3.82 3.25
N ALA A 46 8.28 -2.60 3.46
CA ALA A 46 9.28 -2.01 2.59
C ALA A 46 9.81 -0.72 3.24
N GLU A 47 10.68 -0.05 2.49
CA GLU A 47 11.27 1.20 2.98
C GLU A 47 11.43 2.19 1.83
N MET A 48 11.96 3.36 2.17
CA MET A 48 12.18 4.39 1.17
C MET A 48 13.17 5.44 1.69
N GLU A 49 13.89 6.04 0.75
CA GLU A 49 14.86 7.06 1.09
C GLU A 49 14.36 8.44 0.66
N VAL A 50 14.07 9.26 1.66
CA VAL A 50 13.59 10.61 1.40
C VAL A 50 14.39 11.60 2.25
N MET A 51 14.69 12.74 1.64
CA MET A 51 15.45 13.78 2.32
C MET A 51 16.74 13.22 2.90
N LYS A 52 17.35 12.30 2.15
CA LYS A 52 18.59 11.69 2.56
C LYS A 52 18.35 10.87 3.84
N MET A 53 17.10 10.47 4.02
CA MET A 53 16.72 9.69 5.18
C MET A 53 15.99 8.42 4.78
N ILE A 54 16.30 7.34 5.47
CA ILE A 54 15.68 6.06 5.19
C ILE A 54 14.46 5.88 6.09
N MET A 55 13.31 5.80 5.46
CA MET A 55 12.05 5.63 6.19
C MET A 55 11.40 4.29 5.84
N THR A 56 10.86 3.66 6.88
CA THR A 56 10.20 2.37 6.71
C THR A 56 8.77 2.57 6.20
N LEU A 57 8.34 1.64 5.36
CA LEU A 57 7.00 1.69 4.80
C LEU A 57 6.13 0.62 5.46
N ASN A 58 4.95 1.05 5.90
CA ASN A 58 4.02 0.14 6.55
C ASN A 58 2.76 0.03 5.70
N VAL A 59 1.96 -0.98 6.02
CA VAL A 59 0.71 -1.21 5.30
C VAL A 59 -0.42 -0.40 5.96
N GLN A 60 -1.28 0.16 5.13
CA GLN A 60 -2.39 0.94 5.62
C GLN A 60 -3.44 0.02 6.26
N GLU A 61 -3.44 -1.22 5.81
CA GLU A 61 -4.38 -2.20 6.34
C GLU A 61 -3.83 -3.62 6.14
N ARG A 62 -3.85 -4.38 7.23
CA ARG A 62 -3.36 -5.74 7.19
C ARG A 62 -3.73 -6.41 5.87
N GLY A 63 -2.86 -7.31 5.43
CA GLY A 63 -3.07 -8.02 4.18
C GLY A 63 -1.77 -8.63 3.67
N ARG A 64 -1.60 -8.57 2.35
CA ARG A 64 -0.42 -9.11 1.72
C ARG A 64 0.21 -8.08 0.78
N VAL A 65 1.52 -7.91 0.92
CA VAL A 65 2.24 -6.96 0.09
C VAL A 65 2.60 -7.63 -1.23
N LYS A 66 2.55 -6.83 -2.30
CA LYS A 66 2.87 -7.34 -3.62
C LYS A 66 3.79 -6.33 -4.33
N TYR A 67 4.45 -6.82 -5.36
CA TYR A 67 5.35 -5.98 -6.14
C TYR A 67 4.62 -5.29 -7.29
N ILE A 68 4.76 -3.98 -7.34
CA ILE A 68 4.11 -3.20 -8.38
C ILE A 68 5.18 -2.42 -9.16
N LYS A 69 5.74 -1.42 -8.49
CA LYS A 69 6.77 -0.60 -9.11
C LYS A 69 8.15 -1.23 -8.83
N ARG A 70 8.95 -1.31 -9.89
CA ARG A 70 10.28 -1.87 -9.77
C ARG A 70 11.06 -1.16 -8.66
N PRO A 71 11.96 -1.95 -8.01
CA PRO A 71 12.77 -1.41 -6.93
C PRO A 71 13.89 -0.51 -7.48
N GLY A 72 13.95 0.70 -6.94
CA GLY A 72 14.96 1.65 -7.37
C GLY A 72 14.32 2.83 -8.10
N ALA A 73 12.99 2.84 -8.10
CA ALA A 73 12.25 3.91 -8.76
C ALA A 73 12.25 5.15 -7.87
N VAL A 74 11.66 6.21 -8.39
CA VAL A 74 11.60 7.46 -7.66
C VAL A 74 10.24 7.57 -6.96
N LEU A 75 10.28 7.55 -5.63
CA LEU A 75 9.07 7.64 -4.84
C LEU A 75 8.56 9.08 -4.87
N GLU A 76 7.42 9.26 -5.53
CA GLU A 76 6.82 10.58 -5.63
C GLU A 76 5.60 10.67 -4.71
N ALA A 77 5.36 11.88 -4.23
CA ALA A 77 4.24 12.13 -3.34
C ALA A 77 2.93 11.97 -4.12
N GLY A 78 2.20 10.93 -3.79
CA GLY A 78 0.92 10.66 -4.45
C GLY A 78 1.13 9.76 -5.67
N CYS A 79 1.82 8.65 -5.44
CA CYS A 79 2.08 7.70 -6.51
C CYS A 79 1.74 6.30 -6.00
N VAL A 80 2.09 5.31 -6.81
CA VAL A 80 1.84 3.93 -6.44
C VAL A 80 3.16 3.26 -6.05
N VAL A 81 3.04 2.33 -5.11
CA VAL A 81 4.22 1.60 -4.63
C VAL A 81 3.99 0.10 -4.81
N ALA A 82 3.00 -0.40 -4.07
CA ALA A 82 2.68 -1.82 -4.14
C ALA A 82 1.16 -1.99 -4.05
N ARG A 83 0.74 -3.25 -4.03
CA ARG A 83 -0.68 -3.56 -3.95
C ARG A 83 -0.96 -4.40 -2.70
N LEU A 84 -2.12 -4.13 -2.11
CA LEU A 84 -2.52 -4.86 -0.91
C LEU A 84 -3.54 -5.94 -1.29
N GLU A 85 -3.31 -7.13 -0.75
CA GLU A 85 -4.18 -8.25 -1.02
C GLU A 85 -4.77 -8.80 0.28
N LEU A 86 -6.01 -8.40 0.55
CA LEU A 86 -6.69 -8.84 1.75
C LEU A 86 -6.95 -10.35 1.66
N ASP A 87 -6.23 -11.09 2.49
CA ASP A 87 -6.38 -12.54 2.52
C ASP A 87 -7.61 -12.91 3.34
N ASP A 88 -8.22 -11.88 3.91
CA ASP A 88 -9.42 -12.08 4.72
C ASP A 88 -10.17 -10.77 4.84
N PRO A 89 -11.26 -10.64 4.03
CA PRO A 89 -12.07 -9.43 4.04
C PRO A 89 -12.96 -9.39 5.28
N SER A 90 -13.78 -8.35 5.34
CA SER A 90 -14.69 -8.17 6.46
C SER A 90 -16.13 -8.39 6.02
N LYS A 91 -16.67 -9.54 6.37
CA LYS A 91 -18.03 -9.88 6.01
C LYS A 91 -18.84 -10.16 7.29
N VAL A 92 -19.43 -9.10 7.81
CA VAL A 92 -20.24 -9.22 9.01
C VAL A 92 -21.66 -9.62 8.64
N HIS A 93 -22.40 -10.07 9.65
CA HIS A 93 -23.78 -10.49 9.44
C HIS A 93 -24.68 -9.81 10.47
N PRO A 94 -25.79 -9.21 9.96
CA PRO A 94 -26.74 -8.54 10.82
C PRO A 94 -27.60 -9.54 11.59
N SER A 95 -27.68 -9.33 12.90
CA SER A 95 -28.45 -10.20 13.75
C SER A 95 -29.90 -10.24 13.28
N GLY A 96 -30.53 -11.39 13.48
CA GLY A 96 -31.92 -11.56 13.09
C GLY A 96 -32.86 -10.81 14.01
N PRO A 97 -33.53 -11.57 14.92
CA PRO A 97 -34.46 -10.99 15.87
C PRO A 97 -33.71 -10.26 16.99
N SER A 98 -33.01 -9.21 16.60
CA SER A 98 -32.25 -8.43 17.56
C SER A 98 -31.68 -7.17 16.89
N SER A 99 -31.61 -6.10 17.66
CA SER A 99 -31.10 -4.84 17.15
C SER A 99 -30.24 -4.16 18.22
N GLY A 100 -30.88 -3.90 19.35
CA GLY A 100 -30.18 -3.25 20.46
C GLY A 100 -30.60 -1.79 20.58
#